data_7OTD
# 
_entry.id   7OTD 
# 
_audit_conform.dict_name       mmcif_pdbx.dic 
_audit_conform.dict_version    5.350 
_audit_conform.dict_location   http://mmcif.pdb.org/dictionaries/ascii/mmcif_pdbx.dic 
# 
loop_
_database_2.database_id 
_database_2.database_code 
_database_2.pdbx_database_accession 
_database_2.pdbx_DOI 
PDB   7OTD         pdb_00007otd 10.2210/pdb7otd/pdb 
WWPDB D_1292116412 ?            ?                   
BMRB  34637        ?            ?                   
# 
loop_
_pdbx_database_related.db_name 
_pdbx_database_related.details 
_pdbx_database_related.db_id 
_pdbx_database_related.content_type 
PDB  'Oxytocin non-bound'              7OFG  unspecified 
BMRB 'Oxytocin NMR solution structure' 34637 unspecified 
# 
_pdbx_database_status.status_code                     REL 
_pdbx_database_status.status_code_sf                  ? 
_pdbx_database_status.status_code_mr                  REL 
_pdbx_database_status.entry_id                        7OTD 
_pdbx_database_status.recvd_initial_deposition_date   2021-06-10 
_pdbx_database_status.SG_entry                        N 
_pdbx_database_status.deposit_site                    PDBE 
_pdbx_database_status.process_site                    PDBE 
_pdbx_database_status.status_code_cs                  REL 
_pdbx_database_status.status_code_nmr_data            ? 
_pdbx_database_status.methods_development_category    ? 
_pdbx_database_status.pdb_format_compatible           Y 
# 
loop_
_audit_author.name 
_audit_author.pdbx_ordinal 
_audit_author.identifier_ORCID 
'Shalev, D.E.'  1 0000-0003-1100-785X 
'Alshanski, I.' 2 0000-0002-9310-1921 
'Yitzchaik, S.' 3 0000-0001-5021-5139 
'Hurevich, M.'  4 0000-0002-1038-8104 
# 
_citation.abstract                  ? 
_citation.abstract_id_CAS           ? 
_citation.book_id_ISBN              ? 
_citation.book_publisher            ? 
_citation.book_publisher_city       ? 
_citation.book_title                ? 
_citation.coordinate_linkage        ? 
_citation.country                   GW 
_citation.database_id_Medline       ? 
_citation.details                   ? 
_citation.id                        primary 
_citation.journal_abbrev            J.Biol.Inorg.Chem. 
_citation.journal_id_ASTM           JJBCFA 
_citation.journal_id_CSD            ? 
_citation.journal_id_ISSN           1432-1327 
_citation.journal_full              ? 
_citation.journal_issue             ? 
_citation.journal_volume            26 
_citation.language                  ? 
_citation.page_first                809 
_citation.page_last                 815 
_citation.title                     
'Determining the structure and binding mechanism of oxytocin-Cu 2+ complex using paramagnetic relaxation enhancement NMR analysis.' 
_citation.year                      2021 
_citation.database_id_CSD           ? 
_citation.pdbx_database_id_DOI      10.1007/s00775-021-01897-1 
_citation.pdbx_database_id_PubMed   34459989 
_citation.pdbx_database_id_patent   ? 
_citation.unpublished_flag          ? 
# 
loop_
_citation_author.citation_id 
_citation_author.name 
_citation_author.ordinal 
_citation_author.identifier_ORCID 
primary 'Alshanski, I.' 1 0000-0002-9310-1921 
primary 'Shalev, D.E.'  2 ?                   
primary 'Yitzchaik, S.' 3 0000-0001-5021-5139 
primary 'Hurevich, M.'  4 0000-0002-1038-8104 
# 
loop_
_entity.id 
_entity.type 
_entity.src_method 
_entity.pdbx_description 
_entity.formula_weight 
_entity.pdbx_number_of_molecules 
_entity.pdbx_ec 
_entity.pdbx_mutation 
_entity.pdbx_fragment 
_entity.details 
1 polymer     syn UNK-TYR-ILE-GLN-ASN-CYS-PRO-LEU-GLY 1010.188 1 ? ? ? 'Oxytocin bound to copper II' 
2 non-polymer syn 'COPPER (II) ION'                   63.546   1 ? ? ? 'Oxytocin bound to copper II' 
3 non-polymer syn 'AMINO GROUP'                       16.023   1 ? ? ? 'Oxytocin bound to copper II' 
# 
_entity_poly.entity_id                      1 
_entity_poly.type                           'polypeptide(L)' 
_entity_poly.nstd_linkage                   no 
_entity_poly.nstd_monomer                   no 
_entity_poly.pdbx_seq_one_letter_code       CYIQNCPLG 
_entity_poly.pdbx_seq_one_letter_code_can   CYIQNCPLG 
_entity_poly.pdbx_strand_id                 A 
_entity_poly.pdbx_target_identifier         ? 
# 
loop_
_entity_poly_seq.entity_id 
_entity_poly_seq.num 
_entity_poly_seq.mon_id 
_entity_poly_seq.hetero 
1 1 CYS n 
1 2 TYR n 
1 3 ILE n 
1 4 GLN n 
1 5 ASN n 
1 6 CYS n 
1 7 PRO n 
1 8 LEU n 
1 9 GLY n 
# 
loop_
_pdbx_entity_src_syn.entity_id 
_pdbx_entity_src_syn.pdbx_src_id 
_pdbx_entity_src_syn.pdbx_alt_source_flag 
_pdbx_entity_src_syn.pdbx_beg_seq_num 
_pdbx_entity_src_syn.pdbx_end_seq_num 
_pdbx_entity_src_syn.organism_scientific 
_pdbx_entity_src_syn.organism_common_name 
_pdbx_entity_src_syn.ncbi_taxonomy_id 
_pdbx_entity_src_syn.details 
1 1 sample 1 9 'Homo sapiens' ? 9606 ? 
2 1 sample ? ? 'Homo sapiens' ? 9606 ? 
3 1 sample 1 9 'Homo sapiens' ? 9606 ? 
# 
_struct_ref.id                         1 
_struct_ref.db_name                    PDB 
_struct_ref.db_code                    7OTD 
_struct_ref.pdbx_db_accession          7OTD 
_struct_ref.pdbx_db_isoform            ? 
_struct_ref.entity_id                  1 
_struct_ref.pdbx_seq_one_letter_code   ? 
_struct_ref.pdbx_align_begin           1 
# 
_struct_ref_seq.align_id                      1 
_struct_ref_seq.ref_id                        1 
_struct_ref_seq.pdbx_PDB_id_code              7OTD 
_struct_ref_seq.pdbx_strand_id                A 
_struct_ref_seq.seq_align_beg                 1 
_struct_ref_seq.pdbx_seq_align_beg_ins_code   ? 
_struct_ref_seq.seq_align_end                 9 
_struct_ref_seq.pdbx_seq_align_end_ins_code   ? 
_struct_ref_seq.pdbx_db_accession             7OTD 
_struct_ref_seq.db_align_beg                  1 
_struct_ref_seq.pdbx_db_align_beg_ins_code    ? 
_struct_ref_seq.db_align_end                  9 
_struct_ref_seq.pdbx_db_align_end_ins_code    ? 
_struct_ref_seq.pdbx_auth_seq_align_beg       1 
_struct_ref_seq.pdbx_auth_seq_align_end       9 
# 
loop_
_chem_comp.id 
_chem_comp.type 
_chem_comp.mon_nstd_flag 
_chem_comp.name 
_chem_comp.pdbx_synonyms 
_chem_comp.formula 
_chem_comp.formula_weight 
ASN 'L-peptide linking' y ASPARAGINE        ? 'C4 H8 N2 O3'  132.118 
CU  non-polymer         . 'COPPER (II) ION' ? 'Cu 2'         63.546  
CYS 'L-peptide linking' y CYSTEINE          ? 'C3 H7 N O2 S' 121.158 
GLN 'L-peptide linking' y GLUTAMINE         ? 'C5 H10 N2 O3' 146.144 
GLY 'peptide linking'   y GLYCINE           ? 'C2 H5 N O2'   75.067  
ILE 'L-peptide linking' y ISOLEUCINE        ? 'C6 H13 N O2'  131.173 
LEU 'L-peptide linking' y LEUCINE           ? 'C6 H13 N O2'  131.173 
NH2 non-polymer         . 'AMINO GROUP'     ? 'H2 N'         16.023  
PRO 'L-peptide linking' y PROLINE           ? 'C5 H9 N O2'   115.130 
TYR 'L-peptide linking' y TYROSINE          ? 'C9 H11 N O3'  181.189 
# 
loop_
_pdbx_nmr_exptl.experiment_id 
_pdbx_nmr_exptl.conditions_id 
_pdbx_nmr_exptl.solution_id 
_pdbx_nmr_exptl.type 
_pdbx_nmr_exptl.spectrometer_id 
_pdbx_nmr_exptl.sample_state 
1 1 1 '2D 1H-1H COSY'  1 isotropic 
2 1 1 '2D 1H-1H TOCSY' 1 isotropic 
3 1 1 '2D 1H-1H ROESY' 1 isotropic 
# 
_pdbx_nmr_exptl_sample_conditions.conditions_id          1 
_pdbx_nmr_exptl_sample_conditions.temperature            293.2 
_pdbx_nmr_exptl_sample_conditions.pressure_units         atm 
_pdbx_nmr_exptl_sample_conditions.pressure               1 
_pdbx_nmr_exptl_sample_conditions.pH                     6.7 
_pdbx_nmr_exptl_sample_conditions.ionic_strength         14.9 
_pdbx_nmr_exptl_sample_conditions.details                ? 
_pdbx_nmr_exptl_sample_conditions.ionic_strength_err     ? 
_pdbx_nmr_exptl_sample_conditions.ionic_strength_units   mM 
_pdbx_nmr_exptl_sample_conditions.label                  ot-cu 
_pdbx_nmr_exptl_sample_conditions.pH_err                 ? 
_pdbx_nmr_exptl_sample_conditions.pH_units               pH* 
_pdbx_nmr_exptl_sample_conditions.pressure_err           ? 
_pdbx_nmr_exptl_sample_conditions.temperature_err        ? 
_pdbx_nmr_exptl_sample_conditions.temperature_units      K 
# 
_pdbx_nmr_sample_details.solution_id      1 
_pdbx_nmr_sample_details.contents         
'3.3 mM oxytocin, 5 mM ammonium acetate buffer, 10 % v/v [U-100% 2H] D2O, 90 % v/v H2O, 0.33 mM CuCl2, 90% H2O/10% D2O' 
_pdbx_nmr_sample_details.solvent_system   '90% H2O/10% D2O' 
_pdbx_nmr_sample_details.label            OT+Cu 
_pdbx_nmr_sample_details.type             solution 
_pdbx_nmr_sample_details.details          
;Copper chloride was added to obtain the copper II complex equilibrium. The solution was filtered before adding the peptide to reduce microbial growth.
;
# 
_pdbx_nmr_spectrometer.spectrometer_id   1 
_pdbx_nmr_spectrometer.model             'AVANCE II' 
_pdbx_nmr_spectrometer.type              ? 
_pdbx_nmr_spectrometer.manufacturer      Bruker 
_pdbx_nmr_spectrometer.field_strength    500 
_pdbx_nmr_spectrometer.details           ? 
# 
_pdbx_nmr_refine.entry_id           7OTD 
_pdbx_nmr_refine.method             'DGSA-distance geometry simulated annealing' 
_pdbx_nmr_refine.details            XPLOR-NIH 
_pdbx_nmr_refine.software_ordinal   5 
# 
_pdbx_nmr_ensemble.entry_id                                      7OTD 
_pdbx_nmr_ensemble.conformers_calculated_total_number            50 
_pdbx_nmr_ensemble.conformers_submitted_total_number             10 
_pdbx_nmr_ensemble.conformer_selection_criteria                  'structures with the lowest energy' 
_pdbx_nmr_ensemble.representative_conformer                      ? 
_pdbx_nmr_ensemble.average_constraints_per_residue               ? 
_pdbx_nmr_ensemble.average_constraint_violations_per_residue     ? 
_pdbx_nmr_ensemble.maximum_distance_constraint_violation         ? 
_pdbx_nmr_ensemble.average_distance_constraint_violation         ? 
_pdbx_nmr_ensemble.maximum_upper_distance_constraint_violation   ? 
_pdbx_nmr_ensemble.maximum_lower_distance_constraint_violation   ? 
_pdbx_nmr_ensemble.distance_constraint_violation_method          ? 
_pdbx_nmr_ensemble.maximum_torsion_angle_constraint_violation    ? 
_pdbx_nmr_ensemble.average_torsion_angle_constraint_violation    ? 
_pdbx_nmr_ensemble.torsion_angle_constraint_violation_method     ? 
# 
_pdbx_nmr_representative.entry_id             7OTD 
_pdbx_nmr_representative.conformer_id         1 
_pdbx_nmr_representative.selection_criteria   'lowest energy' 
# 
loop_
_pdbx_nmr_software.ordinal 
_pdbx_nmr_software.classification 
_pdbx_nmr_software.name 
_pdbx_nmr_software.version 
_pdbx_nmr_software.authors 
1 collection                  TopSpin        ?     'Bruker Biospin' 
2 'peak picking'              NMRFAM-SPARKY  1.470 
;Lee, W.; Tonelli, M.; Markley, J. L. NMRFAM-SPARKY: Enhanced Software for Biomolecular NMR Spectroscopy. Bioinformatics 2015, 31 (8), 1325-1327.
;
3 'chemical shift assignment' NMRFAM-SPARKY  1.470 
;Lee, W.; Tonelli, M.; Markley, J. L. NMRFAM-SPARKY: Enhanced Software for Biomolecular NMR Spectroscopy. Bioinformatics 2015, 31 (8), 1325-1327.
;
4 'chemical shift assignment' NMRFAM-SPARKY  1.470 
;Lee, W.; Tonelli, M.; Markley, J. L. NMRFAM-SPARKY: Enhanced Software for Biomolecular NMR Spectroscopy. Bioinformatics 2015, 31 (8), 1325-1327.
;
5 'structure calculation'     CNS            ?     
;Schwieters, C. D.; Kuszewski, J. J.; Tjandra, N.; Clore, G. M. The Xplor-NIH NMR Molecular Structure Determination Package. J. Magn. Reson. 2003, 160 (1), 65
;
6 'data analysis'             'UCSF Chimera' 1.14  
;Pettersen, E. F.; Goddard, T. D.; Huang, C. C.; Couch, G. S.; Greenblatt, D. M.; Meng, E. C.; Ferrin, T. E. UCSF Chimera - A Visualization System for Exploratory Research and Analysis. J. Comput. Chem. 2004, 25 (13), 1605-1612.
;
# 
_exptl.absorpt_coefficient_mu     ? 
_exptl.absorpt_correction_T_max   ? 
_exptl.absorpt_correction_T_min   ? 
_exptl.absorpt_correction_type    ? 
_exptl.absorpt_process_details    ? 
_exptl.entry_id                   7OTD 
_exptl.crystals_number            ? 
_exptl.details                    ? 
_exptl.method                     'SOLUTION NMR' 
_exptl.method_details             ? 
# 
_struct.entry_id                     7OTD 
_struct.title                        'Oxytocin NMR solution structure' 
_struct.pdbx_model_details           ? 
_struct.pdbx_formula_weight          ? 
_struct.pdbx_formula_weight_method   ? 
_struct.pdbx_model_type_details      ? 
_struct.pdbx_CASP_flag               N 
# 
_struct_keywords.entry_id        7OTD 
_struct_keywords.text            'natural peptide, cyclic, disulfide bond, copper-binding, HORMONE' 
_struct_keywords.pdbx_keywords   HORMONE 
# 
loop_
_struct_asym.id 
_struct_asym.pdbx_blank_PDB_chainid_flag 
_struct_asym.pdbx_modified 
_struct_asym.entity_id 
_struct_asym.details 
A N N 1 ? 
B N N 2 ? 
C N N 3 ? 
# 
loop_
_struct_conn.id 
_struct_conn.conn_type_id 
_struct_conn.pdbx_leaving_atom_flag 
_struct_conn.pdbx_PDB_id 
_struct_conn.ptnr1_label_asym_id 
_struct_conn.ptnr1_label_comp_id 
_struct_conn.ptnr1_label_seq_id 
_struct_conn.ptnr1_label_atom_id 
_struct_conn.pdbx_ptnr1_label_alt_id 
_struct_conn.pdbx_ptnr1_PDB_ins_code 
_struct_conn.pdbx_ptnr1_standard_comp_id 
_struct_conn.ptnr1_symmetry 
_struct_conn.ptnr2_label_asym_id 
_struct_conn.ptnr2_label_comp_id 
_struct_conn.ptnr2_label_seq_id 
_struct_conn.ptnr2_label_atom_id 
_struct_conn.pdbx_ptnr2_label_alt_id 
_struct_conn.pdbx_ptnr2_PDB_ins_code 
_struct_conn.ptnr1_auth_asym_id 
_struct_conn.ptnr1_auth_comp_id 
_struct_conn.ptnr1_auth_seq_id 
_struct_conn.ptnr2_auth_asym_id 
_struct_conn.ptnr2_auth_comp_id 
_struct_conn.ptnr2_auth_seq_id 
_struct_conn.ptnr2_symmetry 
_struct_conn.pdbx_ptnr3_label_atom_id 
_struct_conn.pdbx_ptnr3_label_seq_id 
_struct_conn.pdbx_ptnr3_label_comp_id 
_struct_conn.pdbx_ptnr3_label_asym_id 
_struct_conn.pdbx_ptnr3_label_alt_id 
_struct_conn.pdbx_ptnr3_PDB_ins_code 
_struct_conn.details 
_struct_conn.pdbx_dist_value 
_struct_conn.pdbx_value_order 
_struct_conn.pdbx_role 
disulf1 disulf ?    ? A CYS 1 SG ? ? ? 1_555 A CYS 6 SG ? ? A CYS 1 A CYS 6   1_555 ? ? ? ? ? ? ? 2.022 ?    ? 
covale1 covale both ? A GLY 9 C  ? ? ? 1_555 C NH2 . N  ? ? A GLY 9 A NH2 102 1_555 ? ? ? ? ? ? ? 1.305 sing ? 
metalc1 metalc ?    ? A CYS 1 N  ? ? ? 1_555 B CU  . CU ? ? A CYS 1 A CU  101 1_555 ? ? ? ? ? ? ? 1.925 ?    ? 
metalc2 metalc ?    ? A TYR 2 N  ? ? ? 1_555 B CU  . CU ? ? A TYR 2 A CU  101 1_555 ? ? ? ? ? ? ? 1.909 ?    ? 
metalc3 metalc ?    ? A ILE 3 N  ? ? ? 1_555 B CU  . CU ? ? A ILE 3 A CU  101 1_555 ? ? ? ? ? ? ? 1.912 ?    ? 
metalc4 metalc ?    ? A GLN 4 N  ? ? ? 1_555 B CU  . CU ? ? A GLN 4 A CU  101 1_555 ? ? ? ? ? ? ? 1.954 ?    ? 
# 
loop_
_struct_conn_type.id 
_struct_conn_type.criteria 
_struct_conn_type.reference 
disulf ? ? 
covale ? ? 
metalc ? ? 
# 
_atom_sites.entry_id                    7OTD 
_atom_sites.Cartn_transf_matrix[1][1]   ? 
_atom_sites.Cartn_transf_matrix[1][2]   ? 
_atom_sites.Cartn_transf_matrix[1][3]   ? 
_atom_sites.Cartn_transf_matrix[2][1]   ? 
_atom_sites.Cartn_transf_matrix[2][2]   ? 
_atom_sites.Cartn_transf_matrix[2][3]   ? 
_atom_sites.Cartn_transf_matrix[3][1]   ? 
_atom_sites.Cartn_transf_matrix[3][2]   ? 
_atom_sites.Cartn_transf_matrix[3][3]   ? 
_atom_sites.Cartn_transf_vector[1]      ? 
_atom_sites.Cartn_transf_vector[2]      ? 
_atom_sites.Cartn_transf_vector[3]      ? 
_atom_sites.fract_transf_matrix[1][1]   1.000000 
_atom_sites.fract_transf_matrix[1][2]   0.000000 
_atom_sites.fract_transf_matrix[1][3]   0.000000 
_atom_sites.fract_transf_matrix[2][1]   0.000000 
_atom_sites.fract_transf_matrix[2][2]   1.000000 
_atom_sites.fract_transf_matrix[2][3]   0.000000 
_atom_sites.fract_transf_matrix[3][1]   0.000000 
_atom_sites.fract_transf_matrix[3][2]   0.000000 
_atom_sites.fract_transf_matrix[3][3]   1.000000 
_atom_sites.fract_transf_vector[1]      0.00000 
_atom_sites.fract_transf_vector[2]      0.00000 
_atom_sites.fract_transf_vector[3]      0.00000 
_atom_sites.solution_primary            ? 
_atom_sites.solution_secondary          ? 
_atom_sites.solution_hydrogens          ? 
_atom_sites.special_details             ? 
# 
loop_
_atom_type.symbol 
C  
CU 
H  
N  
O  
S  
# 
loop_
_atom_site.group_PDB 
_atom_site.id 
_atom_site.type_symbol 
_atom_site.label_atom_id 
_atom_site.label_alt_id 
_atom_site.label_comp_id 
_atom_site.label_asym_id 
_atom_site.label_entity_id 
_atom_site.label_seq_id 
_atom_site.pdbx_PDB_ins_code 
_atom_site.Cartn_x 
_atom_site.Cartn_y 
_atom_site.Cartn_z 
_atom_site.occupancy 
_atom_site.B_iso_or_equiv 
_atom_site.pdbx_formal_charge 
_atom_site.auth_seq_id 
_atom_site.auth_comp_id 
_atom_site.auth_asym_id 
_atom_site.auth_atom_id 
_atom_site.pdbx_PDB_model_num 
ATOM   1    N  N    . CYS A 1 1 ? -0.050 -0.137 3.087   1.00 0.00 ? 1   CYS A N    1  
ATOM   2    C  CA   . CYS A 1 1 ? 1.359  0.129  2.676   1.00 0.00 ? 1   CYS A CA   1  
ATOM   3    C  C    . CYS A 1 1 ? 2.209  -1.044 3.206   1.00 0.00 ? 1   CYS A C    1  
ATOM   4    O  O    . CYS A 1 1 ? 3.054  -1.579 2.515   1.00 0.00 ? 1   CYS A O    1  
ATOM   5    C  CB   . CYS A 1 1 ? 1.744  1.449  3.344   1.00 0.00 ? 1   CYS A CB   1  
ATOM   6    S  SG   . CYS A 1 1 ? 1.150  2.826  2.329   1.00 0.00 ? 1   CYS A SG   1  
ATOM   7    H  H1   . CYS A 1 1 ? -0.428 0.676  3.615   1.00 0.00 ? 1   CYS A H1   1  
ATOM   8    H  H2   . CYS A 1 1 ? -0.629 -0.319 2.252   1.00 0.00 ? 1   CYS A H2   1  
ATOM   9    H  HA   . CYS A 1 1 ? 1.437  0.206  1.600   1.00 0.00 ? 1   CYS A HA   1  
ATOM   10   H  HB2  . CYS A 1 1 ? 1.292  1.502  4.325   1.00 0.00 ? 1   CYS A HB2  1  
ATOM   11   H  HB3  . CYS A 1 1 ? 2.818  1.507  3.439   1.00 0.00 ? 1   CYS A HB3  1  
ATOM   12   N  N    . TYR A 1 2 ? 1.954  -1.501 4.412   1.00 0.00 ? 2   TYR A N    1  
ATOM   13   C  CA   . TYR A 1 2 ? 2.653  -2.664 5.005   1.00 0.00 ? 2   TYR A CA   1  
ATOM   14   C  C    . TYR A 1 2 ? 1.530  -3.686 5.300   1.00 0.00 ? 2   TYR A C    1  
ATOM   15   O  O    . TYR A 1 2 ? 1.764  -4.865 5.469   1.00 0.00 ? 2   TYR A O    1  
ATOM   16   C  CB   . TYR A 1 2 ? 3.365  -2.268 6.307   1.00 0.00 ? 2   TYR A CB   1  
ATOM   17   C  CG   . TYR A 1 2 ? 2.746  -1.009 6.870   1.00 0.00 ? 2   TYR A CG   1  
ATOM   18   C  CD1  . TYR A 1 2 ? 3.500  0.169  6.942   1.00 0.00 ? 2   TYR A CD1  1  
ATOM   19   C  CD2  . TYR A 1 2 ? 1.421  -1.019 7.318   1.00 0.00 ? 2   TYR A CD2  1  
ATOM   20   C  CE1  . TYR A 1 2 ? 2.927  1.337  7.461   1.00 0.00 ? 2   TYR A CE1  1  
ATOM   21   C  CE2  . TYR A 1 2 ? 0.847  0.148  7.837   1.00 0.00 ? 2   TYR A CE2  1  
ATOM   22   C  CZ   . TYR A 1 2 ? 1.601  1.326  7.908   1.00 0.00 ? 2   TYR A CZ   1  
ATOM   23   O  OH   . TYR A 1 2 ? 1.036  2.477  8.420   1.00 0.00 ? 2   TYR A OH   1  
ATOM   24   H  HA   . TYR A 1 2 ? 3.357  -3.079 4.296   1.00 0.00 ? 2   TYR A HA   1  
ATOM   25   H  HB2  . TYR A 1 2 ? 3.268  -3.067 7.026   1.00 0.00 ? 2   TYR A HB2  1  
ATOM   26   H  HB3  . TYR A 1 2 ? 4.411  -2.092 6.103   1.00 0.00 ? 2   TYR A HB3  1  
ATOM   27   H  HD1  . TYR A 1 2 ? 4.524  0.178  6.596   1.00 0.00 ? 2   TYR A HD1  1  
ATOM   28   H  HD2  . TYR A 1 2 ? 0.840  -1.928 7.262   1.00 0.00 ? 2   TYR A HD2  1  
ATOM   29   H  HE1  . TYR A 1 2 ? 3.509  2.245  7.516   1.00 0.00 ? 2   TYR A HE1  1  
ATOM   30   H  HE2  . TYR A 1 2 ? -0.175 0.139  8.183   1.00 0.00 ? 2   TYR A HE2  1  
ATOM   31   H  HH   . TYR A 1 2 ? 1.181  2.481  9.369   1.00 0.00 ? 2   TYR A HH   1  
ATOM   32   N  N    . ILE A 1 3 ? 0.285  -3.234 5.325   1.00 0.00 ? 3   ILE A N    1  
ATOM   33   C  CA   . ILE A 1 3 ? -0.905 -4.077 5.551   1.00 0.00 ? 3   ILE A CA   1  
ATOM   34   C  C    . ILE A 1 3 ? -2.057 -3.378 4.804   1.00 0.00 ? 3   ILE A C    1  
ATOM   35   O  O    . ILE A 1 3 ? -3.162 -3.877 4.738   1.00 0.00 ? 3   ILE A O    1  
ATOM   36   C  CB   . ILE A 1 3 ? -1.216 -4.153 7.045   1.00 0.00 ? 3   ILE A CB   1  
ATOM   37   C  CG1  . ILE A 1 3 ? -2.441 -5.044 7.268   1.00 0.00 ? 3   ILE A CG1  1  
ATOM   38   C  CG2  . ILE A 1 3 ? -1.504 -2.748 7.580   1.00 0.00 ? 3   ILE A CG2  1  
ATOM   39   C  CD1  . ILE A 1 3 ? -2.116 -6.476 6.839   1.00 0.00 ? 3   ILE A CD1  1  
ATOM   40   H  HA   . ILE A 1 3 ? -0.742 -5.067 5.147   1.00 0.00 ? 3   ILE A HA   1  
ATOM   41   H  HB   . ILE A 1 3 ? -0.368 -4.568 7.566   1.00 0.00 ? 3   ILE A HB   1  
ATOM   42   H  HG12 . ILE A 1 3 ? -2.709 -5.032 8.314   1.00 0.00 ? 3   ILE A HG12 1  
ATOM   43   H  HG13 . ILE A 1 3 ? -3.268 -4.674 6.681   1.00 0.00 ? 3   ILE A HG13 1  
ATOM   44   H  HG21 . ILE A 1 3 ? -2.521 -2.702 7.941   1.00 0.00 ? 3   ILE A HG21 1  
ATOM   45   H  HG22 . ILE A 1 3 ? -1.372 -2.028 6.787   1.00 0.00 ? 3   ILE A HG22 1  
ATOM   46   H  HG23 . ILE A 1 3 ? -0.824 -2.524 8.388   1.00 0.00 ? 3   ILE A HG23 1  
ATOM   47   H  HD11 . ILE A 1 3 ? -2.099 -6.533 5.761   1.00 0.00 ? 3   ILE A HD11 1  
ATOM   48   H  HD12 . ILE A 1 3 ? -2.870 -7.147 7.224   1.00 0.00 ? 3   ILE A HD12 1  
ATOM   49   H  HD13 . ILE A 1 3 ? -1.149 -6.758 7.231   1.00 0.00 ? 3   ILE A HD13 1  
ATOM   50   N  N    . GLN A 1 4 ? -1.819 -2.211 4.221   1.00 0.00 ? 4   GLN A N    1  
ATOM   51   C  CA   . GLN A 1 4 ? -2.884 -1.474 3.473   1.00 0.00 ? 4   GLN A CA   1  
ATOM   52   C  C    . GLN A 1 4 ? -2.534 -1.391 2.019   1.00 0.00 ? 4   GLN A C    1  
ATOM   53   O  O    . GLN A 1 4 ? -2.907 -0.490 1.294   1.00 0.00 ? 4   GLN A O    1  
ATOM   54   C  CB   . GLN A 1 4 ? -2.983 -0.106 4.009   1.00 0.00 ? 4   GLN A CB   1  
ATOM   55   C  CG   . GLN A 1 4 ? -4.022 -0.099 5.113   1.00 0.00 ? 4   GLN A CG   1  
ATOM   56   C  CD   . GLN A 1 4 ? -4.360 1.341  5.504   1.00 0.00 ? 4   GLN A CD   1  
ATOM   57   O  OE1  . GLN A 1 4 ? -4.314 2.233  4.681   1.00 0.00 ? 4   GLN A OE1  1  
ATOM   58   N  NE2  . GLN A 1 4 ? -4.699 1.609  6.737   1.00 0.00 ? 4   GLN A NE2  1  
ATOM   59   H  HA   . GLN A 1 4 ? -3.808 -1.987 3.579   1.00 0.00 ? 4   GLN A HA   1  
ATOM   60   H  HB2  . GLN A 1 4 ? -2.015 0.167  4.394   1.00 0.00 ? 4   GLN A HB2  1  
ATOM   61   H  HB3  . GLN A 1 4 ? -3.272 0.549  3.213   1.00 0.00 ? 4   GLN A HB3  1  
ATOM   62   H  HG2  . GLN A 1 4 ? -4.910 -0.601 4.759   1.00 0.00 ? 4   GLN A HG2  1  
ATOM   63   H  HG3  . GLN A 1 4 ? -3.626 -0.625 5.968   1.00 0.00 ? 4   GLN A HG3  1  
ATOM   64   H  HE21 . GLN A 1 4 ? -4.735 0.889  7.401   1.00 0.00 ? 4   GLN A HE21 1  
ATOM   65   H  HE22 . GLN A 1 4 ? -4.918 2.528  6.996   1.00 0.00 ? 4   GLN A HE22 1  
ATOM   66   N  N    . ASN A 1 5 ? -1.825 -2.355 1.651   1.00 0.00 ? 5   ASN A N    1  
ATOM   67   C  CA   . ASN A 1 5 ? -1.326 -2.539 0.260   1.00 0.00 ? 5   ASN A CA   1  
ATOM   68   C  C    . ASN A 1 5 ? -1.520 -1.278 -0.591  1.00 0.00 ? 5   ASN A C    1  
ATOM   69   O  O    . ASN A 1 5 ? -2.329 -1.242 -1.496  1.00 0.00 ? 5   ASN A O    1  
ATOM   70   C  CB   . ASN A 1 5 ? -2.168 -3.692 -0.243  1.00 0.00 ? 5   ASN A CB   1  
ATOM   71   C  CG   . ASN A 1 5 ? -2.087 -3.866 -1.624  1.00 0.00 ? 5   ASN A CG   1  
ATOM   72   O  OD1  . ASN A 1 5 ? -1.418 -3.195 -2.386  1.00 0.00 ? 5   ASN A OD1  1  
ATOM   73   N  ND2  . ASN A 1 5 ? -2.799 -4.813 -1.955  1.00 0.00 ? 5   ASN A ND2  1  
ATOM   74   H  H    . ASN A 1 5 ? -1.626 -2.998 2.329   1.00 0.00 ? 5   ASN A H    1  
ATOM   75   H  HA   . ASN A 1 5 ? -0.287 -2.828 0.271   1.00 0.00 ? 5   ASN A HA   1  
ATOM   76   H  HB2  . ASN A 1 5 ? -1.845 -4.636 0.138   1.00 0.00 ? 5   ASN A HB2  1  
ATOM   77   H  HB3  . ASN A 1 5 ? -3.214 -3.550 -0.047  1.00 0.00 ? 5   ASN A HB3  1  
ATOM   78   H  HD21 . ASN A 1 5 ? -3.316 -5.315 -1.288  1.00 0.00 ? 5   ASN A HD21 1  
ATOM   79   H  HD22 . ASN A 1 5 ? -2.836 -5.026 -2.760  1.00 0.00 ? 5   ASN A HD22 1  
ATOM   80   N  N    . CYS A 1 6 ? -0.777 -0.242 -0.300  1.00 0.00 ? 6   CYS A N    1  
ATOM   81   C  CA   . CYS A 1 6 ? -0.909 1.020  -1.082  1.00 0.00 ? 6   CYS A CA   1  
ATOM   82   C  C    . CYS A 1 6 ? -0.403 0.812  -2.511  1.00 0.00 ? 6   CYS A C    1  
ATOM   83   O  O    . CYS A 1 6 ? 0.365  -0.093 -2.772  1.00 0.00 ? 6   CYS A O    1  
ATOM   84   C  CB   . CYS A 1 6 ? -0.030 2.037  -0.349  1.00 0.00 ? 6   CYS A CB   1  
ATOM   85   S  SG   . CYS A 1 6 ? -0.491 2.095  1.402   1.00 0.00 ? 6   CYS A SG   1  
ATOM   86   H  H    . CYS A 1 6 ? -0.132 -0.296 0.437   1.00 0.00 ? 6   CYS A H    1  
ATOM   87   H  HA   . CYS A 1 6 ? -1.934 1.356  -1.089  1.00 0.00 ? 6   CYS A HA   1  
ATOM   88   H  HB2  . CYS A 1 6 ? 1.006  1.747  -0.437  1.00 0.00 ? 6   CYS A HB2  1  
ATOM   89   H  HB3  . CYS A 1 6 ? -0.168 3.014  -0.789  1.00 0.00 ? 6   CYS A HB3  1  
ATOM   90   N  N    . PRO A 1 7 ? -0.852 1.664  -3.390  1.00 0.00 ? 7   PRO A N    1  
ATOM   91   C  CA   . PRO A 1 7 ? -0.443 1.583  -4.813  1.00 0.00 ? 7   PRO A CA   1  
ATOM   92   C  C    . PRO A 1 7 ? 0.992  2.091  -4.986  1.00 0.00 ? 7   PRO A C    1  
ATOM   93   O  O    . PRO A 1 7 ? 1.601  2.566  -4.049  1.00 0.00 ? 7   PRO A O    1  
ATOM   94   C  CB   . PRO A 1 7 ? -1.423 2.495  -5.519  1.00 0.00 ? 7   PRO A CB   1  
ATOM   95   C  CG   . PRO A 1 7 ? -1.872 3.473  -4.479  1.00 0.00 ? 7   PRO A CG   1  
ATOM   96   C  CD   . PRO A 1 7 ? -1.778 2.775  -3.146  1.00 0.00 ? 7   PRO A CD   1  
ATOM   97   H  HA   . PRO A 1 7 ? -0.541 0.590  -5.193  1.00 0.00 ? 7   PRO A HA   1  
ATOM   98   H  HB2  . PRO A 1 7 ? -0.927 2.988  -6.329  1.00 0.00 ? 7   PRO A HB2  1  
ATOM   99   H  HB3  . PRO A 1 7 ? -2.267 1.928  -5.882  1.00 0.00 ? 7   PRO A HB3  1  
ATOM   100  H  HG2  . PRO A 1 7 ? -1.226 4.341  -4.489  1.00 0.00 ? 7   PRO A HG2  1  
ATOM   101  H  HG3  . PRO A 1 7 ? -2.892 3.767  -4.664  1.00 0.00 ? 7   PRO A HG3  1  
ATOM   102  H  HD2  . PRO A 1 7 ? -1.381 3.445  -2.396  1.00 0.00 ? 7   PRO A HD2  1  
ATOM   103  H  HD3  . PRO A 1 7 ? -2.742 2.396  -2.848  1.00 0.00 ? 7   PRO A HD3  1  
ATOM   104  N  N    . LEU A 1 8 ? 1.518  2.002  -6.185  1.00 0.00 ? 8   LEU A N    1  
ATOM   105  C  CA   . LEU A 1 8 ? 2.900  2.475  -6.467  1.00 0.00 ? 8   LEU A CA   1  
ATOM   106  C  C    . LEU A 1 8 ? 3.790  2.417  -5.220  1.00 0.00 ? 8   LEU A C    1  
ATOM   107  O  O    . LEU A 1 8 ? 4.331  3.408  -4.775  1.00 0.00 ? 8   LEU A O    1  
ATOM   108  C  CB   . LEU A 1 8 ? 2.699  3.901  -6.971  1.00 0.00 ? 8   LEU A CB   1  
ATOM   109  C  CG   . LEU A 1 8 ? 2.551  4.870  -5.795  1.00 0.00 ? 8   LEU A CG   1  
ATOM   110  C  CD1  . LEU A 1 8 ? 3.799  5.751  -5.696  1.00 0.00 ? 8   LEU A CD1  1  
ATOM   111  C  CD2  . LEU A 1 8 ? 1.323  5.755  -6.016  1.00 0.00 ? 8   LEU A CD2  1  
ATOM   112  H  H    . LEU A 1 8 ? 0.993  1.631  -6.915  1.00 0.00 ? 8   LEU A H    1  
ATOM   113  H  HA   . LEU A 1 8 ? 3.336  1.876  -7.249  1.00 0.00 ? 8   LEU A HA   1  
ATOM   114  H  HB2  . LEU A 1 8 ? 3.541  4.181  -7.569  1.00 0.00 ? 8   LEU A HB2  1  
ATOM   115  H  HB3  . LEU A 1 8 ? 1.806  3.939  -7.575  1.00 0.00 ? 8   LEU A HB3  1  
ATOM   116  H  HG   . LEU A 1 8 ? 2.434  4.309  -4.878  1.00 0.00 ? 8   LEU A HG   1  
ATOM   117  H  HD11 . LEU A 1 8 ? 3.719  6.568  -6.397  1.00 0.00 ? 8   LEU A HD11 1  
ATOM   118  H  HD12 . LEU A 1 8 ? 4.673  5.161  -5.928  1.00 0.00 ? 8   LEU A HD12 1  
ATOM   119  H  HD13 . LEU A 1 8 ? 3.883  6.142  -4.694  1.00 0.00 ? 8   LEU A HD13 1  
ATOM   120  H  HD21 . LEU A 1 8 ? 0.567  5.195  -6.548  1.00 0.00 ? 8   LEU A HD21 1  
ATOM   121  H  HD22 . LEU A 1 8 ? 1.603  6.621  -6.597  1.00 0.00 ? 8   LEU A HD22 1  
ATOM   122  H  HD23 . LEU A 1 8 ? 0.931  6.073  -5.061  1.00 0.00 ? 8   LEU A HD23 1  
ATOM   123  N  N    . GLY A 1 9 ? 3.935  1.245  -4.662  1.00 0.00 ? 9   GLY A N    1  
ATOM   124  C  CA   . GLY A 1 9 ? 4.769  1.065  -3.448  1.00 0.00 ? 9   GLY A CA   1  
ATOM   125  C  C    . GLY A 1 9 ? 5.970  2.016  -3.476  1.00 0.00 ? 9   GLY A C    1  
ATOM   126  O  O    . GLY A 1 9 ? 6.552  2.258  -4.515  1.00 0.00 ? 9   GLY A O    1  
ATOM   127  H  H    . GLY A 1 9 ? 3.481  0.477  -5.042  1.00 0.00 ? 9   GLY A H    1  
ATOM   128  H  HA2  . GLY A 1 9 ? 5.123  0.047  -3.405  1.00 0.00 ? 9   GLY A HA2  1  
ATOM   129  H  HA3  . GLY A 1 9 ? 4.164  1.269  -2.587  1.00 0.00 ? 9   GLY A HA3  1  
HETATM 130  CU CU   . CU  B 2 . ? 0.065  -1.695 4.212   1.00 0.00 ? 101 CU  A CU   1  
HETATM 131  N  N    . NH2 C 3 . ? 6.369  2.571  -2.365  1.00 0.00 ? 102 NH2 A N    1  
HETATM 132  H  HN1  . NH2 C 3 . ? 5.903  2.378  -1.525  1.00 0.00 ? 102 NH2 A HN1  1  
HETATM 133  H  HN2  . NH2 C 3 . ? 7.136  3.181  -2.371  1.00 0.00 ? 102 NH2 A HN2  1  
ATOM   134  N  N    . CYS A 1 1 ? -0.051 -0.131 3.101   1.00 0.00 ? 1   CYS A N    2  
ATOM   135  C  CA   . CYS A 1 1 ? 1.353  0.117  2.662   1.00 0.00 ? 1   CYS A CA   2  
ATOM   136  C  C    . CYS A 1 1 ? 2.206  -1.051 3.205   1.00 0.00 ? 1   CYS A C    2  
ATOM   137  O  O    . CYS A 1 1 ? 3.047  -1.594 2.517   1.00 0.00 ? 1   CYS A O    2  
ATOM   138  C  CB   . CYS A 1 1 ? 1.753  1.453  3.289   1.00 0.00 ? 1   CYS A CB   2  
ATOM   139  S  SG   . CYS A 1 1 ? 1.127  2.807  2.259   1.00 0.00 ? 1   CYS A SG   2  
ATOM   140  H  H1   . CYS A 1 1 ? -0.409 0.683  3.641   1.00 0.00 ? 1   CYS A H1   2  
ATOM   141  H  H2   . CYS A 1 1 ? -0.651 -0.303 2.277   1.00 0.00 ? 1   CYS A H2   2  
ATOM   142  H  HA   . CYS A 1 1 ? 1.414  0.167  1.584   1.00 0.00 ? 1   CYS A HA   2  
ATOM   143  H  HB2  . CYS A 1 1 ? 1.329  1.527  4.280   1.00 0.00 ? 1   CYS A HB2  2  
ATOM   144  H  HB3  . CYS A 1 1 ? 2.829  1.515  3.352   1.00 0.00 ? 1   CYS A HB3  2  
ATOM   145  N  N    . TYR A 1 2 ? 1.955  -1.497 4.417   1.00 0.00 ? 2   TYR A N    2  
ATOM   146  C  CA   . TYR A 1 2 ? 2.654  -2.656 5.020   1.00 0.00 ? 2   TYR A CA   2  
ATOM   147  C  C    . TYR A 1 2 ? 1.533  -3.688 5.291   1.00 0.00 ? 2   TYR A C    2  
ATOM   148  O  O    . TYR A 1 2 ? 1.770  -4.869 5.442   1.00 0.00 ? 2   TYR A O    2  
ATOM   149  C  CB   . TYR A 1 2 ? 3.342  -2.261 6.338   1.00 0.00 ? 2   TYR A CB   2  
ATOM   150  C  CG   . TYR A 1 2 ? 2.827  -0.921 6.814   1.00 0.00 ? 2   TYR A CG   2  
ATOM   151  C  CD1  . TYR A 1 2 ? 3.299  0.258  6.225   1.00 0.00 ? 2   TYR A CD1  2  
ATOM   152  C  CD2  . TYR A 1 2 ? 1.880  -0.859 7.842   1.00 0.00 ? 2   TYR A CD2  2  
ATOM   153  C  CE1  . TYR A 1 2 ? 2.824  1.499  6.665   1.00 0.00 ? 2   TYR A CE1  2  
ATOM   154  C  CE2  . TYR A 1 2 ? 1.405  0.382  8.283   1.00 0.00 ? 2   TYR A CE2  2  
ATOM   155  C  CZ   . TYR A 1 2 ? 1.876  1.561  7.695   1.00 0.00 ? 2   TYR A CZ   2  
ATOM   156  O  OH   . TYR A 1 2 ? 1.408  2.784  8.129   1.00 0.00 ? 2   TYR A OH   2  
ATOM   157  H  HA   . TYR A 1 2 ? 3.373  -3.062 4.321   1.00 0.00 ? 2   TYR A HA   2  
ATOM   158  H  HB2  . TYR A 1 2 ? 3.134  -3.009 7.087   1.00 0.00 ? 2   TYR A HB2  2  
ATOM   159  H  HB3  . TYR A 1 2 ? 4.408  -2.199 6.179   1.00 0.00 ? 2   TYR A HB3  2  
ATOM   160  H  HD1  . TYR A 1 2 ? 4.030  0.210  5.431   1.00 0.00 ? 2   TYR A HD1  2  
ATOM   161  H  HD2  . TYR A 1 2 ? 1.516  -1.770 8.297   1.00 0.00 ? 2   TYR A HD2  2  
ATOM   162  H  HE1  . TYR A 1 2 ? 3.188  2.410  6.211   1.00 0.00 ? 2   TYR A HE1  2  
ATOM   163  H  HE2  . TYR A 1 2 ? 0.673  0.429  9.076   1.00 0.00 ? 2   TYR A HE2  2  
ATOM   164  H  HH   . TYR A 1 2 ? 2.092  3.438  7.966   1.00 0.00 ? 2   TYR A HH   2  
ATOM   165  N  N    . ILE A 1 3 ? 0.283  -3.242 5.315   1.00 0.00 ? 3   ILE A N    2  
ATOM   166  C  CA   . ILE A 1 3 ? -0.905 -4.093 5.517   1.00 0.00 ? 3   ILE A CA   2  
ATOM   167  C  C    . ILE A 1 3 ? -2.068 -3.352 4.826   1.00 0.00 ? 3   ILE A C    2  
ATOM   168  O  O    . ILE A 1 3 ? -3.197 -3.801 4.830   1.00 0.00 ? 3   ILE A O    2  
ATOM   169  C  CB   . ILE A 1 3 ? -1.191 -4.249 7.009   1.00 0.00 ? 3   ILE A CB   2  
ATOM   170  C  CG1  . ILE A 1 3 ? -2.533 -4.958 7.201   1.00 0.00 ? 3   ILE A CG1  2  
ATOM   171  C  CG2  . ILE A 1 3 ? -1.243 -2.869 7.668   1.00 0.00 ? 3   ILE A CG2  2  
ATOM   172  C  CD1  . ILE A 1 3 ? -2.584 -6.205 6.318   1.00 0.00 ? 3   ILE A CD1  2  
ATOM   173  H  HA   . ILE A 1 3 ? -0.754 -5.060 5.056   1.00 0.00 ? 3   ILE A HA   2  
ATOM   174  H  HB   . ILE A 1 3 ? -0.405 -4.833 7.462   1.00 0.00 ? 3   ILE A HB   2  
ATOM   175  H  HG12 . ILE A 1 3 ? -2.644 -5.244 8.238   1.00 0.00 ? 3   ILE A HG12 2  
ATOM   176  H  HG13 . ILE A 1 3 ? -3.336 -4.291 6.925   1.00 0.00 ? 3   ILE A HG13 2  
ATOM   177  H  HG21 . ILE A 1 3 ? -0.238 -2.498 7.807   1.00 0.00 ? 3   ILE A HG21 2  
ATOM   178  H  HG22 . ILE A 1 3 ? -1.735 -2.947 8.627   1.00 0.00 ? 3   ILE A HG22 2  
ATOM   179  H  HG23 . ILE A 1 3 ? -1.794 -2.189 7.034   1.00 0.00 ? 3   ILE A HG23 2  
ATOM   180  H  HD11 . ILE A 1 3 ? -3.347 -6.877 6.685   1.00 0.00 ? 3   ILE A HD11 2  
ATOM   181  H  HD12 . ILE A 1 3 ? -1.626 -6.703 6.343   1.00 0.00 ? 3   ILE A HD12 2  
ATOM   182  H  HD13 . ILE A 1 3 ? -2.815 -5.919 5.302   1.00 0.00 ? 3   ILE A HD13 2  
ATOM   183  N  N    . GLN A 1 4 ? -1.811 -2.200 4.219   1.00 0.00 ? 4   GLN A N    2  
ATOM   184  C  CA   . GLN A 1 4 ? -2.876 -1.413 3.525   1.00 0.00 ? 4   GLN A CA   2  
ATOM   185  C  C    . GLN A 1 4 ? -2.596 -1.354 2.055   1.00 0.00 ? 4   GLN A C    2  
ATOM   186  O  O    . GLN A 1 4 ? -2.969 -0.444 1.343   1.00 0.00 ? 4   GLN A O    2  
ATOM   187  C  CB   . GLN A 1 4 ? -2.862 -0.035 4.052   1.00 0.00 ? 4   GLN A CB   2  
ATOM   188  C  CG   . GLN A 1 4 ? -4.286 0.496  4.079   1.00 0.00 ? 4   GLN A CG   2  
ATOM   189  C  CD   . GLN A 1 4 ? -4.374 1.699  5.019   1.00 0.00 ? 4   GLN A CD   2  
ATOM   190  O  OE1  . GLN A 1 4 ? -3.633 1.793  5.977   1.00 0.00 ? 4   GLN A OE1  2  
ATOM   191  N  NE2  . GLN A 1 4 ? -5.256 2.633  4.783   1.00 0.00 ? 4   GLN A NE2  2  
ATOM   192  H  HA   . GLN A 1 4 ? -3.815 -1.871 3.686   1.00 0.00 ? 4   GLN A HA   2  
ATOM   193  H  HB2  . GLN A 1 4 ? -2.440 -0.059 5.036   1.00 0.00 ? 4   GLN A HB2  2  
ATOM   194  H  HB3  . GLN A 1 4 ? -2.256 0.561  3.394   1.00 0.00 ? 4   GLN A HB3  2  
ATOM   195  H  HG2  . GLN A 1 4 ? -4.571 0.789  3.079   1.00 0.00 ? 4   GLN A HG2  2  
ATOM   196  H  HG3  . GLN A 1 4 ? -4.945 -0.285 4.428   1.00 0.00 ? 4   GLN A HG3  2  
ATOM   197  H  HE21 . GLN A 1 4 ? -5.853 2.558  4.010   1.00 0.00 ? 4   GLN A HE21 2  
ATOM   198  H  HE22 . GLN A 1 4 ? -5.319 3.408  5.378   1.00 0.00 ? 4   GLN A HE22 2  
ATOM   199  N  N    . ASN A 1 5 ? -1.945 -2.347 1.657   1.00 0.00 ? 5   ASN A N    2  
ATOM   200  C  CA   . ASN A 1 5 ? -1.528 -2.553 0.243   1.00 0.00 ? 5   ASN A CA   2  
ATOM   201  C  C    . ASN A 1 5 ? -1.683 -1.276 -0.591  1.00 0.00 ? 5   ASN A C    2  
ATOM   202  O  O    . ASN A 1 5 ? -2.592 -1.145 -1.387  1.00 0.00 ? 5   ASN A O    2  
ATOM   203  C  CB   . ASN A 1 5 ? -2.467 -3.647 -0.219  1.00 0.00 ? 5   ASN A CB   2  
ATOM   204  C  CG   . ASN A 1 5 ? -2.519 -3.778 -1.605  1.00 0.00 ? 5   ASN A CG   2  
ATOM   205  O  OD1  . ASN A 1 5 ? -1.885 -3.117 -2.405  1.00 0.00 ? 5   ASN A OD1  2  
ATOM   206  N  ND2  . ASN A 1 5 ? -3.308 -4.674 -1.899  1.00 0.00 ? 5   ASN A ND2  2  
ATOM   207  H  H    . ASN A 1 5 ? -1.737 -2.995 2.325   1.00 0.00 ? 5   ASN A H    2  
ATOM   208  H  HA   . ASN A 1 5 ? -0.511 -2.907 0.200   1.00 0.00 ? 5   ASN A HA   2  
ATOM   209  H  HB2  . ASN A 1 5 ? -2.157 -4.617 0.104   1.00 0.00 ? 5   ASN A HB2  2  
ATOM   210  H  HB3  . ASN A 1 5 ? -3.483 -3.465 0.078   1.00 0.00 ? 5   ASN A HB3  2  
ATOM   211  H  HD21 . ASN A 1 5 ? -3.790 -5.172 -1.202  1.00 0.00 ? 5   ASN A HD21 2  
ATOM   212  H  HD22 . ASN A 1 5 ? -3.427 -4.859 -2.701  1.00 0.00 ? 5   ASN A HD22 2  
ATOM   213  N  N    . CYS A 1 6 ? -0.799 -0.331 -0.406  1.00 0.00 ? 6   CYS A N    2  
ATOM   214  C  CA   . CYS A 1 6 ? -0.884 0.945  -1.176  1.00 0.00 ? 6   CYS A CA   2  
ATOM   215  C  C    . CYS A 1 6 ? -0.371 0.737  -2.605  1.00 0.00 ? 6   CYS A C    2  
ATOM   216  O  O    . CYS A 1 6 ? 0.805  0.514  -2.813  1.00 0.00 ? 6   CYS A O    2  
ATOM   217  C  CB   . CYS A 1 6 ? 0.023  1.925  -0.426  1.00 0.00 ? 6   CYS A CB   2  
ATOM   218  S  SG   . CYS A 1 6 ? -0.481 2.025  1.312   1.00 0.00 ? 6   CYS A SG   2  
ATOM   219  H  H    . CYS A 1 6 ? -0.078 -0.459 0.246   1.00 0.00 ? 6   CYS A H    2  
ATOM   220  H  HA   . CYS A 1 6 ? -1.897 1.314  -1.187  1.00 0.00 ? 6   CYS A HA   2  
ATOM   221  H  HB2  . CYS A 1 6 ? 1.046  1.584  -0.484  1.00 0.00 ? 6   CYS A HB2  2  
ATOM   222  H  HB3  . CYS A 1 6 ? -0.054 2.904  -0.878  1.00 0.00 ? 6   CYS A HB3  2  
ATOM   223  N  N    . PRO A 1 7 ? -1.274 0.822  -3.543  1.00 0.00 ? 7   PRO A N    2  
ATOM   224  C  CA   . PRO A 1 7 ? -0.909 0.646  -4.967  1.00 0.00 ? 7   PRO A CA   2  
ATOM   225  C  C    . PRO A 1 7 ? -0.229 1.900  -5.503  1.00 0.00 ? 7   PRO A C    2  
ATOM   226  O  O    . PRO A 1 7 ? 0.064  2.807  -4.755  1.00 0.00 ? 7   PRO A O    2  
ATOM   227  C  CB   . PRO A 1 7 ? -2.238 0.422  -5.653  1.00 0.00 ? 7   PRO A CB   2  
ATOM   228  C  CG   . PRO A 1 7 ? -3.254 1.087  -4.777  1.00 0.00 ? 7   PRO A CG   2  
ATOM   229  C  CD   . PRO A 1 7 ? -2.706 1.084  -3.371  1.00 0.00 ? 7   PRO A CD   2  
ATOM   230  H  HA   . PRO A 1 7 ? -0.282 -0.203 -5.112  1.00 0.00 ? 7   PRO A HA   2  
ATOM   231  H  HB2  . PRO A 1 7 ? -2.214 0.868  -6.628  1.00 0.00 ? 7   PRO A HB2  2  
ATOM   232  H  HB3  . PRO A 1 7 ? -2.449 -0.634 -5.727  1.00 0.00 ? 7   PRO A HB3  2  
ATOM   233  H  HG2  . PRO A 1 7 ? -3.415 2.103  -5.110  1.00 0.00 ? 7   PRO A HG2  2  
ATOM   234  H  HG3  . PRO A 1 7 ? -4.181 0.538  -4.807  1.00 0.00 ? 7   PRO A HG3  2  
ATOM   235  H  HD2  . PRO A 1 7 ? -2.866 2.047  -2.903  1.00 0.00 ? 7   PRO A HD2  2  
ATOM   236  H  HD3  . PRO A 1 7 ? -3.161 0.299  -2.789  1.00 0.00 ? 7   PRO A HD3  2  
ATOM   237  N  N    . LEU A 1 8 ? 0.023  1.927  -6.792  1.00 0.00 ? 8   LEU A N    2  
ATOM   238  C  CA   . LEU A 1 8 ? 0.700  3.091  -7.449  1.00 0.00 ? 8   LEU A CA   2  
ATOM   239  C  C    . LEU A 1 8 ? 0.612  4.365  -6.608  1.00 0.00 ? 8   LEU A C    2  
ATOM   240  O  O    . LEU A 1 8 ? -0.199 5.234  -6.864  1.00 0.00 ? 8   LEU A O    2  
ATOM   241  C  CB   . LEU A 1 8 ? -0.049 3.272  -8.767  1.00 0.00 ? 8   LEU A CB   2  
ATOM   242  C  CG   . LEU A 1 8 ? -1.551 3.356  -8.495  1.00 0.00 ? 8   LEU A CG   2  
ATOM   243  C  CD1  . LEU A 1 8 ? -2.153 4.514  -9.291  1.00 0.00 ? 8   LEU A CD1  2  
ATOM   244  C  CD2  . LEU A 1 8 ? -2.218 2.046  -8.921  1.00 0.00 ? 8   LEU A CD2  2  
ATOM   245  H  H    . LEU A 1 8 ? -0.230 1.157  -7.338  1.00 0.00 ? 8   LEU A H    2  
ATOM   246  H  HA   . LEU A 1 8 ? 1.729  2.851  -7.653  1.00 0.00 ? 8   LEU A HA   2  
ATOM   247  H  HB2  . LEU A 1 8 ? 0.282  4.181  -9.246  1.00 0.00 ? 8   LEU A HB2  2  
ATOM   248  H  HB3  . LEU A 1 8 ? 0.152  2.432  -9.412  1.00 0.00 ? 8   LEU A HB3  2  
ATOM   249  H  HG   . LEU A 1 8 ? -1.717 3.520  -7.440  1.00 0.00 ? 8   LEU A HG   2  
ATOM   250  H  HD11 . LEU A 1 8 ? -3.002 4.915  -8.758  1.00 0.00 ? 8   LEU A HD11 2  
ATOM   251  H  HD12 . LEU A 1 8 ? -2.472 4.159  -10.260 1.00 0.00 ? 8   LEU A HD12 2  
ATOM   252  H  HD13 . LEU A 1 8 ? -1.411 5.288  -9.420  1.00 0.00 ? 8   LEU A HD13 2  
ATOM   253  H  HD21 . LEU A 1 8 ? -2.988 1.786  -8.210  1.00 0.00 ? 8   LEU A HD21 2  
ATOM   254  H  HD22 . LEU A 1 8 ? -1.478 1.259  -8.956  1.00 0.00 ? 8   LEU A HD22 2  
ATOM   255  H  HD23 . LEU A 1 8 ? -2.660 2.168  -9.900  1.00 0.00 ? 8   LEU A HD23 2  
ATOM   256  N  N    . GLY A 1 9 ? 1.455  4.475  -5.616  1.00 0.00 ? 9   GLY A N    2  
ATOM   257  C  CA   . GLY A 1 9 ? 1.465  5.672  -4.740  1.00 0.00 ? 9   GLY A CA   2  
ATOM   258  C  C    . GLY A 1 9 ? 0.047  6.221  -4.562  1.00 0.00 ? 9   GLY A C    2  
ATOM   259  O  O    . GLY A 1 9 ? -0.915 5.477  -4.550  1.00 0.00 ? 9   GLY A O    2  
ATOM   260  H  H    . GLY A 1 9 ? 2.094  3.761  -5.450  1.00 0.00 ? 9   GLY A H    2  
ATOM   261  H  HA2  . GLY A 1 9 ? 2.085  6.418  -5.193  1.00 0.00 ? 9   GLY A HA2  2  
ATOM   262  H  HA3  . GLY A 1 9 ? 1.870  5.405  -3.775  1.00 0.00 ? 9   GLY A HA3  2  
HETATM 263  CU CU   . CU  B 2 . ? 0.070  -1.694 4.214   1.00 0.00 ? 101 CU  A CU   2  
HETATM 264  N  N    . NH2 C 3 . ? -0.127 7.506  -4.421  1.00 0.00 ? 102 NH2 A N    2  
HETATM 265  H  HN1  . NH2 C 3 . ? 0.646  8.109  -4.431  1.00 0.00 ? 102 NH2 A HN1  2  
HETATM 266  H  HN2  . NH2 C 3 . ? -1.030 7.871  -4.306  1.00 0.00 ? 102 NH2 A HN2  2  
ATOM   267  N  N    . CYS A 1 1 ? -0.047 -0.118 3.114   1.00 0.00 ? 1   CYS A N    3  
ATOM   268  C  CA   . CYS A 1 1 ? 1.353  0.109  2.657   1.00 0.00 ? 1   CYS A CA   3  
ATOM   269  C  C    . CYS A 1 1 ? 2.196  -1.065 3.200   1.00 0.00 ? 1   CYS A C    3  
ATOM   270  O  O    . CYS A 1 1 ? 3.023  -1.625 2.509   1.00 0.00 ? 1   CYS A O    3  
ATOM   271  C  CB   . CYS A 1 1 ? 1.780  1.442  3.270   1.00 0.00 ? 1   CYS A CB   3  
ATOM   272  S  SG   . CYS A 1 1 ? 1.245  2.793  2.188   1.00 0.00 ? 1   CYS A SG   3  
ATOM   273  H  H1   . CYS A 1 1 ? -0.382 0.698  3.663   1.00 0.00 ? 1   CYS A H1   3  
ATOM   274  H  H2   . CYS A 1 1 ? -0.662 -0.275 2.298   1.00 0.00 ? 1   CYS A H2   3  
ATOM   275  H  HA   . CYS A 1 1 ? 1.403  0.150  1.579   1.00 0.00 ? 1   CYS A HA   3  
ATOM   276  H  HB2  . CYS A 1 1 ? 1.323  1.555  4.243   1.00 0.00 ? 1   CYS A HB2  3  
ATOM   277  H  HB3  . CYS A 1 1 ? 2.856  1.466  3.372   1.00 0.00 ? 1   CYS A HB3  3  
ATOM   278  N  N    . TYR A 1 2 ? 1.956  -1.492 4.421   1.00 0.00 ? 2   TYR A N    3  
ATOM   279  C  CA   . TYR A 1 2 ? 2.655  -2.652 5.022   1.00 0.00 ? 2   TYR A CA   3  
ATOM   280  C  C    . TYR A 1 2 ? 1.536  -3.686 5.290   1.00 0.00 ? 2   TYR A C    3  
ATOM   281  O  O    . TYR A 1 2 ? 1.774  -4.868 5.435   1.00 0.00 ? 2   TYR A O    3  
ATOM   282  C  CB   . TYR A 1 2 ? 3.331  -2.248 6.337   1.00 0.00 ? 2   TYR A CB   3  
ATOM   283  C  CG   . TYR A 1 2 ? 2.571  -1.109 6.974   1.00 0.00 ? 2   TYR A CG   3  
ATOM   284  C  CD1  . TYR A 1 2 ? 1.726  -1.351 8.064   1.00 0.00 ? 2   TYR A CD1  3  
ATOM   285  C  CD2  . TYR A 1 2 ? 2.711  0.191  6.472   1.00 0.00 ? 2   TYR A CD2  3  
ATOM   286  C  CE1  . TYR A 1 2 ? 1.024  -0.294 8.654   1.00 0.00 ? 2   TYR A CE1  3  
ATOM   287  C  CE2  . TYR A 1 2 ? 2.007  1.249  7.062   1.00 0.00 ? 2   TYR A CE2  3  
ATOM   288  C  CZ   . TYR A 1 2 ? 1.164  1.005  8.152   1.00 0.00 ? 2   TYR A CZ   3  
ATOM   289  O  OH   . TYR A 1 2 ? 0.471  2.047  8.734   1.00 0.00 ? 2   TYR A OH   3  
ATOM   290  H  HA   . TYR A 1 2 ? 3.378  -3.056 4.326   1.00 0.00 ? 2   TYR A HA   3  
ATOM   291  H  HB2  . TYR A 1 2 ? 3.341  -3.093 7.010   1.00 0.00 ? 2   TYR A HB2  3  
ATOM   292  H  HB3  . TYR A 1 2 ? 4.346  -1.936 6.138   1.00 0.00 ? 2   TYR A HB3  3  
ATOM   293  H  HD1  . TYR A 1 2 ? 1.620  -2.354 8.450   1.00 0.00 ? 2   TYR A HD1  3  
ATOM   294  H  HD2  . TYR A 1 2 ? 3.362  0.378  5.630   1.00 0.00 ? 2   TYR A HD2  3  
ATOM   295  H  HE1  . TYR A 1 2 ? 0.373  -0.481 9.496   1.00 0.00 ? 2   TYR A HE1  3  
ATOM   296  H  HE2  . TYR A 1 2 ? 2.116  2.251  6.675   1.00 0.00 ? 2   TYR A HE2  3  
ATOM   297  H  HH   . TYR A 1 2 ? 0.885  2.245  9.577   1.00 0.00 ? 2   TYR A HH   3  
ATOM   298  N  N    . ILE A 1 3 ? 0.287  -3.240 5.314   1.00 0.00 ? 3   ILE A N    3  
ATOM   299  C  CA   . ILE A 1 3 ? -0.897 -4.094 5.515   1.00 0.00 ? 3   ILE A CA   3  
ATOM   300  C  C    . ILE A 1 3 ? -2.022 -3.421 4.700   1.00 0.00 ? 3   ILE A C    3  
ATOM   301  O  O    . ILE A 1 3 ? -3.076 -3.989 4.488   1.00 0.00 ? 3   ILE A O    3  
ATOM   302  C  CB   . ILE A 1 3 ? -1.260 -4.138 7.004   1.00 0.00 ? 3   ILE A CB   3  
ATOM   303  C  CG1  . ILE A 1 3 ? -2.334 -5.212 7.244   1.00 0.00 ? 3   ILE A CG1  3  
ATOM   304  C  CG2  . ILE A 1 3 ? -1.776 -2.768 7.452   1.00 0.00 ? 3   ILE A CG2  3  
ATOM   305  C  CD1  . ILE A 1 3 ? -3.723 -4.680 6.872   1.00 0.00 ? 3   ILE A CD1  3  
ATOM   306  H  HA   . ILE A 1 3 ? -0.709 -5.089 5.139   1.00 0.00 ? 3   ILE A HA   3  
ATOM   307  H  HB   . ILE A 1 3 ? -0.376 -4.385 7.573   1.00 0.00 ? 3   ILE A HB   3  
ATOM   308  H  HG12 . ILE A 1 3 ? -2.111 -6.079 6.641   1.00 0.00 ? 3   ILE A HG12 3  
ATOM   309  H  HG13 . ILE A 1 3 ? -2.328 -5.493 8.287   1.00 0.00 ? 3   ILE A HG13 3  
ATOM   310  H  HG21 . ILE A 1 3 ? -2.712 -2.556 6.959   1.00 0.00 ? 3   ILE A HG21 3  
ATOM   311  H  HG22 . ILE A 1 3 ? -1.052 -2.008 7.195   1.00 0.00 ? 3   ILE A HG22 3  
ATOM   312  H  HG23 . ILE A 1 3 ? -1.926 -2.772 8.522   1.00 0.00 ? 3   ILE A HG23 3  
ATOM   313  H  HD11 . ILE A 1 3 ? -4.170 -5.328 6.131   1.00 0.00 ? 3   ILE A HD11 3  
ATOM   314  H  HD12 . ILE A 1 3 ? -3.638 -3.682 6.469   1.00 0.00 ? 3   ILE A HD12 3  
ATOM   315  H  HD13 . ILE A 1 3 ? -4.348 -4.659 7.752   1.00 0.00 ? 3   ILE A HD13 3  
ATOM   316  N  N    . GLN A 1 4 ? -1.816 -2.203 4.212   1.00 0.00 ? 4   GLN A N    3  
ATOM   317  C  CA   . GLN A 1 4 ? -2.856 -1.494 3.403   1.00 0.00 ? 4   GLN A CA   3  
ATOM   318  C  C    . GLN A 1 4 ? -2.476 -1.489 1.954   1.00 0.00 ? 4   GLN A C    3  
ATOM   319  O  O    . GLN A 1 4 ? -2.792 -0.603 1.186   1.00 0.00 ? 4   GLN A O    3  
ATOM   320  C  CB   . GLN A 1 4 ? -2.941 -0.099 3.863   1.00 0.00 ? 4   GLN A CB   3  
ATOM   321  C  CG   . GLN A 1 4 ? -4.084 0.007  4.849   1.00 0.00 ? 4   GLN A CG   3  
ATOM   322  C  CD   . GLN A 1 4 ? -4.305 1.471  5.235   1.00 0.00 ? 4   GLN A CD   3  
ATOM   323  O  OE1  . GLN A 1 4 ? -3.585 2.344  4.794   1.00 0.00 ? 4   GLN A OE1  3  
ATOM   324  N  NE2  . GLN A 1 4 ? -5.278 1.779  6.048   1.00 0.00 ? 4   GLN A NE2  3  
ATOM   325  H  HA   . GLN A 1 4 ? -3.792 -1.984 3.520   1.00 0.00 ? 4   GLN A HA   3  
ATOM   326  H  HB2  . GLN A 1 4 ? -2.005 0.148  4.333   1.00 0.00 ? 4   GLN A HB2  3  
ATOM   327  H  HB3  . GLN A 1 4 ? -3.116 0.524  3.010   1.00 0.00 ? 4   GLN A HB3  3  
ATOM   328  H  HG2  . GLN A 1 4 ? -4.976 -0.394 4.392   1.00 0.00 ? 4   GLN A HG2  3  
ATOM   329  H  HG3  . GLN A 1 4 ? -3.839 -0.569 5.729   1.00 0.00 ? 4   GLN A HG3  3  
ATOM   330  H  HE21 . GLN A 1 4 ? -5.860 1.076  6.405   1.00 0.00 ? 4   GLN A HE21 3  
ATOM   331  H  HE22 . GLN A 1 4 ? -5.429 2.715  6.301   1.00 0.00 ? 4   GLN A HE22 3  
ATOM   332  N  N    . ASN A 1 5 ? -1.804 -2.497 1.639   1.00 0.00 ? 5   ASN A N    3  
ATOM   333  C  CA   . ASN A 1 5 ? -1.288 -2.758 0.268   1.00 0.00 ? 5   ASN A CA   3  
ATOM   334  C  C    . ASN A 1 5 ? -1.407 -1.526 -0.637  1.00 0.00 ? 5   ASN A C    3  
ATOM   335  O  O    . ASN A 1 5 ? -2.131 -1.524 -1.614  1.00 0.00 ? 5   ASN A O    3  
ATOM   336  C  CB   . ASN A 1 5 ? -2.170 -3.893 -0.207  1.00 0.00 ? 5   ASN A CB   3  
ATOM   337  C  CG   . ASN A 1 5 ? -2.036 -4.157 -1.570  1.00 0.00 ? 5   ASN A CG   3  
ATOM   338  O  OD1  . ASN A 1 5 ? -1.294 -3.574 -2.336  1.00 0.00 ? 5   ASN A OD1  3  
ATOM   339  N  ND2  . ASN A 1 5 ? -2.788 -5.079 -1.880  1.00 0.00 ? 5   ASN A ND2  3  
ATOM   340  H  H    . ASN A 1 5 ? -1.647 -3.118 2.344   1.00 0.00 ? 5   ASN A H    3  
ATOM   341  H  HA   . ASN A 1 5 ? -0.263 -3.092 0.311   1.00 0.00 ? 5   ASN A HA   3  
ATOM   342  H  HB2  . ASN A 1 5 ? -1.917 -4.827 0.245   1.00 0.00 ? 5   ASN A HB2  3  
ATOM   343  H  HB3  . ASN A 1 5 ? -3.214 -3.685 -0.070  1.00 0.00 ? 5   ASN A HB3  3  
ATOM   344  H  HD21 . ASN A 1 5 ? -3.364 -5.509 -1.210  1.00 0.00 ? 5   ASN A HD21 3  
ATOM   345  H  HD22 . ASN A 1 5 ? -2.801 -5.338 -2.670  1.00 0.00 ? 5   ASN A HD22 3  
ATOM   346  N  N    . CYS A 1 6 ? -0.700 -0.476 -0.310  1.00 0.00 ? 6   CYS A N    3  
ATOM   347  C  CA   . CYS A 1 6 ? -0.762 0.760  -1.142  1.00 0.00 ? 6   CYS A CA   3  
ATOM   348  C  C    . CYS A 1 6 ? -0.282 0.459  -2.564  1.00 0.00 ? 6   CYS A C    3  
ATOM   349  O  O    . CYS A 1 6 ? 0.854  0.076  -2.765  1.00 0.00 ? 6   CYS A O    3  
ATOM   350  C  CB   . CYS A 1 6 ? 0.184  1.750  -0.455  1.00 0.00 ? 6   CYS A CB   3  
ATOM   351  S  SG   . CYS A 1 6 ? -0.383 2.060  1.238   1.00 0.00 ? 6   CYS A SG   3  
ATOM   352  H  H    . CYS A 1 6 ? -0.124 -0.503 0.483   1.00 0.00 ? 6   CYS A H    3  
ATOM   353  H  HA   . CYS A 1 6 ? -1.765 1.156  -1.153  1.00 0.00 ? 6   CYS A HA   3  
ATOM   354  H  HB2  . CYS A 1 6 ? 1.180  1.336  -0.429  1.00 0.00 ? 6   CYS A HB2  3  
ATOM   355  H  HB3  . CYS A 1 6 ? 0.194  2.679  -1.005  1.00 0.00 ? 6   CYS A HB3  3  
ATOM   356  N  N    . PRO A 1 7 ? -1.167 0.643  -3.507  1.00 0.00 ? 7   PRO A N    3  
ATOM   357  C  CA   . PRO A 1 7 ? -0.828 0.385  -4.928  1.00 0.00 ? 7   PRO A CA   3  
ATOM   358  C  C    . PRO A 1 7 ? 0.083  1.479  -5.471  1.00 0.00 ? 7   PRO A C    3  
ATOM   359  O  O    . PRO A 1 7 ? 0.518  2.336  -4.736  1.00 0.00 ? 7   PRO A O    3  
ATOM   360  C  CB   . PRO A 1 7 ? -2.171 0.400  -5.625  1.00 0.00 ? 7   PRO A CB   3  
ATOM   361  C  CG   . PRO A 1 7 ? -3.052 1.246  -4.761  1.00 0.00 ? 7   PRO A CG   3  
ATOM   362  C  CD   . PRO A 1 7 ? -2.550 1.104  -3.346  1.00 0.00 ? 7   PRO A CD   3  
ATOM   363  H  HA   . PRO A 1 7 ? -0.372 -0.570 -5.053  1.00 0.00 ? 7   PRO A HA   3  
ATOM   364  H  HB2  . PRO A 1 7 ? -2.059 0.828  -6.601  1.00 0.00 ? 7   PRO A HB2  3  
ATOM   365  H  HB3  . PRO A 1 7 ? -2.570 -0.599 -5.695  1.00 0.00 ? 7   PRO A HB3  3  
ATOM   366  H  HG2  . PRO A 1 7 ? -2.994 2.279  -5.074  1.00 0.00 ? 7   PRO A HG2  3  
ATOM   367  H  HG3  . PRO A 1 7 ? -4.071 0.897  -4.819  1.00 0.00 ? 7   PRO A HG3  3  
ATOM   368  H  HD2  . PRO A 1 7 ? -2.578 2.057  -2.837  1.00 0.00 ? 7   PRO A HD2  3  
ATOM   369  H  HD3  . PRO A 1 7 ? -3.126 0.367  -2.808  1.00 0.00 ? 7   PRO A HD3  3  
ATOM   370  N  N    . LEU A 1 8 ? 0.373  1.425  -6.753  1.00 0.00 ? 8   LEU A N    3  
ATOM   371  C  CA   . LEU A 1 8 ? 1.270  2.428  -7.414  1.00 0.00 ? 8   LEU A CA   3  
ATOM   372  C  C    . LEU A 1 8 ? 1.394  3.722  -6.604  1.00 0.00 ? 8   LEU A C    3  
ATOM   373  O  O    . LEU A 1 8 ? 0.774  4.719  -6.912  1.00 0.00 ? 8   LEU A O    3  
ATOM   374  C  CB   . LEU A 1 8 ? 0.605  2.707  -8.760  1.00 0.00 ? 8   LEU A CB   3  
ATOM   375  C  CG   . LEU A 1 8 ? -0.893 2.932  -8.556  1.00 0.00 ? 8   LEU A CG   3  
ATOM   376  C  CD1  . LEU A 1 8 ? -1.301 4.263  -9.188  1.00 0.00 ? 8   LEU A CD1  3  
ATOM   377  C  CD2  . LEU A 1 8 ? -1.673 1.793  -9.219  1.00 0.00 ? 8   LEU A CD2  3  
ATOM   378  H  H    . LEU A 1 8 ? -0.003 0.702  -7.293  1.00 0.00 ? 8   LEU A H    3  
ATOM   379  H  HA   . LEU A 1 8 ? 2.243  1.998  -7.579  1.00 0.00 ? 8   LEU A HA   3  
ATOM   380  H  HB2  . LEU A 1 8 ? 1.045  3.587  -9.200  1.00 0.00 ? 8   LEU A HB2  3  
ATOM   381  H  HB3  . LEU A 1 8 ? 0.754  1.864  -9.417  1.00 0.00 ? 8   LEU A HB3  3  
ATOM   382  H  HG   . LEU A 1 8 ? -1.112 2.953  -7.498  1.00 0.00 ? 8   LEU A HG   3  
ATOM   383  H  HD11 . LEU A 1 8 ? -2.076 4.722  -8.592  1.00 0.00 ? 8   LEU A HD11 3  
ATOM   384  H  HD12 . LEU A 1 8 ? -1.673 4.088  -10.187 1.00 0.00 ? 8   LEU A HD12 3  
ATOM   385  H  HD13 . LEU A 1 8 ? -0.444 4.918  -9.232  1.00 0.00 ? 8   LEU A HD13 3  
ATOM   386  H  HD21 . LEU A 1 8 ? -2.720 1.881  -8.969  1.00 0.00 ? 8   LEU A HD21 3  
ATOM   387  H  HD22 . LEU A 1 8 ? -1.297 0.845  -8.863  1.00 0.00 ? 8   LEU A HD22 3  
ATOM   388  H  HD23 . LEU A 1 8 ? -1.552 1.850  -10.289 1.00 0.00 ? 8   LEU A HD23 3  
ATOM   389  N  N    . GLY A 1 9 ? 2.210  3.701  -5.581  1.00 0.00 ? 9   GLY A N    3  
ATOM   390  C  CA   . GLY A 1 9 ? 2.415  4.902  -4.732  1.00 0.00 ? 9   GLY A CA   3  
ATOM   391  C  C    . GLY A 1 9 ? 1.126  5.722  -4.637  1.00 0.00 ? 9   GLY A C    3  
ATOM   392  O  O    . GLY A 1 9 ? 0.044  5.177  -4.545  1.00 0.00 ? 9   GLY A O    3  
ATOM   393  H  H    . GLY A 1 9 ? 2.698  2.886  -5.372  1.00 0.00 ? 9   GLY A H    3  
ATOM   394  H  HA2  . GLY A 1 9 ? 3.190  5.498  -5.169  1.00 0.00 ? 9   GLY A HA2  3  
ATOM   395  H  HA3  . GLY A 1 9 ? 2.717  4.592  -3.742  1.00 0.00 ? 9   GLY A HA3  3  
HETATM 396  CU CU   . CU  B 2 . ? 0.069  -1.689 4.219   1.00 0.00 ? 101 CU  A CU   3  
HETATM 397  N  N    . NH2 C 3 . ? 1.197  7.024  -4.655  1.00 0.00 ? 102 NH2 A N    3  
HETATM 398  H  HN1  . NH2 C 3 . ? 2.068  7.467  -4.730  1.00 0.00 ? 102 NH2 A HN1  3  
HETATM 399  H  HN2  . NH2 C 3 . ? 0.379  7.561  -4.597  1.00 0.00 ? 102 NH2 A HN2  3  
ATOM   400  N  N    . CYS A 1 1 ? -0.047 -0.116 3.112   1.00 0.00 ? 1   CYS A N    4  
ATOM   401  C  CA   . CYS A 1 1 ? 1.356  0.110  2.654   1.00 0.00 ? 1   CYS A CA   4  
ATOM   402  C  C    . CYS A 1 1 ? 2.201  -1.060 3.202   1.00 0.00 ? 1   CYS A C    4  
ATOM   403  O  O    . CYS A 1 1 ? 3.036  -1.611 2.516   1.00 0.00 ? 1   CYS A O    4  
ATOM   404  C  CB   . CYS A 1 1 ? 1.780  1.449  3.260   1.00 0.00 ? 1   CYS A CB   4  
ATOM   405  S  SG   . CYS A 1 1 ? 0.855  2.786  2.460   1.00 0.00 ? 1   CYS A SG   4  
ATOM   406  H  H1   . CYS A 1 1 ? -0.381 0.700  3.662   1.00 0.00 ? 1   CYS A H1   4  
ATOM   407  H  H2   . CYS A 1 1 ? -0.659 -0.271 2.297   1.00 0.00 ? 1   CYS A H2   4  
ATOM   408  H  HA   . CYS A 1 1 ? 1.405  0.143  1.577   1.00 0.00 ? 1   CYS A HA   4  
ATOM   409  H  HB2  . CYS A 1 1 ? 1.571  1.447  4.320   1.00 0.00 ? 1   CYS A HB2  4  
ATOM   410  H  HB3  . CYS A 1 1 ? 2.838  1.597  3.101   1.00 0.00 ? 1   CYS A HB3  4  
ATOM   411  N  N    . TYR A 1 2 ? 1.953  -1.495 4.420   1.00 0.00 ? 2   TYR A N    4  
ATOM   412  C  CA   . TYR A 1 2 ? 2.654  -2.653 5.020   1.00 0.00 ? 2   TYR A CA   4  
ATOM   413  C  C    . TYR A 1 2 ? 1.536  -3.684 5.297   1.00 0.00 ? 2   TYR A C    4  
ATOM   414  O  O    . TYR A 1 2 ? 1.777  -4.863 5.464   1.00 0.00 ? 2   TYR A O    4  
ATOM   415  C  CB   . TYR A 1 2 ? 3.333  -2.243 6.329   1.00 0.00 ? 2   TYR A CB   4  
ATOM   416  C  CG   . TYR A 1 2 ? 2.286  -1.830 7.334   1.00 0.00 ? 2   TYR A CG   4  
ATOM   417  C  CD1  . TYR A 1 2 ? 1.744  -2.777 8.211   1.00 0.00 ? 2   TYR A CD1  4  
ATOM   418  C  CD2  . TYR A 1 2 ? 1.856  -0.499 7.390   1.00 0.00 ? 2   TYR A CD2  4  
ATOM   419  C  CE1  . TYR A 1 2 ? 0.773  -2.394 9.143   1.00 0.00 ? 2   TYR A CE1  4  
ATOM   420  C  CE2  . TYR A 1 2 ? 0.885  -0.115 8.321   1.00 0.00 ? 2   TYR A CE2  4  
ATOM   421  C  CZ   . TYR A 1 2 ? 0.344  -1.064 9.199   1.00 0.00 ? 2   TYR A CZ   4  
ATOM   422  O  OH   . TYR A 1 2 ? -0.613 -0.685 10.118  1.00 0.00 ? 2   TYR A OH   4  
ATOM   423  H  HA   . TYR A 1 2 ? 3.374  -3.059 4.322   1.00 0.00 ? 2   TYR A HA   4  
ATOM   424  H  HB2  . TYR A 1 2 ? 3.897  -3.079 6.718   1.00 0.00 ? 2   TYR A HB2  4  
ATOM   425  H  HB3  . TYR A 1 2 ? 4.000  -1.414 6.143   1.00 0.00 ? 2   TYR A HB3  4  
ATOM   426  H  HD1  . TYR A 1 2 ? 2.077  -3.805 8.167   1.00 0.00 ? 2   TYR A HD1  4  
ATOM   427  H  HD2  . TYR A 1 2 ? 2.274  0.232  6.714   1.00 0.00 ? 2   TYR A HD2  4  
ATOM   428  H  HE1  . TYR A 1 2 ? 0.356  -3.125 9.819   1.00 0.00 ? 2   TYR A HE1  4  
ATOM   429  H  HE2  . TYR A 1 2 ? 0.553  0.912  8.366   1.00 0.00 ? 2   TYR A HE2  4  
ATOM   430  H  HH   . TYR A 1 2 ? -1.474 -0.930 9.769   1.00 0.00 ? 2   TYR A HH   4  
ATOM   431  N  N    . ILE A 1 3 ? 0.287  -3.243 5.309   1.00 0.00 ? 3   ILE A N    4  
ATOM   432  C  CA   . ILE A 1 3 ? -0.898 -4.094 5.518   1.00 0.00 ? 3   ILE A CA   4  
ATOM   433  C  C    . ILE A 1 3 ? -2.040 -3.407 4.743   1.00 0.00 ? 3   ILE A C    4  
ATOM   434  O  O    . ILE A 1 3 ? -3.120 -3.943 4.599   1.00 0.00 ? 3   ILE A O    4  
ATOM   435  C  CB   . ILE A 1 3 ? -1.225 -4.165 7.014   1.00 0.00 ? 3   ILE A CB   4  
ATOM   436  C  CG1  . ILE A 1 3 ? -2.288 -5.250 7.262   1.00 0.00 ? 3   ILE A CG1  4  
ATOM   437  C  CG2  . ILE A 1 3 ? -1.731 -2.803 7.501   1.00 0.00 ? 3   ILE A CG2  4  
ATOM   438  C  CD1  . ILE A 1 3 ? -3.696 -4.708 6.982   1.00 0.00 ? 3   ILE A CD1  4  
ATOM   439  H  HA   . ILE A 1 3 ? -0.720 -5.084 5.122   1.00 0.00 ? 3   ILE A HA   4  
ATOM   440  H  HB   . ILE A 1 3 ? -0.326 -4.419 7.559   1.00 0.00 ? 3   ILE A HB   4  
ATOM   441  H  HG12 . ILE A 1 3 ? -2.096 -6.090 6.612   1.00 0.00 ? 3   ILE A HG12 4  
ATOM   442  H  HG13 . ILE A 1 3 ? -2.231 -5.575 8.289   1.00 0.00 ? 3   ILE A HG13 4  
ATOM   443  H  HG21 . ILE A 1 3 ? -1.956 -2.859 8.556   1.00 0.00 ? 3   ILE A HG21 4  
ATOM   444  H  HG22 . ILE A 1 3 ? -2.624 -2.535 6.955   1.00 0.00 ? 3   ILE A HG22 4  
ATOM   445  H  HG23 . ILE A 1 3 ? -0.970 -2.056 7.334   1.00 0.00 ? 3   ILE A HG23 4  
ATOM   446  H  HD11 . ILE A 1 3 ? -4.188 -5.342 6.259   1.00 0.00 ? 3   ILE A HD11 4  
ATOM   447  H  HD12 . ILE A 1 3 ? -3.633 -3.704 6.594   1.00 0.00 ? 3   ILE A HD12 4  
ATOM   448  H  HD13 . ILE A 1 3 ? -4.267 -4.701 7.899   1.00 0.00 ? 3   ILE A HD13 4  
ATOM   449  N  N    . GLN A 1 4 ? -1.819 -2.207 4.216   1.00 0.00 ? 4   GLN A N    4  
ATOM   450  C  CA   . GLN A 1 4 ? -2.881 -1.484 3.446   1.00 0.00 ? 4   GLN A CA   4  
ATOM   451  C  C    . GLN A 1 4 ? -2.513 -1.384 1.997   1.00 0.00 ? 4   GLN A C    4  
ATOM   452  O  O    . GLN A 1 4 ? -2.888 -0.480 1.278   1.00 0.00 ? 4   GLN A O    4  
ATOM   453  C  CB   . GLN A 1 4 ? -3.006 -0.117 3.983   1.00 0.00 ? 4   GLN A CB   4  
ATOM   454  C  CG   . GLN A 1 4 ? -3.990 -0.141 5.138   1.00 0.00 ? 4   GLN A CG   4  
ATOM   455  C  CD   . GLN A 1 4 ? -4.318 1.288  5.575   1.00 0.00 ? 4   GLN A CD   4  
ATOM   456  O  OE1  . GLN A 1 4 ? -4.366 2.188  4.760   1.00 0.00 ? 4   GLN A OE1  4  
ATOM   457  N  NE2  . GLN A 1 4 ? -4.546 1.535  6.835   1.00 0.00 ? 4   GLN A NE2  4  
ATOM   458  H  HA   . GLN A 1 4 ? -3.800 -2.008 3.534   1.00 0.00 ? 4   GLN A HA   4  
ATOM   459  H  HB2  . GLN A 1 4 ? -2.032 0.195  4.320   1.00 0.00 ? 4   GLN A HB2  4  
ATOM   460  H  HB3  . GLN A 1 4 ? -3.358 0.523  3.200   1.00 0.00 ? 4   GLN A HB3  4  
ATOM   461  H  HG2  . GLN A 1 4 ? -4.891 -0.644 4.818   1.00 0.00 ? 4   GLN A HG2  4  
ATOM   462  H  HG3  . GLN A 1 4 ? -3.549 -0.681 5.961   1.00 0.00 ? 4   GLN A HG3  4  
ATOM   463  H  HE21 . GLN A 1 4 ? -4.506 0.809  7.492   1.00 0.00 ? 4   GLN A HE21 4  
ATOM   464  H  HE22 . GLN A 1 4 ? -4.756 2.448  7.126   1.00 0.00 ? 4   GLN A HE22 4  
ATOM   465  N  N    . ASN A 1 5 ? -1.786 -2.333 1.627   1.00 0.00 ? 5   ASN A N    4  
ATOM   466  C  CA   . ASN A 1 5 ? -1.268 -2.494 0.240   1.00 0.00 ? 5   ASN A CA   4  
ATOM   467  C  C    . ASN A 1 5 ? -1.495 -1.234 -0.606  1.00 0.00 ? 5   ASN A C    4  
ATOM   468  O  O    . ASN A 1 5 ? -2.272 -1.227 -1.538  1.00 0.00 ? 5   ASN A O    4  
ATOM   469  C  CB   . ASN A 1 5 ? -2.065 -3.670 -0.281  1.00 0.00 ? 5   ASN A CB   4  
ATOM   470  C  CG   . ASN A 1 5 ? -1.945 -3.846 -1.659  1.00 0.00 ? 5   ASN A CG   4  
ATOM   471  O  OD1  . ASN A 1 5 ? -1.283 -3.153 -2.406  1.00 0.00 ? 5   ASN A OD1  4  
ATOM   472  N  ND2  . ASN A 1 5 ? -2.615 -4.817 -2.005  1.00 0.00 ? 5   ASN A ND2  4  
ATOM   473  H  H    . ASN A 1 5 ? -1.586 -2.980 2.300   1.00 0.00 ? 5   ASN A H    4  
ATOM   474  H  HA   . ASN A 1 5 ? -0.220 -2.748 0.258   1.00 0.00 ? 5   ASN A HA   4  
ATOM   475  H  HB2  . ASN A 1 5 ? -1.726 -4.604 0.110   1.00 0.00 ? 5   ASN A HB2  4  
ATOM   476  H  HB3  . ASN A 1 5 ? -3.119 -3.557 -0.112  1.00 0.00 ? 5   ASN A HB3  4  
ATOM   477  H  HD21 . ASN A 1 5 ? -3.128 -5.337 -1.348  1.00 0.00 ? 5   ASN A HD21 4  
ATOM   478  H  HD22 . ASN A 1 5 ? -2.626 -5.032 -2.808  1.00 0.00 ? 5   ASN A HD22 4  
ATOM   479  N  N    . CYS A 1 6 ? -0.818 -0.165 -0.273  1.00 0.00 ? 6   CYS A N    4  
ATOM   480  C  CA   . CYS A 1 6 ? -0.987 1.101  -1.042  1.00 0.00 ? 6   CYS A CA   4  
ATOM   481  C  C    . CYS A 1 6 ? 0.081  1.207  -2.133  1.00 0.00 ? 6   CYS A C    4  
ATOM   482  O  O    . CYS A 1 6 ? 1.211  0.807  -1.935  1.00 0.00 ? 6   CYS A O    4  
ATOM   483  C  CB   . CYS A 1 6 ? -0.818 2.218  -0.007  1.00 0.00 ? 6   CYS A CB   4  
ATOM   484  S  SG   . CYS A 1 6 ? 0.921  2.337  0.489   1.00 0.00 ? 6   CYS A SG   4  
ATOM   485  H  H    . CYS A 1 6 ? -0.200 -0.196 0.487   1.00 0.00 ? 6   CYS A H    4  
ATOM   486  H  HA   . CYS A 1 6 ? -1.974 1.149  -1.476  1.00 0.00 ? 6   CYS A HA   4  
ATOM   487  H  HB2  . CYS A 1 6 ? -1.133 3.158  -0.438  1.00 0.00 ? 6   CYS A HB2  4  
ATOM   488  H  HB3  . CYS A 1 6 ? -1.426 2.000  0.860   1.00 0.00 ? 6   CYS A HB3  4  
ATOM   489  N  N    . PRO A 1 7 ? -0.318 1.747  -3.252  1.00 0.00 ? 7   PRO A N    4  
ATOM   490  C  CA   . PRO A 1 7 ? 0.611  1.913  -4.394  1.00 0.00 ? 7   PRO A CA   4  
ATOM   491  C  C    . PRO A 1 7 ? 1.589  3.053  -4.135  1.00 0.00 ? 7   PRO A C    4  
ATOM   492  O  O    . PRO A 1 7 ? 1.644  3.583  -3.048  1.00 0.00 ? 7   PRO A O    4  
ATOM   493  C  CB   . PRO A 1 7 ? -0.302 2.240  -5.555  1.00 0.00 ? 7   PRO A CB   4  
ATOM   494  C  CG   . PRO A 1 7 ? -1.524 2.843  -4.937  1.00 0.00 ? 7   PRO A CG   4  
ATOM   495  C  CD   . PRO A 1 7 ? -1.661 2.250  -3.557  1.00 0.00 ? 7   PRO A CD   4  
ATOM   496  H  HA   . PRO A 1 7 ? 1.145  1.014  -4.602  1.00 0.00 ? 7   PRO A HA   4  
ATOM   497  H  HB2  . PRO A 1 7 ? 0.187  2.935  -6.207  1.00 0.00 ? 7   PRO A HB2  4  
ATOM   498  H  HB3  . PRO A 1 7 ? -0.565 1.341  -6.090  1.00 0.00 ? 7   PRO A HB3  4  
ATOM   499  H  HG2  . PRO A 1 7 ? -1.409 3.917  -4.869  1.00 0.00 ? 7   PRO A HG2  4  
ATOM   500  H  HG3  . PRO A 1 7 ? -2.394 2.601  -5.524  1.00 0.00 ? 7   PRO A HG3  4  
ATOM   501  H  HD2  . PRO A 1 7 ? -1.955 3.011  -2.846  1.00 0.00 ? 7   PRO A HD2  4  
ATOM   502  H  HD3  . PRO A 1 7 ? -2.371 1.437  -3.562  1.00 0.00 ? 7   PRO A HD3  4  
ATOM   503  N  N    . LEU A 1 8 ? 2.358  3.401  -5.139  1.00 0.00 ? 8   LEU A N    4  
ATOM   504  C  CA   . LEU A 1 8 ? 3.377  4.497  -5.026  1.00 0.00 ? 8   LEU A CA   4  
ATOM   505  C  C    . LEU A 1 8 ? 3.098  5.424  -3.839  1.00 0.00 ? 8   LEU A C    4  
ATOM   506  O  O    . LEU A 1 8 ? 2.534  6.488  -3.989  1.00 0.00 ? 8   LEU A O    4  
ATOM   507  C  CB   . LEU A 1 8 ? 3.263  5.260  -6.345  1.00 0.00 ? 8   LEU A CB   4  
ATOM   508  C  CG   . LEU A 1 8 ? 4.047  6.574  -6.261  1.00 0.00 ? 8   LEU A CG   4  
ATOM   509  C  CD1  . LEU A 1 8 ? 5.419  6.316  -5.634  1.00 0.00 ? 8   LEU A CD1  4  
ATOM   510  C  CD2  . LEU A 1 8 ? 4.233  7.144  -7.669  1.00 0.00 ? 8   LEU A CD2  4  
ATOM   511  H  H    . LEU A 1 8 ? 2.271  2.925  -5.988  1.00 0.00 ? 8   LEU A H    4  
ATOM   512  H  HA   . LEU A 1 8 ? 4.364  4.073  -4.941  1.00 0.00 ? 8   LEU A HA   4  
ATOM   513  H  HB2  . LEU A 1 8 ? 3.666  4.653  -7.143  1.00 0.00 ? 8   LEU A HB2  4  
ATOM   514  H  HB3  . LEU A 1 8 ? 2.224  5.474  -6.547  1.00 0.00 ? 8   LEU A HB3  4  
ATOM   515  H  HG   . LEU A 1 8 ? 3.501  7.281  -5.654  1.00 0.00 ? 8   LEU A HG   4  
ATOM   516  H  HD11 . LEU A 1 8 ? 5.714  5.294  -5.822  1.00 0.00 ? 8   LEU A HD11 4  
ATOM   517  H  HD12 . LEU A 1 8 ? 5.365  6.486  -4.568  1.00 0.00 ? 8   LEU A HD12 4  
ATOM   518  H  HD13 . LEU A 1 8 ? 6.145  6.987  -6.069  1.00 0.00 ? 8   LEU A HD13 4  
ATOM   519  H  HD21 . LEU A 1 8 ? 3.706  6.526  -8.380  1.00 0.00 ? 8   LEU A HD21 4  
ATOM   520  H  HD22 . LEU A 1 8 ? 5.283  7.162  -7.914  1.00 0.00 ? 8   LEU A HD22 4  
ATOM   521  H  HD23 . LEU A 1 8 ? 3.838  8.149  -7.704  1.00 0.00 ? 8   LEU A HD23 4  
ATOM   522  N  N    . GLY A 1 9 ? 3.479  5.003  -2.660  1.00 0.00 ? 9   GLY A N    4  
ATOM   523  C  CA   . GLY A 1 9 ? 3.247  5.816  -1.442  1.00 0.00 ? 9   GLY A CA   4  
ATOM   524  C  C    . GLY A 1 9 ? 3.374  7.307  -1.760  1.00 0.00 ? 9   GLY A C    4  
ATOM   525  O  O    . GLY A 1 9 ? 2.393  7.979  -2.014  1.00 0.00 ? 9   GLY A O    4  
ATOM   526  H  H    . GLY A 1 9 ? 3.904  4.132  -2.576  1.00 0.00 ? 9   GLY A H    4  
ATOM   527  H  HA2  . GLY A 1 9 ? 3.974  5.550  -0.690  1.00 0.00 ? 9   GLY A HA2  4  
ATOM   528  H  HA3  . GLY A 1 9 ? 2.263  5.602  -1.074  1.00 0.00 ? 9   GLY A HA3  4  
HETATM 529  CU CU   . CU  B 2 . ? 0.066  -1.690 4.216   1.00 0.00 ? 101 CU  A CU   4  
HETATM 530  N  N    . NH2 C 3 . ? 4.556  7.861  -1.757  1.00 0.00 ? 102 NH2 A N    4  
HETATM 531  H  HN1  . NH2 C 3 . ? 5.349  7.322  -1.552  1.00 0.00 ? 102 NH2 A HN1  4  
HETATM 532  H  HN2  . NH2 C 3 . ? 4.651  8.815  -1.959  1.00 0.00 ? 102 NH2 A HN2  4  
ATOM   533  N  N    . CYS A 1 1 ? -0.046 -0.117 3.115   1.00 0.00 ? 1   CYS A N    5  
ATOM   534  C  CA   . CYS A 1 1 ? 1.355  0.107  2.654   1.00 0.00 ? 1   CYS A CA   5  
ATOM   535  C  C    . CYS A 1 1 ? 2.197  -1.065 3.201   1.00 0.00 ? 1   CYS A C    5  
ATOM   536  O  O    . CYS A 1 1 ? 3.024  -1.626 2.511   1.00 0.00 ? 1   CYS A O    5  
ATOM   537  C  CB   . CYS A 1 1 ? 1.784  1.443  3.262   1.00 0.00 ? 1   CYS A CB   5  
ATOM   538  S  SG   . CYS A 1 1 ? 1.211  2.790  2.196   1.00 0.00 ? 1   CYS A SG   5  
ATOM   539  H  H1   . CYS A 1 1 ? -0.378 0.700  3.664   1.00 0.00 ? 1   CYS A H1   5  
ATOM   540  H  H2   . CYS A 1 1 ? -0.663 -0.275 2.300   1.00 0.00 ? 1   CYS A H2   5  
ATOM   541  H  HA   . CYS A 1 1 ? 1.401  0.143  1.576   1.00 0.00 ? 1   CYS A HA   5  
ATOM   542  H  HB2  . CYS A 1 1 ? 1.350  1.550  4.244   1.00 0.00 ? 1   CYS A HB2  5  
ATOM   543  H  HB3  . CYS A 1 1 ? 2.862  1.475  3.337   1.00 0.00 ? 1   CYS A HB3  5  
ATOM   544  N  N    . TYR A 1 2 ? 1.956  -1.491 4.422   1.00 0.00 ? 2   TYR A N    5  
ATOM   545  C  CA   . TYR A 1 2 ? 2.653  -2.650 5.026   1.00 0.00 ? 2   TYR A CA   5  
ATOM   546  C  C    . TYR A 1 2 ? 1.534  -3.685 5.284   1.00 0.00 ? 2   TYR A C    5  
ATOM   547  O  O    . TYR A 1 2 ? 1.774  -4.869 5.418   1.00 0.00 ? 2   TYR A O    5  
ATOM   548  C  CB   . TYR A 1 2 ? 3.315  -2.243 6.345   1.00 0.00 ? 2   TYR A CB   5  
ATOM   549  C  CG   . TYR A 1 2 ? 3.794  -3.478 7.070   1.00 0.00 ? 2   TYR A CG   5  
ATOM   550  C  CD1  . TYR A 1 2 ? 4.777  -4.290 6.494   1.00 0.00 ? 2   TYR A CD1  5  
ATOM   551  C  CD2  . TYR A 1 2 ? 3.257  -3.808 8.320   1.00 0.00 ? 2   TYR A CD2  5  
ATOM   552  C  CE1  . TYR A 1 2 ? 5.223  -5.435 7.166   1.00 0.00 ? 2   TYR A CE1  5  
ATOM   553  C  CE2  . TYR A 1 2 ? 3.702  -4.952 8.993   1.00 0.00 ? 2   TYR A CE2  5  
ATOM   554  C  CZ   . TYR A 1 2 ? 4.685  -5.765 8.416   1.00 0.00 ? 2   TYR A CZ   5  
ATOM   555  O  OH   . TYR A 1 2 ? 5.125  -6.893 9.079   1.00 0.00 ? 2   TYR A OH   5  
ATOM   556  H  HA   . TYR A 1 2 ? 3.384  -3.049 4.335   1.00 0.00 ? 2   TYR A HA   5  
ATOM   557  H  HB2  . TYR A 1 2 ? 4.156  -1.596 6.141   1.00 0.00 ? 2   TYR A HB2  5  
ATOM   558  H  HB3  . TYR A 1 2 ? 2.598  -1.720 6.961   1.00 0.00 ? 2   TYR A HB3  5  
ATOM   559  H  HD1  . TYR A 1 2 ? 5.192  -4.035 5.530   1.00 0.00 ? 2   TYR A HD1  5  
ATOM   560  H  HD2  . TYR A 1 2 ? 2.498  -3.180 8.764   1.00 0.00 ? 2   TYR A HD2  5  
ATOM   561  H  HE1  . TYR A 1 2 ? 5.981  -6.062 6.721   1.00 0.00 ? 2   TYR A HE1  5  
ATOM   562  H  HE2  . TYR A 1 2 ? 3.287  -5.207 9.956   1.00 0.00 ? 2   TYR A HE2  5  
ATOM   563  H  HH   . TYR A 1 2 ? 5.561  -7.461 8.440   1.00 0.00 ? 2   TYR A HH   5  
ATOM   564  N  N    . ILE A 1 3 ? 0.284  -3.242 5.315   1.00 0.00 ? 3   ILE A N    5  
ATOM   565  C  CA   . ILE A 1 3 ? -0.900 -4.098 5.507   1.00 0.00 ? 3   ILE A CA   5  
ATOM   566  C  C    . ILE A 1 3 ? -2.057 -3.374 4.793   1.00 0.00 ? 3   ILE A C    5  
ATOM   567  O  O    . ILE A 1 3 ? -3.174 -3.852 4.751   1.00 0.00 ? 3   ILE A O    5  
ATOM   568  C  CB   . ILE A 1 3 ? -1.211 -4.237 6.998   1.00 0.00 ? 3   ILE A CB   5  
ATOM   569  C  CG1  . ILE A 1 3 ? -2.486 -5.066 7.178   1.00 0.00 ? 3   ILE A CG1  5  
ATOM   570  C  CG2  . ILE A 1 3 ? -1.416 -2.852 7.610   1.00 0.00 ? 3   ILE A CG2  5  
ATOM   571  C  CD1  . ILE A 1 3 ? -2.245 -6.151 8.229   1.00 0.00 ? 3   ILE A CD1  5  
ATOM   572  H  HA   . ILE A 1 3 ? -0.736 -5.070 5.062   1.00 0.00 ? 3   ILE A HA   5  
ATOM   573  H  HB   . ILE A 1 3 ? -0.386 -4.729 7.490   1.00 0.00 ? 3   ILE A HB   5  
ATOM   574  H  HG12 . ILE A 1 3 ? -3.290 -4.421 7.501   1.00 0.00 ? 3   ILE A HG12 5  
ATOM   575  H  HG13 . ILE A 1 3 ? -2.748 -5.529 6.238   1.00 0.00 ? 3   ILE A HG13 5  
ATOM   576  H  HG21 . ILE A 1 3 ? -1.139 -2.874 8.653   1.00 0.00 ? 3   ILE A HG21 5  
ATOM   577  H  HG22 . ILE A 1 3 ? -2.454 -2.568 7.518   1.00 0.00 ? 3   ILE A HG22 5  
ATOM   578  H  HG23 . ILE A 1 3 ? -0.801 -2.133 7.088   1.00 0.00 ? 3   ILE A HG23 5  
ATOM   579  H  HD11 . ILE A 1 3 ? -1.488 -6.835 7.875   1.00 0.00 ? 3   ILE A HD11 5  
ATOM   580  H  HD12 . ILE A 1 3 ? -3.164 -6.690 8.407   1.00 0.00 ? 3   ILE A HD12 5  
ATOM   581  H  HD13 . ILE A 1 3 ? -1.913 -5.693 9.149   1.00 0.00 ? 3   ILE A HD13 5  
ATOM   582  N  N    . GLN A 1 4 ? -1.811 -2.205 4.216   1.00 0.00 ? 4   GLN A N    5  
ATOM   583  C  CA   . GLN A 1 4 ? -2.876 -1.439 3.501   1.00 0.00 ? 4   GLN A CA   5  
ATOM   584  C  C    . GLN A 1 4 ? -2.574 -1.378 2.035   1.00 0.00 ? 4   GLN A C    5  
ATOM   585  O  O    . GLN A 1 4 ? -2.917 -0.458 1.322   1.00 0.00 ? 4   GLN A O    5  
ATOM   586  C  CB   . GLN A 1 4 ? -2.902 -0.066 4.028   1.00 0.00 ? 4   GLN A CB   5  
ATOM   587  C  CG   . GLN A 1 4 ? -3.995 0.019  5.073   1.00 0.00 ? 4   GLN A CG   5  
ATOM   588  C  CD   . GLN A 1 4 ? -4.080 1.441  5.628   1.00 0.00 ? 4   GLN A CD   5  
ATOM   589  O  OE1  . GLN A 1 4 ? -3.858 2.399  4.914   1.00 0.00 ? 4   GLN A OE1  5  
ATOM   590  N  NE2  . GLN A 1 4 ? -4.393 1.621  6.882   1.00 0.00 ? 4   GLN A NE2  5  
ATOM   591  H  HA   . GLN A 1 4 ? -3.815 -1.914 3.645   1.00 0.00 ? 4   GLN A HA   5  
ATOM   592  H  HB2  . GLN A 1 4 ? -1.939 0.139  4.463   1.00 0.00 ? 4   GLN A HB2  5  
ATOM   593  H  HB3  . GLN A 1 4 ? -3.104 0.602  3.215   1.00 0.00 ? 4   GLN A HB3  5  
ATOM   594  H  HG2  . GLN A 1 4 ? -4.935 -0.257 4.618   1.00 0.00 ? 4   GLN A HG2  5  
ATOM   595  H  HG3  . GLN A 1 4 ? -3.766 -0.672 5.871   1.00 0.00 ? 4   GLN A HG3  5  
ATOM   596  H  HE21 . GLN A 1 4 ? -4.571 0.847  7.457   1.00 0.00 ? 4   GLN A HE21 5  
ATOM   597  H  HE22 . GLN A 1 4 ? -4.450 2.527  7.248   1.00 0.00 ? 4   GLN A HE22 5  
ATOM   598  N  N    . ASN A 1 5 ? -1.935 -2.383 1.645   1.00 0.00 ? 5   ASN A N    5  
ATOM   599  C  CA   . ASN A 1 5 ? -1.497 -2.597 0.237   1.00 0.00 ? 5   ASN A CA   5  
ATOM   600  C  C    . ASN A 1 5 ? -1.676 -1.336 -0.615  1.00 0.00 ? 5   ASN A C    5  
ATOM   601  O  O    . ASN A 1 5 ? -2.456 -1.305 -1.547  1.00 0.00 ? 5   ASN A O    5  
ATOM   602  C  CB   . ASN A 1 5 ? -2.403 -3.719 -0.226  1.00 0.00 ? 5   ASN A CB   5  
ATOM   603  C  CG   . ASN A 1 5 ? -2.348 -3.934 -1.602  1.00 0.00 ? 5   ASN A CG   5  
ATOM   604  O  OD1  . ASN A 1 5 ? -1.653 -3.322 -2.388  1.00 0.00 ? 5   ASN A OD1  5  
ATOM   605  N  ND2  . ASN A 1 5 ? -3.114 -4.848 -1.901  1.00 0.00 ? 5   ASN A ND2  5  
ATOM   606  H  H    . ASN A 1 5 ? -1.750 -3.036 2.318   1.00 0.00 ? 5   ASN A H    5  
ATOM   607  H  HA   . ASN A 1 5 ? -0.472 -2.925 0.210   1.00 0.00 ? 5   ASN A HA   5  
ATOM   608  H  HB2  . ASN A 1 5 ? -2.124 -4.668 0.178   1.00 0.00 ? 5   ASN A HB2  5  
ATOM   609  H  HB3  . ASN A 1 5 ? -3.438 -3.519 -0.022  1.00 0.00 ? 5   ASN A HB3  5  
ATOM   610  H  HD21 . ASN A 1 5 ? -3.649 -5.305 -1.216  1.00 0.00 ? 5   ASN A HD21 5  
ATOM   611  H  HD22 . ASN A 1 5 ? -3.171 -5.081 -2.698  1.00 0.00 ? 5   ASN A HD22 5  
ATOM   612  N  N    . CYS A 1 6 ? -0.956 -0.294 -0.294  1.00 0.00 ? 6   CYS A N    5  
ATOM   613  C  CA   . CYS A 1 6 ? -1.075 0.971  -1.074  1.00 0.00 ? 6   CYS A CA   5  
ATOM   614  C  C    . CYS A 1 6 ? -0.682 0.729  -2.534  1.00 0.00 ? 6   CYS A C    5  
ATOM   615  O  O    . CYS A 1 6 ? 0.472  0.505  -2.839  1.00 0.00 ? 6   CYS A O    5  
ATOM   616  C  CB   . CYS A 1 6 ? -0.095 1.940  -0.407  1.00 0.00 ? 6   CYS A CB   5  
ATOM   617  S  SG   . CYS A 1 6 ? -0.484 2.074  1.357   1.00 0.00 ? 6   CYS A SG   5  
ATOM   618  H  H    . CYS A 1 6 ? -0.336 -0.343 0.462   1.00 0.00 ? 6   CYS A H    5  
ATOM   619  H  HA   . CYS A 1 6 ? -2.079 1.361  -1.011  1.00 0.00 ? 6   CYS A HA   5  
ATOM   620  H  HB2  . CYS A 1 6 ? 0.913  1.572  -0.526  1.00 0.00 ? 6   CYS A HB2  5  
ATOM   621  H  HB3  . CYS A 1 6 ? -0.181 2.914  -0.868  1.00 0.00 ? 6   CYS A HB3  5  
ATOM   622  N  N    . PRO A 1 7 ? -1.666 0.782  -3.391  1.00 0.00 ? 7   PRO A N    5  
ATOM   623  C  CA   . PRO A 1 7 ? -1.429 0.564  -4.839  1.00 0.00 ? 7   PRO A CA   5  
ATOM   624  C  C    . PRO A 1 7 ? -0.742 1.779  -5.459  1.00 0.00 ? 7   PRO A C    5  
ATOM   625  O  O    . PRO A 1 7 ? -0.542 2.782  -4.810  1.00 0.00 ? 7   PRO A O    5  
ATOM   626  C  CB   . PRO A 1 7 ? -2.820 0.383  -5.406  1.00 0.00 ? 7   PRO A CB   5  
ATOM   627  C  CG   . PRO A 1 7 ? -3.727 1.103  -4.459  1.00 0.00 ? 7   PRO A CG   5  
ATOM   628  C  CD   . PRO A 1 7 ? -3.077 1.048  -3.100  1.00 0.00 ? 7   PRO A CD   5  
ATOM   629  H  HA   . PRO A 1 7 ? -0.856 -0.317 -5.013  1.00 0.00 ? 7   PRO A HA   5  
ATOM   630  H  HB2  . PRO A 1 7 ? -2.861 0.812  -6.386  1.00 0.00 ? 7   PRO A HB2  5  
ATOM   631  H  HB3  . PRO A 1 7 ? -3.077 -0.663 -5.442  1.00 0.00 ? 7   PRO A HB3  5  
ATOM   632  H  HG2  . PRO A 1 7 ? -3.846 2.130  -4.773  1.00 0.00 ? 7   PRO A HG2  5  
ATOM   633  H  HG3  . PRO A 1 7 ? -4.687 0.612  -4.423  1.00 0.00 ? 7   PRO A HG3  5  
ATOM   634  H  HD2  . PRO A 1 7 ? -3.191 1.996  -2.589  1.00 0.00 ? 7   PRO A HD2  5  
ATOM   635  H  HD3  . PRO A 1 7 ? -3.495 0.246  -2.511  1.00 0.00 ? 7   PRO A HD3  5  
ATOM   636  N  N    . LEU A 1 8 ? -0.359 1.678  -6.706  1.00 0.00 ? 8   LEU A N    5  
ATOM   637  C  CA   . LEU A 1 8 ? 0.329  2.787  -7.384  1.00 0.00 ? 8   LEU A CA   5  
ATOM   638  C  C    . LEU A 1 8 ? -0.526 4.055  -7.387  1.00 0.00 ? 8   LEU A C    5  
ATOM   639  O  O    . LEU A 1 8 ? -0.988 4.502  -8.418  1.00 0.00 ? 8   LEU A O    5  
ATOM   640  C  CB   . LEU A 1 8 ? 0.559  2.293  -8.806  1.00 0.00 ? 8   LEU A CB   5  
ATOM   641  C  CG   . LEU A 1 8 ? 1.314  3.359  -9.603  1.00 0.00 ? 8   LEU A CG   5  
ATOM   642  C  CD1  . LEU A 1 8 ? 2.739  3.482  -9.065  1.00 0.00 ? 8   LEU A CD1  5  
ATOM   643  C  CD2  . LEU A 1 8 ? 1.360  2.953  -11.078 1.00 0.00 ? 8   LEU A CD2  5  
ATOM   644  H  H    . LEU A 1 8 ? -0.498 0.862  -7.188  1.00 0.00 ? 8   LEU A H    5  
ATOM   645  H  HA   . LEU A 1 8 ? 1.260  2.950  -6.910  1.00 0.00 ? 8   LEU A HA   5  
ATOM   646  H  HB2  . LEU A 1 8 ? 1.138  1.388  -8.773  1.00 0.00 ? 8   LEU A HB2  5  
ATOM   647  H  HB3  . LEU A 1 8 ? -0.392 2.097  -9.279  1.00 0.00 ? 8   LEU A HB3  5  
ATOM   648  H  HG   . LEU A 1 8 ? 0.807  4.307  -9.504  1.00 0.00 ? 8   LEU A HG   5  
ATOM   649  H  HD11 . LEU A 1 8 ? 3.017  2.566  -8.565  1.00 0.00 ? 8   LEU A HD11 5  
ATOM   650  H  HD12 . LEU A 1 8 ? 2.790  4.303  -8.365  1.00 0.00 ? 8   LEU A HD12 5  
ATOM   651  H  HD13 . LEU A 1 8 ? 3.420  3.666  -9.885  1.00 0.00 ? 8   LEU A HD13 5  
ATOM   652  H  HD21 . LEU A 1 8 ? 2.129  2.209  -11.223 1.00 0.00 ? 8   LEU A HD21 5  
ATOM   653  H  HD22 . LEU A 1 8 ? 1.578  3.819  -11.683 1.00 0.00 ? 8   LEU A HD22 5  
ATOM   654  H  HD23 . LEU A 1 8 ? 0.404  2.541  -11.369 1.00 0.00 ? 8   LEU A HD23 5  
ATOM   655  N  N    . GLY A 1 9 ? -0.722 4.634  -6.238  1.00 0.00 ? 9   GLY A N    5  
ATOM   656  C  CA   . GLY A 1 9 ? -1.526 5.874  -6.125  1.00 0.00 ? 9   GLY A CA   5  
ATOM   657  C  C    . GLY A 1 9 ? -2.677 5.861  -7.135  1.00 0.00 ? 9   GLY A C    5  
ATOM   658  O  O    . GLY A 1 9 ? -3.343 4.861  -7.311  1.00 0.00 ? 9   GLY A O    5  
ATOM   659  H  H    . GLY A 1 9 ? -0.322 4.252  -5.440  1.00 0.00 ? 9   GLY A H    5  
ATOM   660  H  HA2  . GLY A 1 9 ? -0.889 6.711  -6.316  1.00 0.00 ? 9   GLY A HA2  5  
ATOM   661  H  HA3  . GLY A 1 9 ? -1.927 5.948  -5.125  1.00 0.00 ? 9   GLY A HA3  5  
HETATM 662  CU CU   . CU  B 2 . ? 0.071  -1.688 4.221   1.00 0.00 ? 101 CU  A CU   5  
HETATM 663  N  N    . NH2 C 3 . ? -2.941 6.945  -7.813  1.00 0.00 ? 102 NH2 A N    5  
HETATM 664  H  HN1  . NH2 C 3 . ? -2.406 7.753  -7.674  1.00 0.00 ? 102 NH2 A HN1  5  
HETATM 665  H  HN2  . NH2 C 3 . ? -3.677 6.949  -8.462  1.00 0.00 ? 102 NH2 A HN2  5  
ATOM   666  N  N    . CYS A 1 1 ? -0.045 -0.128 3.101   1.00 0.00 ? 1   CYS A N    6  
ATOM   667  C  CA   . CYS A 1 1 ? 1.359  0.108  2.651   1.00 0.00 ? 1   CYS A CA   6  
ATOM   668  C  C    . CYS A 1 1 ? 2.210  -1.053 3.209   1.00 0.00 ? 1   CYS A C    6  
ATOM   669  O  O    . CYS A 1 1 ? 3.057  -1.599 2.532   1.00 0.00 ? 1   CYS A O    6  
ATOM   670  C  CB   . CYS A 1 1 ? 1.764  1.453  3.250   1.00 0.00 ? 1   CYS A CB   6  
ATOM   671  S  SG   . CYS A 1 1 ? 1.141  2.788  2.189   1.00 0.00 ? 1   CYS A SG   6  
ATOM   672  H  H1   . CYS A 1 1 ? -0.390 0.689  3.643   1.00 0.00 ? 1   CYS A H1   6  
ATOM   673  H  H2   . CYS A 1 1 ? -0.648 -0.293 2.282   1.00 0.00 ? 1   CYS A H2   6  
ATOM   674  H  HA   . CYS A 1 1 ? 1.413  0.136  1.573   1.00 0.00 ? 1   CYS A HA   6  
ATOM   675  H  HB2  . CYS A 1 1 ? 1.341  1.552  4.238   1.00 0.00 ? 1   CYS A HB2  6  
ATOM   676  H  HB3  . CYS A 1 1 ? 2.840  1.514  3.309   1.00 0.00 ? 1   CYS A HB3  6  
ATOM   677  N  N    . TYR A 1 2 ? 1.951  -1.491 4.423   1.00 0.00 ? 2   TYR A N    6  
ATOM   678  C  CA   . TYR A 1 2 ? 2.649  -2.644 5.034   1.00 0.00 ? 2   TYR A CA   6  
ATOM   679  C  C    . TYR A 1 2 ? 1.533  -3.687 5.264   1.00 0.00 ? 2   TYR A C    6  
ATOM   680  O  O    . TYR A 1 2 ? 1.774  -4.873 5.359   1.00 0.00 ? 2   TYR A O    6  
ATOM   681  C  CB   . TYR A 1 2 ? 3.277  -2.239 6.371   1.00 0.00 ? 2   TYR A CB   6  
ATOM   682  C  CG   . TYR A 1 2 ? 3.917  -0.879 6.238   1.00 0.00 ? 2   TYR A CG   6  
ATOM   683  C  CD1  . TYR A 1 2 ? 4.899  -0.658 5.265   1.00 0.00 ? 2   TYR A CD1  6  
ATOM   684  C  CD2  . TYR A 1 2 ? 3.529  0.164  7.089   1.00 0.00 ? 2   TYR A CD2  6  
ATOM   685  C  CE1  . TYR A 1 2 ? 5.493  0.603  5.143   1.00 0.00 ? 2   TYR A CE1  6  
ATOM   686  C  CE2  . TYR A 1 2 ? 4.123  1.425  6.966   1.00 0.00 ? 2   TYR A CE2  6  
ATOM   687  C  CZ   . TYR A 1 2 ? 5.105  1.645  5.994   1.00 0.00 ? 2   TYR A CZ   6  
ATOM   688  O  OH   . TYR A 1 2 ? 5.691  2.889  5.872   1.00 0.00 ? 2   TYR A OH   6  
ATOM   689  H  HA   . TYR A 1 2 ? 3.397  -3.034 4.357   1.00 0.00 ? 2   TYR A HA   6  
ATOM   690  H  HB2  . TYR A 1 2 ? 2.512  -2.205 7.132   1.00 0.00 ? 2   TYR A HB2  6  
ATOM   691  H  HB3  . TYR A 1 2 ? 4.029  -2.963 6.648   1.00 0.00 ? 2   TYR A HB3  6  
ATOM   692  H  HD1  . TYR A 1 2 ? 5.198  -1.462 4.609   1.00 0.00 ? 2   TYR A HD1  6  
ATOM   693  H  HD2  . TYR A 1 2 ? 2.771  -0.007 7.840   1.00 0.00 ? 2   TYR A HD2  6  
ATOM   694  H  HE1  . TYR A 1 2 ? 6.251  0.773  4.393   1.00 0.00 ? 2   TYR A HE1  6  
ATOM   695  H  HE2  . TYR A 1 2 ? 3.823  2.229  7.623   1.00 0.00 ? 2   TYR A HE2  6  
ATOM   696  H  HH   . TYR A 1 2 ? 6.007  2.980  4.970   1.00 0.00 ? 2   TYR A HH   6  
ATOM   697  N  N    . ILE A 1 3 ? 0.282  -3.246 5.315   1.00 0.00 ? 3   ILE A N    6  
ATOM   698  C  CA   . ILE A 1 3 ? -0.895 -4.117 5.484   1.00 0.00 ? 3   ILE A CA   6  
ATOM   699  C  C    . ILE A 1 3 ? -2.058 -3.380 4.798   1.00 0.00 ? 3   ILE A C    6  
ATOM   700  O  O    . ILE A 1 3 ? -3.177 -3.852 4.770   1.00 0.00 ? 3   ILE A O    6  
ATOM   701  C  CB   . ILE A 1 3 ? -1.197 -4.307 6.969   1.00 0.00 ? 3   ILE A CB   6  
ATOM   702  C  CG1  . ILE A 1 3 ? -2.629 -4.820 7.138   1.00 0.00 ? 3   ILE A CG1  6  
ATOM   703  C  CG2  . ILE A 1 3 ? -1.044 -2.972 7.698   1.00 0.00 ? 3   ILE A CG2  6  
ATOM   704  C  CD1  . ILE A 1 3 ? -2.712 -5.703 8.383   1.00 0.00 ? 3   ILE A CD1  6  
ATOM   705  H  HA   . ILE A 1 3 ? -0.724 -5.072 5.006   1.00 0.00 ? 3   ILE A HA   6  
ATOM   706  H  HB   . ILE A 1 3 ? -0.505 -5.024 7.380   1.00 0.00 ? 3   ILE A HB   6  
ATOM   707  H  HG12 . ILE A 1 3 ? -3.300 -3.980 7.247   1.00 0.00 ? 3   ILE A HG12 6  
ATOM   708  H  HG13 . ILE A 1 3 ? -2.911 -5.397 6.270   1.00 0.00 ? 3   ILE A HG13 6  
ATOM   709  H  HG21 . ILE A 1 3 ? -1.868 -2.839 8.382   1.00 0.00 ? 3   ILE A HG21 6  
ATOM   710  H  HG22 . ILE A 1 3 ? -1.040 -2.167 6.978   1.00 0.00 ? 3   ILE A HG22 6  
ATOM   711  H  HG23 . ILE A 1 3 ? -0.114 -2.966 8.248   1.00 0.00 ? 3   ILE A HG23 6  
ATOM   712  H  HD11 . ILE A 1 3 ? -2.316 -5.167 9.233   1.00 0.00 ? 3   ILE A HD11 6  
ATOM   713  H  HD12 . ILE A 1 3 ? -2.136 -6.603 8.224   1.00 0.00 ? 3   ILE A HD12 6  
ATOM   714  H  HD13 . ILE A 1 3 ? -3.743 -5.965 8.571   1.00 0.00 ? 3   ILE A HD13 6  
ATOM   715  N  N    . GLN A 1 4 ? -1.819 -2.206 4.233   1.00 0.00 ? 4   GLN A N    6  
ATOM   716  C  CA   . GLN A 1 4 ? -2.901 -1.433 3.551   1.00 0.00 ? 4   GLN A CA   6  
ATOM   717  C  C    . GLN A 1 4 ? -2.580 -1.262 2.103   1.00 0.00 ? 4   GLN A C    6  
ATOM   718  O  O    . GLN A 1 4 ? -2.992 -0.336 1.434   1.00 0.00 ? 4   GLN A O    6  
ATOM   719  C  CB   . GLN A 1 4 ? -2.989 -0.093 4.170   1.00 0.00 ? 4   GLN A CB   6  
ATOM   720  C  CG   . GLN A 1 4 ? -3.865 -0.184 5.405   1.00 0.00 ? 4   GLN A CG   6  
ATOM   721  C  CD   . GLN A 1 4 ? -4.229 1.221  5.890   1.00 0.00 ? 4   GLN A CD   6  
ATOM   722  O  OE1  . GLN A 1 4 ? -4.050 2.188  5.176   1.00 0.00 ? 4   GLN A OE1  6  
ATOM   723  N  NE2  . GLN A 1 4 ? -4.738 1.376  7.081   1.00 0.00 ? 4   GLN A NE2  6  
ATOM   724  H  HA   . GLN A 1 4 ? -3.817 -1.954 3.646   1.00 0.00 ? 4   GLN A HA   6  
ATOM   725  H  HB2  . GLN A 1 4 ? -1.990 0.213  4.434   1.00 0.00 ? 4   GLN A HB2  6  
ATOM   726  H  HB3  . GLN A 1 4 ? -3.412 0.581  3.453   1.00 0.00 ? 4   GLN A HB3  6  
ATOM   727  H  HG2  . GLN A 1 4 ? -4.762 -0.732 5.159   1.00 0.00 ? 4   GLN A HG2  6  
ATOM   728  H  HG3  . GLN A 1 4 ? -3.325 -0.707 6.181   1.00 0.00 ? 4   GLN A HG3  6  
ATOM   729  H  HE21 . GLN A 1 4 ? -4.882 0.597  7.657   1.00 0.00 ? 4   GLN A HE21 6  
ATOM   730  H  HE22 . GLN A 1 4 ? -4.974 2.271  7.401   1.00 0.00 ? 4   GLN A HE22 6  
ATOM   731  N  N    . ASN A 1 5 ? -1.845 -2.182 1.671   1.00 0.00 ? 5   ASN A N    6  
ATOM   732  C  CA   . ASN A 1 5 ? -1.367 -2.271 0.266   1.00 0.00 ? 5   ASN A CA   6  
ATOM   733  C  C    . ASN A 1 5 ? -1.606 -0.963 -0.498  1.00 0.00 ? 5   ASN A C    6  
ATOM   734  O  O    . ASN A 1 5 ? -2.711 -0.660 -0.903  1.00 0.00 ? 5   ASN A O    6  
ATOM   735  C  CB   . ASN A 1 5 ? -2.193 -3.408 -0.289  1.00 0.00 ? 5   ASN A CB   6  
ATOM   736  C  CG   . ASN A 1 5 ? -2.035 -3.581 -1.662  1.00 0.00 ? 5   ASN A CG   6  
ATOM   737  O  OD1  . ASN A 1 5 ? -1.299 -2.932 -2.378  1.00 0.00 ? 5   ASN A OD1  6  
ATOM   738  N  ND2  . ASN A 1 5 ? -2.755 -4.504 -2.041  1.00 0.00 ? 5   ASN A ND2  6  
ATOM   739  H  H    . ASN A 1 5 ? -1.613 -2.856 2.309   1.00 0.00 ? 5   ASN A H    6  
ATOM   740  H  HA   . ASN A 1 5 ? -0.321 -2.534 0.241   1.00 0.00 ? 5   ASN A HA   6  
ATOM   741  H  HB2  . ASN A 1 5 ? -1.906 -4.356 0.108   1.00 0.00 ? 5   ASN A HB2  6  
ATOM   742  H  HB3  . ASN A 1 5 ? -3.247 -3.252 -0.153  1.00 0.00 ? 5   ASN A HB3  6  
ATOM   743  H  HD21 . ASN A 1 5 ? -3.329 -4.990 -1.409  1.00 0.00 ? 5   ASN A HD21 6  
ATOM   744  H  HD22 . ASN A 1 5 ? -2.744 -4.719 -2.845  1.00 0.00 ? 5   ASN A HD22 6  
ATOM   745  N  N    . CYS A 1 6 ? -0.577 -0.177 -0.679  1.00 0.00 ? 6   CYS A N    6  
ATOM   746  C  CA   . CYS A 1 6 ? -0.738 1.118  -1.402  1.00 0.00 ? 6   CYS A CA   6  
ATOM   747  C  C    . CYS A 1 6 ? -0.135 1.026  -2.807  1.00 0.00 ? 6   CYS A C    6  
ATOM   748  O  O    . CYS A 1 6 ? 0.954  1.506  -3.046  1.00 0.00 ? 6   CYS A O    6  
ATOM   749  C  CB   . CYS A 1 6 ? 0.032  2.142  -0.561  1.00 0.00 ? 6   CYS A CB   6  
ATOM   750  S  SG   . CYS A 1 6 ? -0.414 1.965  1.186   1.00 0.00 ? 6   CYS A SG   6  
ATOM   751  H  H    . CYS A 1 6 ? 0.302  -0.437 -0.332  1.00 0.00 ? 6   CYS A H    6  
ATOM   752  H  HA   . CYS A 1 6 ? -1.779 1.394  -1.454  1.00 0.00 ? 6   CYS A HA   6  
ATOM   753  H  HB2  . CYS A 1 6 ? 1.094  1.977  -0.679  1.00 0.00 ? 6   CYS A HB2  6  
ATOM   754  H  HB3  . CYS A 1 6 ? -0.214 3.138  -0.896  1.00 0.00 ? 6   CYS A HB3  6  
ATOM   755  N  N    . PRO A 1 7 ? -0.870 0.409  -3.694  1.00 0.00 ? 7   PRO A N    6  
ATOM   756  C  CA   . PRO A 1 7 ? -0.403 0.254  -5.093  1.00 0.00 ? 7   PRO A CA   6  
ATOM   757  C  C    . PRO A 1 7 ? -0.466 1.583  -5.832  1.00 0.00 ? 7   PRO A C    6  
ATOM   758  O  O    . PRO A 1 7 ? -0.727 2.605  -5.237  1.00 0.00 ? 7   PRO A O    6  
ATOM   759  C  CB   . PRO A 1 7 ? -1.374 -0.742 -5.687  1.00 0.00 ? 7   PRO A CB   6  
ATOM   760  C  CG   . PRO A 1 7 ? -2.619 -0.605 -4.870  1.00 0.00 ? 7   PRO A CG   6  
ATOM   761  C  CD   . PRO A 1 7 ? -2.189 -0.194 -3.485  1.00 0.00 ? 7   PRO A CD   6  
ATOM   762  H  HA   . PRO A 1 7 ? 0.584  -0.141 -5.137  1.00 0.00 ? 7   PRO A HA   6  
ATOM   763  H  HB2  . PRO A 1 7 ? -1.553 -0.495 -6.713  1.00 0.00 ? 7   PRO A HB2  6  
ATOM   764  H  HB3  . PRO A 1 7 ? -0.985 -1.745 -5.602  1.00 0.00 ? 7   PRO A HB3  6  
ATOM   765  H  HG2  . PRO A 1 7 ? -3.262 0.152  -5.300  1.00 0.00 ? 7   PRO A HG2  6  
ATOM   766  H  HG3  . PRO A 1 7 ? -3.139 -1.550 -4.824  1.00 0.00 ? 7   PRO A HG3  6  
ATOM   767  H  HD2  . PRO A 1 7 ? -2.881 0.527  -3.072  1.00 0.00 ? 7   PRO A HD2  6  
ATOM   768  H  HD3  . PRO A 1 7 ? -2.106 -1.057 -2.845  1.00 0.00 ? 7   PRO A HD3  6  
ATOM   769  N  N    . LEU A 1 8 ? -0.211 1.553  -7.119  1.00 0.00 ? 8   LEU A N    6  
ATOM   770  C  CA   . LEU A 1 8 ? -0.223 2.789  -7.966  1.00 0.00 ? 8   LEU A CA   6  
ATOM   771  C  C    . LEU A 1 8 ? -1.039 3.917  -7.329  1.00 0.00 ? 8   LEU A C    6  
ATOM   772  O  O    . LEU A 1 8 ? -2.172 4.159  -7.696  1.00 0.00 ? 8   LEU A O    6  
ATOM   773  C  CB   . LEU A 1 8 ? -0.855 2.343  -9.284  1.00 0.00 ? 8   LEU A CB   6  
ATOM   774  C  CG   . LEU A 1 8 ? -1.149 3.564  -10.161 1.00 0.00 ? 8   LEU A CG   6  
ATOM   775  C  CD1  . LEU A 1 8 ? 0.063  4.499  -10.166 1.00 0.00 ? 8   LEU A CD1  6  
ATOM   776  C  CD2  . LEU A 1 8 ? -1.439 3.102  -11.590 1.00 0.00 ? 8   LEU A CD2  6  
ATOM   777  H  H    . LEU A 1 8 ? 0.005  0.697  -7.538  1.00 0.00 ? 8   LEU A H    6  
ATOM   778  H  HA   . LEU A 1 8 ? 0.786  3.116  -8.147  1.00 0.00 ? 8   LEU A HA   6  
ATOM   779  H  HB2  . LEU A 1 8 ? -0.174 1.685  -9.801  1.00 0.00 ? 8   LEU A HB2  6  
ATOM   780  H  HB3  . LEU A 1 8 ? -1.776 1.819  -9.080  1.00 0.00 ? 8   LEU A HB3  6  
ATOM   781  H  HG   . LEU A 1 8 ? -2.008 4.090  -9.771  1.00 0.00 ? 8   LEU A HG   6  
ATOM   782  H  HD11 . LEU A 1 8 ? 0.196  4.911  -11.156 1.00 0.00 ? 8   LEU A HD11 6  
ATOM   783  H  HD12 . LEU A 1 8 ? 0.947  3.945  -9.886  1.00 0.00 ? 8   LEU A HD12 6  
ATOM   784  H  HD13 . LEU A 1 8 ? -0.098 5.301  -9.461  1.00 0.00 ? 8   LEU A HD13 6  
ATOM   785  H  HD21 . LEU A 1 8 ? -1.724 2.061  -11.581 1.00 0.00 ? 8   LEU A HD21 6  
ATOM   786  H  HD22 . LEU A 1 8 ? -0.556 3.227  -12.197 1.00 0.00 ? 8   LEU A HD22 6  
ATOM   787  H  HD23 . LEU A 1 8 ? -2.245 3.691  -12.002 1.00 0.00 ? 8   LEU A HD23 6  
ATOM   788  N  N    . GLY A 1 9 ? -0.452 4.608  -6.387  1.00 0.00 ? 9   GLY A N    6  
ATOM   789  C  CA   . GLY A 1 9 ? -1.145 5.731  -5.707  1.00 0.00 ? 9   GLY A CA   6  
ATOM   790  C  C    . GLY A 1 9 ? -2.647 5.451  -5.598  1.00 0.00 ? 9   GLY A C    6  
ATOM   791  O  O    . GLY A 1 9 ? -3.102 4.838  -4.653  1.00 0.00 ? 9   GLY A O    6  
ATOM   792  H  H    . GLY A 1 9 ? 0.458  4.387  -6.128  1.00 0.00 ? 9   GLY A H    6  
ATOM   793  H  HA2  . GLY A 1 9 ? -0.986 6.624  -6.277  1.00 0.00 ? 9   GLY A HA2  6  
ATOM   794  H  HA3  . GLY A 1 9 ? -0.730 5.860  -4.717  1.00 0.00 ? 9   GLY A HA3  6  
HETATM 795  CU CU   . CU  B 2 . ? 0.067  -1.695 4.215   1.00 0.00 ? 101 CU  A CU   6  
HETATM 796  N  N    . NH2 C 3 . ? -3.443 5.879  -6.539  1.00 0.00 ? 102 NH2 A N    6  
HETATM 797  H  HN1  . NH2 C 3 . ? -3.079 6.375  -7.302  1.00 0.00 ? 102 NH2 A HN1  6  
HETATM 798  H  HN2  . NH2 C 3 . ? -4.406 5.705  -6.482  1.00 0.00 ? 102 NH2 A HN2  6  
ATOM   799  N  N    . CYS A 1 1 ? -0.036 -0.087 3.149   1.00 0.00 ? 1   CYS A N    7  
ATOM   800  C  CA   . CYS A 1 1 ? 1.348  0.079  2.626   1.00 0.00 ? 1   CYS A CA   7  
ATOM   801  C  C    . CYS A 1 1 ? 2.183  -1.088 3.198   1.00 0.00 ? 1   CYS A C    7  
ATOM   802  O  O    . CYS A 1 1 ? 2.985  -1.684 2.509   1.00 0.00 ? 1   CYS A O    7  
ATOM   803  C  CB   . CYS A 1 1 ? 1.834  1.435  3.137   1.00 0.00 ? 1   CYS A CB   7  
ATOM   804  S  SG   . CYS A 1 1 ? 0.943  2.759  2.272   1.00 0.00 ? 1   CYS A SG   7  
ATOM   805  H  H1   . CYS A 1 1 ? -0.305 0.737  3.725   1.00 0.00 ? 1   CYS A H1   7  
ATOM   806  H  H2   . CYS A 1 1 ? -0.697 -0.207 2.366   1.00 0.00 ? 1   CYS A H2   7  
ATOM   807  H  HA   . CYS A 1 1 ? 1.352  0.049  1.548   1.00 0.00 ? 1   CYS A HA   7  
ATOM   808  H  HB2  . CYS A 1 1 ? 1.650  1.509  4.199   1.00 0.00 ? 1   CYS A HB2  7  
ATOM   809  H  HB3  . CYS A 1 1 ? 2.894  1.533  2.948   1.00 0.00 ? 1   CYS A HB3  7  
ATOM   810  N  N    . TYR A 1 2 ? 1.957  -1.479 4.436   1.00 0.00 ? 2   TYR A N    7  
ATOM   811  C  CA   . TYR A 1 2 ? 2.653  -2.638 5.039   1.00 0.00 ? 2   TYR A CA   7  
ATOM   812  C  C    . TYR A 1 2 ? 1.537  -3.681 5.267   1.00 0.00 ? 2   TYR A C    7  
ATOM   813  O  O    . TYR A 1 2 ? 1.779  -4.868 5.366   1.00 0.00 ? 2   TYR A O    7  
ATOM   814  C  CB   . TYR A 1 2 ? 3.295  -2.247 6.372   1.00 0.00 ? 2   TYR A CB   7  
ATOM   815  C  CG   . TYR A 1 2 ? 4.153  -3.387 6.859   1.00 0.00 ? 2   TYR A CG   7  
ATOM   816  C  CD1  . TYR A 1 2 ? 3.567  -4.474 7.516   1.00 0.00 ? 2   TYR A CD1  7  
ATOM   817  C  CD2  . TYR A 1 2 ? 5.538  -3.359 6.649   1.00 0.00 ? 2   TYR A CD2  7  
ATOM   818  C  CE1  . TYR A 1 2 ? 4.362  -5.535 7.964   1.00 0.00 ? 2   TYR A CE1  7  
ATOM   819  C  CE2  . TYR A 1 2 ? 6.334  -4.421 7.099   1.00 0.00 ? 2   TYR A CE2  7  
ATOM   820  C  CZ   . TYR A 1 2 ? 5.747  -5.508 7.756   1.00 0.00 ? 2   TYR A CZ   7  
ATOM   821  O  OH   . TYR A 1 2 ? 6.532  -6.554 8.196   1.00 0.00 ? 2   TYR A OH   7  
ATOM   822  H  HA   . TYR A 1 2 ? 3.396  -3.026 4.354   1.00 0.00 ? 2   TYR A HA   7  
ATOM   823  H  HB2  . TYR A 1 2 ? 3.905  -1.366 6.233   1.00 0.00 ? 2   TYR A HB2  7  
ATOM   824  H  HB3  . TYR A 1 2 ? 2.523  -2.041 7.099   1.00 0.00 ? 2   TYR A HB3  7  
ATOM   825  H  HD1  . TYR A 1 2 ? 2.500  -4.496 7.678   1.00 0.00 ? 2   TYR A HD1  7  
ATOM   826  H  HD2  . TYR A 1 2 ? 5.991  -2.521 6.143   1.00 0.00 ? 2   TYR A HD2  7  
ATOM   827  H  HE1  . TYR A 1 2 ? 3.910  -6.374 8.471   1.00 0.00 ? 2   TYR A HE1  7  
ATOM   828  H  HE2  . TYR A 1 2 ? 7.402  -4.398 6.937   1.00 0.00 ? 2   TYR A HE2  7  
ATOM   829  H  HH   . TYR A 1 2 ? 6.301  -7.334 7.684   1.00 0.00 ? 2   TYR A HH   7  
ATOM   830  N  N    . ILE A 1 3 ? 0.287  -3.244 5.310   1.00 0.00 ? 3   ILE A N    7  
ATOM   831  C  CA   . ILE A 1 3 ? -0.889 -4.116 5.474   1.00 0.00 ? 3   ILE A CA   7  
ATOM   832  C  C    . ILE A 1 3 ? -2.034 -3.407 4.726   1.00 0.00 ? 3   ILE A C    7  
ATOM   833  O  O    . ILE A 1 3 ? -3.124 -3.928 4.602   1.00 0.00 ? 3   ILE A O    7  
ATOM   834  C  CB   . ILE A 1 3 ? -1.237 -4.267 6.957   1.00 0.00 ? 3   ILE A CB   7  
ATOM   835  C  CG1  . ILE A 1 3 ? -2.680 -4.765 7.092   1.00 0.00 ? 3   ILE A CG1  7  
ATOM   836  C  CG2  . ILE A 1 3 ? -1.093 -2.916 7.659   1.00 0.00 ? 3   ILE A CG2  7  
ATOM   837  C  CD1  . ILE A 1 3 ? -3.008 -5.002 8.566   1.00 0.00 ? 3   ILE A CD1  7  
ATOM   838  H  HA   . ILE A 1 3 ? -0.698 -5.083 5.029   1.00 0.00 ? 3   ILE A HA   7  
ATOM   839  H  HB   . ILE A 1 3 ? -0.565 -4.981 7.410   1.00 0.00 ? 3   ILE A HB   7  
ATOM   840  H  HG12 . ILE A 1 3 ? -3.355 -4.024 6.688   1.00 0.00 ? 3   ILE A HG12 7  
ATOM   841  H  HG13 . ILE A 1 3 ? -2.793 -5.690 6.547   1.00 0.00 ? 3   ILE A HG13 7  
ATOM   842  H  HG21 . ILE A 1 3 ? -1.503 -2.982 8.657   1.00 0.00 ? 3   ILE A HG21 7  
ATOM   843  H  HG22 . ILE A 1 3 ? -1.627 -2.160 7.101   1.00 0.00 ? 3   ILE A HG22 7  
ATOM   844  H  HG23 . ILE A 1 3 ? -0.047 -2.649 7.717   1.00 0.00 ? 3   ILE A HG23 7  
ATOM   845  H  HD11 . ILE A 1 3 ? -2.092 -5.141 9.122   1.00 0.00 ? 3   ILE A HD11 7  
ATOM   846  H  HD12 . ILE A 1 3 ? -3.622 -5.886 8.660   1.00 0.00 ? 3   ILE A HD12 7  
ATOM   847  H  HD13 . ILE A 1 3 ? -3.542 -4.149 8.958   1.00 0.00 ? 3   ILE A HD13 7  
ATOM   848  N  N    . GLN A 1 4 ? -1.809 -2.208 4.205   1.00 0.00 ? 4   GLN A N    7  
ATOM   849  C  CA   . GLN A 1 4 ? -2.875 -1.468 3.460   1.00 0.00 ? 4   GLN A CA   7  
ATOM   850  C  C    . GLN A 1 4 ? -2.521 -1.343 2.010   1.00 0.00 ? 4   GLN A C    7  
ATOM   851  O  O    . GLN A 1 4 ? -2.938 -0.450 1.302   1.00 0.00 ? 4   GLN A O    7  
ATOM   852  C  CB   . GLN A 1 4 ? -2.999 -0.108 4.028   1.00 0.00 ? 4   GLN A CB   7  
ATOM   853  C  CG   . GLN A 1 4 ? -3.820 -0.181 5.304   1.00 0.00 ? 4   GLN A CG   7  
ATOM   854  C  CD   . GLN A 1 4 ? -4.399 1.197  5.629   1.00 0.00 ? 4   GLN A CD   7  
ATOM   855  O  OE1  . GLN A 1 4 ? -3.739 2.203  5.461   1.00 0.00 ? 4   GLN A OE1  7  
ATOM   856  N  NE2  . GLN A 1 4 ? -5.616 1.284  6.092   1.00 0.00 ? 4   GLN A NE2  7  
ATOM   857  H  HA   . GLN A 1 4 ? -3.789 -1.999 3.545   1.00 0.00 ? 4   GLN A HA   7  
ATOM   858  H  HB2  . GLN A 1 4 ? -2.006 0.252  4.237   1.00 0.00 ? 4   GLN A HB2  7  
ATOM   859  H  HB3  . GLN A 1 4 ? -3.479 0.516  3.303   1.00 0.00 ? 4   GLN A HB3  7  
ATOM   860  H  HG2  . GLN A 1 4 ? -4.621 -0.890 5.164   1.00 0.00 ? 4   GLN A HG2  7  
ATOM   861  H  HG3  . GLN A 1 4 ? -3.186 -0.507 6.112   1.00 0.00 ? 4   GLN A HG3  7  
ATOM   862  H  HE21 . GLN A 1 4 ? -6.148 0.473  6.226   1.00 0.00 ? 4   GLN A HE21 7  
ATOM   863  H  HE22 . GLN A 1 4 ? -5.996 2.162  6.305   1.00 0.00 ? 4   GLN A HE22 7  
ATOM   864  N  N    . ASN A 1 5 ? -1.756 -2.257 1.627   1.00 0.00 ? 5   ASN A N    7  
ATOM   865  C  CA   . ASN A 1 5 ? -1.238 -2.384 0.231   1.00 0.00 ? 5   ASN A CA   7  
ATOM   866  C  C    . ASN A 1 5 ? -1.587 -1.151 -0.615  1.00 0.00 ? 5   ASN A C    7  
ATOM   867  O  O    . ASN A 1 5 ? -2.338 -1.227 -1.566  1.00 0.00 ? 5   ASN A O    7  
ATOM   868  C  CB   . ASN A 1 5 ? -1.940 -3.630 -0.277  1.00 0.00 ? 5   ASN A CB   7  
ATOM   869  C  CG   . ASN A 1 5 ? -1.796 -3.818 -1.650  1.00 0.00 ? 5   ASN A CG   7  
ATOM   870  O  OD1  . ASN A 1 5 ? -1.198 -3.083 -2.409  1.00 0.00 ? 5   ASN A OD1  7  
ATOM   871  N  ND2  . ASN A 1 5 ? -2.368 -4.858 -1.978  1.00 0.00 ? 5   ASN A ND2  7  
ATOM   872  H  H    . ASN A 1 5 ? -1.522 -2.900 2.294   1.00 0.00 ? 5   ASN A H    7  
ATOM   873  H  HA   . ASN A 1 5 ? -0.173 -2.544 0.239   1.00 0.00 ? 5   ASN A HA   7  
ATOM   874  H  HB2  . ASN A 1 5 ? -1.530 -4.528 0.132   1.00 0.00 ? 5   ASN A HB2  7  
ATOM   875  H  HB3  . ASN A 1 5 ? -3.002 -3.598 -0.115  1.00 0.00 ? 5   ASN A HB3  7  
ATOM   876  H  HD21 . ASN A 1 5 ? -2.832 -5.413 -1.313  1.00 0.00 ? 5   ASN A HD21 7  
ATOM   877  H  HD22 . ASN A 1 5 ? -2.360 -5.086 -2.781  1.00 0.00 ? 5   ASN A HD22 7  
ATOM   878  N  N    . CYS A 1 6 ? -1.051 -0.011 -0.257  1.00 0.00 ? 6   CYS A N    7  
ATOM   879  C  CA   . CYS A 1 6 ? -1.356 1.236  -1.020  1.00 0.00 ? 6   CYS A CA   7  
ATOM   880  C  C    . CYS A 1 6 ? -0.606 1.259  -2.359  1.00 0.00 ? 6   CYS A C    7  
ATOM   881  O  O    . CYS A 1 6 ? 0.605  1.361  -2.392  1.00 0.00 ? 6   CYS A O    7  
ATOM   882  C  CB   . CYS A 1 6 ? -0.887 2.386  -0.118  1.00 0.00 ? 6   CYS A CB   7  
ATOM   883  S  SG   . CYS A 1 6 ? 0.849  2.150  0.343   1.00 0.00 ? 6   CYS A SG   7  
ATOM   884  H  H    . CYS A 1 6 ? -0.457 0.025  0.522   1.00 0.00 ? 6   CYS A H    7  
ATOM   885  H  HA   . CYS A 1 6 ? -2.418 1.318  -1.185  1.00 0.00 ? 6   CYS A HA   7  
ATOM   886  H  HB2  . CYS A 1 6 ? -0.993 3.321  -0.647  1.00 0.00 ? 6   CYS A HB2  7  
ATOM   887  H  HB3  . CYS A 1 6 ? -1.496 2.409  0.775   1.00 0.00 ? 6   CYS A HB3  7  
ATOM   888  N  N    . PRO A 1 7 ? -1.363 1.166  -3.420  1.00 0.00 ? 7   PRO A N    7  
ATOM   889  C  CA   . PRO A 1 7 ? -0.783 1.179  -4.787  1.00 0.00 ? 7   PRO A CA   7  
ATOM   890  C  C    . PRO A 1 7 ? -0.392 2.593  -5.196  1.00 0.00 ? 7   PRO A C    7  
ATOM   891  O  O    . PRO A 1 7 ? -0.341 3.490  -4.379  1.00 0.00 ? 7   PRO A O    7  
ATOM   892  C  CB   . PRO A 1 7 ? -1.913 0.680  -5.660  1.00 0.00 ? 7   PRO A CB   7  
ATOM   893  C  CG   . PRO A 1 7 ? -3.165 1.023  -4.918  1.00 0.00 ? 7   PRO A CG   7  
ATOM   894  C  CD   . PRO A 1 7 ? -2.825 1.037  -3.450  1.00 0.00 ? 7   PRO A CD   7  
ATOM   895  H  HA   . PRO A 1 7 ? 0.053  0.523  -4.877  1.00 0.00 ? 7   PRO A HA   7  
ATOM   896  H  HB2  . PRO A 1 7 ? -1.875 1.177  -6.609  1.00 0.00 ? 7   PRO A HB2  7  
ATOM   897  H  HB3  . PRO A 1 7 ? -1.842 -0.389 -5.793  1.00 0.00 ? 7   PRO A HB3  7  
ATOM   898  H  HG2  . PRO A 1 7 ? -3.518 1.997  -5.227  1.00 0.00 ? 7   PRO A HG2  7  
ATOM   899  H  HG3  . PRO A 1 7 ? -3.923 0.279  -5.109  1.00 0.00 ? 7   PRO A HG3  7  
ATOM   900  H  HD2  . PRO A 1 7 ? -3.293 1.883  -2.963  1.00 0.00 ? 7   PRO A HD2  7  
ATOM   901  H  HD3  . PRO A 1 7 ? -3.125 0.114  -2.982  1.00 0.00 ? 7   PRO A HD3  7  
ATOM   902  N  N    . LEU A 1 8 ? -0.120 2.766  -6.466  1.00 0.00 ? 8   LEU A N    7  
ATOM   903  C  CA   . LEU A 1 8 ? 0.278  4.100  -7.033  1.00 0.00 ? 8   LEU A CA   7  
ATOM   904  C  C    . LEU A 1 8 ? 0.052  5.238  -6.032  1.00 0.00 ? 8   LEU A C    7  
ATOM   905  O  O    . LEU A 1 8 ? -0.918 5.962  -6.111  1.00 0.00 ? 8   LEU A O    7  
ATOM   906  C  CB   . LEU A 1 8 ? -0.624 4.271  -8.259  1.00 0.00 ? 8   LEU A CB   7  
ATOM   907  C  CG   . LEU A 1 8 ? -0.660 5.742  -8.687  1.00 0.00 ? 8   LEU A CG   7  
ATOM   908  C  CD1  . LEU A 1 8 ? -0.391 5.844  -10.189 1.00 0.00 ? 8   LEU A CD1  7  
ATOM   909  C  CD2  . LEU A 1 8 ? -2.041 6.328  -8.381  1.00 0.00 ? 8   LEU A CD2  7  
ATOM   910  H  H    . LEU A 1 8 ? -0.180 1.993  -7.062  1.00 0.00 ? 8   LEU A H    7  
ATOM   911  H  HA   . LEU A 1 8 ? 1.311  4.078  -7.346  1.00 0.00 ? 8   LEU A HA   7  
ATOM   912  H  HB2  . LEU A 1 8 ? -0.240 3.672  -9.072  1.00 0.00 ? 8   LEU A HB2  7  
ATOM   913  H  HB3  . LEU A 1 8 ? -1.623 3.944  -8.016  1.00 0.00 ? 8   LEU A HB3  7  
ATOM   914  H  HG   . LEU A 1 8 ? 0.095  6.293  -8.146  1.00 0.00 ? 8   LEU A HG   7  
ATOM   915  H  HD11 . LEU A 1 8 ? 0.241  6.698  -10.383 1.00 0.00 ? 8   LEU A HD11 7  
ATOM   916  H  HD12 . LEU A 1 8 ? -1.326 5.963  -10.716 1.00 0.00 ? 8   LEU A HD12 7  
ATOM   917  H  HD13 . LEU A 1 8 ? 0.102  4.946  -10.528 1.00 0.00 ? 8   LEU A HD13 7  
ATOM   918  H  HD21 . LEU A 1 8 ? -1.929 7.319  -7.967  1.00 0.00 ? 8   LEU A HD21 7  
ATOM   919  H  HD22 . LEU A 1 8 ? -2.552 5.697  -7.667  1.00 0.00 ? 8   LEU A HD22 7  
ATOM   920  H  HD23 . LEU A 1 8 ? -2.620 6.382  -9.292  1.00 0.00 ? 8   LEU A HD23 7  
ATOM   921  N  N    . GLY A 1 9 ? 0.957  5.399  -5.101  1.00 0.00 ? 9   GLY A N    7  
ATOM   922  C  CA   . GLY A 1 9 ? 0.833  6.479  -4.090  1.00 0.00 ? 9   GLY A CA   7  
ATOM   923  C  C    . GLY A 1 9 ? -0.636 6.699  -3.717  1.00 0.00 ? 9   GLY A C    7  
ATOM   924  O  O    . GLY A 1 9 ? -1.214 7.719  -4.033  1.00 0.00 ? 9   GLY A O    7  
ATOM   925  H  H    . GLY A 1 9 ? 1.729  4.813  -5.071  1.00 0.00 ? 9   GLY A H    7  
ATOM   926  H  HA2  . GLY A 1 9 ? 1.239  7.377  -4.503  1.00 0.00 ? 9   GLY A HA2  7  
ATOM   927  H  HA3  . GLY A 1 9 ? 1.391  6.204  -3.205  1.00 0.00 ? 9   GLY A HA3  7  
HETATM 928  CU CU   . CU  B 2 . ? 0.072  -1.676 4.234   1.00 0.00 ? 101 CU  A CU   7  
HETATM 929  N  N    . NH2 C 3 . ? -1.270 5.773  -3.048  1.00 0.00 ? 102 NH2 A N    7  
HETATM 930  H  HN1  . NH2 C 3 . ? -0.804 4.950  -2.792  1.00 0.00 ? 102 NH2 A HN1  7  
HETATM 931  H  HN2  . NH2 C 3 . ? -2.209 5.904  -2.803  1.00 0.00 ? 102 NH2 A HN2  7  
ATOM   932  N  N    . CYS A 1 1 ? -0.046 -0.116 3.118   1.00 0.00 ? 1   CYS A N    8  
ATOM   933  C  CA   . CYS A 1 1 ? 1.352  0.099  2.642   1.00 0.00 ? 1   CYS A CA   8  
ATOM   934  C  C    . CYS A 1 1 ? 2.202  -1.062 3.205   1.00 0.00 ? 1   CYS A C    8  
ATOM   935  O  O    . CYS A 1 1 ? 3.040  -1.619 2.524   1.00 0.00 ? 1   CYS A O    8  
ATOM   936  C  CB   . CYS A 1 1 ? 1.783  1.452  3.209   1.00 0.00 ? 1   CYS A CB   8  
ATOM   937  S  SG   . CYS A 1 1 ? 0.815  2.767  2.419   1.00 0.00 ? 1   CYS A SG   8  
ATOM   938  H  H1   . CYS A 1 1 ? -0.366 0.703  3.676   1.00 0.00 ? 1   CYS A H1   8  
ATOM   939  H  H2   . CYS A 1 1 ? -0.670 -0.266 2.313   1.00 0.00 ? 1   CYS A H2   8  
ATOM   940  H  HA   . CYS A 1 1 ? 1.390  0.106  1.565   1.00 0.00 ? 1   CYS A HA   8  
ATOM   941  H  HB2  . CYS A 1 1 ? 1.611  1.467  4.276   1.00 0.00 ? 1   CYS A HB2  8  
ATOM   942  H  HB3  . CYS A 1 1 ? 2.833  1.609  3.012   1.00 0.00 ? 1   CYS A HB3  8  
ATOM   943  N  N    . TYR A 1 2 ? 1.953  -1.489 4.424   1.00 0.00 ? 2   TYR A N    8  
ATOM   944  C  CA   . TYR A 1 2 ? 2.652  -2.643 5.035   1.00 0.00 ? 2   TYR A CA   8  
ATOM   945  C  C    . TYR A 1 2 ? 1.537  -3.687 5.280   1.00 0.00 ? 2   TYR A C    8  
ATOM   946  O  O    . TYR A 1 2 ? 1.784  -4.869 5.411   1.00 0.00 ? 2   TYR A O    8  
ATOM   947  C  CB   . TYR A 1 2 ? 3.300  -2.235 6.362   1.00 0.00 ? 2   TYR A CB   8  
ATOM   948  C  CG   . TYR A 1 2 ? 2.376  -1.308 7.116   1.00 0.00 ? 2   TYR A CG   8  
ATOM   949  C  CD1  . TYR A 1 2 ? 2.729  0.035  7.299   1.00 0.00 ? 2   TYR A CD1  8  
ATOM   950  C  CD2  . TYR A 1 2 ? 1.169  -1.793 7.635   1.00 0.00 ? 2   TYR A CD2  8  
ATOM   951  C  CE1  . TYR A 1 2 ? 1.873  0.893  8.001   1.00 0.00 ? 2   TYR A CE1  8  
ATOM   952  C  CE2  . TYR A 1 2 ? 0.314  -0.932 8.335   1.00 0.00 ? 2   TYR A CE2  8  
ATOM   953  C  CZ   . TYR A 1 2 ? 0.665  0.410  8.518   1.00 0.00 ? 2   TYR A CZ   8  
ATOM   954  O  OH   . TYR A 1 2 ? -0.178 1.257  9.208   1.00 0.00 ? 2   TYR A OH   8  
ATOM   955  H  HA   . TYR A 1 2 ? 3.392  -3.038 4.352   1.00 0.00 ? 2   TYR A HA   8  
ATOM   956  H  HB2  . TYR A 1 2 ? 3.488  -3.118 6.956   1.00 0.00 ? 2   TYR A HB2  8  
ATOM   957  H  HB3  . TYR A 1 2 ? 4.234  -1.729 6.166   1.00 0.00 ? 2   TYR A HB3  8  
ATOM   958  H  HD1  . TYR A 1 2 ? 3.659  0.409  6.901   1.00 0.00 ? 2   TYR A HD1  8  
ATOM   959  H  HD2  . TYR A 1 2 ? 0.897  -2.828 7.493   1.00 0.00 ? 2   TYR A HD2  8  
ATOM   960  H  HE1  . TYR A 1 2 ? 2.144  1.929  8.141   1.00 0.00 ? 2   TYR A HE1  8  
ATOM   961  H  HE2  . TYR A 1 2 ? -0.618 -1.305 8.734   1.00 0.00 ? 2   TYR A HE2  8  
ATOM   962  H  HH   . TYR A 1 2 ? -0.599 0.751  9.907   1.00 0.00 ? 2   TYR A HH   8  
ATOM   963  N  N    . ILE A 1 3 ? 0.284  -3.250 5.301   1.00 0.00 ? 3   ILE A N    8  
ATOM   964  C  CA   . ILE A 1 3 ? -0.898 -4.115 5.477   1.00 0.00 ? 3   ILE A CA   8  
ATOM   965  C  C    . ILE A 1 3 ? -2.069 -3.352 4.827   1.00 0.00 ? 3   ILE A C    8  
ATOM   966  O  O    . ILE A 1 3 ? -3.204 -3.785 4.863   1.00 0.00 ? 3   ILE A O    8  
ATOM   967  C  CB   . ILE A 1 3 ? -1.173 -4.334 6.964   1.00 0.00 ? 3   ILE A CB   8  
ATOM   968  C  CG1  . ILE A 1 3 ? -2.227 -5.433 7.129   1.00 0.00 ? 3   ILE A CG1  8  
ATOM   969  C  CG2  . ILE A 1 3 ? -1.688 -3.037 7.588   1.00 0.00 ? 3   ILE A CG2  8  
ATOM   970  C  CD1  . ILE A 1 3 ? -2.160 -5.996 8.550   1.00 0.00 ? 3   ILE A CD1  8  
ATOM   971  H  HA   . ILE A 1 3 ? -0.746 -5.060 4.976   1.00 0.00 ? 3   ILE A HA   8  
ATOM   972  H  HB   . ILE A 1 3 ? -0.260 -4.630 7.450   1.00 0.00 ? 3   ILE A HB   8  
ATOM   973  H  HG12 . ILE A 1 3 ? -3.208 -5.020 6.950   1.00 0.00 ? 3   ILE A HG12 8  
ATOM   974  H  HG13 . ILE A 1 3 ? -2.035 -6.225 6.421   1.00 0.00 ? 3   ILE A HG13 8  
ATOM   975  H  HG21 . ILE A 1 3 ? -1.260 -2.193 7.069   1.00 0.00 ? 3   ILE A HG21 8  
ATOM   976  H  HG22 . ILE A 1 3 ? -1.404 -3.001 8.630   1.00 0.00 ? 3   ILE A HG22 8  
ATOM   977  H  HG23 . ILE A 1 3 ? -2.765 -3.002 7.509   1.00 0.00 ? 3   ILE A HG23 8  
ATOM   978  H  HD11 . ILE A 1 3 ? -1.350 -6.708 8.619   1.00 0.00 ? 3   ILE A HD11 8  
ATOM   979  H  HD12 . ILE A 1 3 ? -3.093 -6.490 8.784   1.00 0.00 ? 3   ILE A HD12 8  
ATOM   980  H  HD13 . ILE A 1 3 ? -1.995 -5.191 9.250   1.00 0.00 ? 3   ILE A HD13 8  
ATOM   981  N  N    . GLN A 1 4 ? -1.815 -2.200 4.223   1.00 0.00 ? 4   GLN A N    8  
ATOM   982  C  CA   . GLN A 1 4 ? -2.891 -1.395 3.571   1.00 0.00 ? 4   GLN A CA   8  
ATOM   983  C  C    . GLN A 1 4 ? -2.613 -1.245 2.109   1.00 0.00 ? 4   GLN A C    8  
ATOM   984  O  O    . GLN A 1 4 ? -3.029 -0.315 1.446   1.00 0.00 ? 4   GLN A O    8  
ATOM   985  C  CB   . GLN A 1 4 ? -2.914 -0.049 4.182   1.00 0.00 ? 4   GLN A CB   8  
ATOM   986  C  CG   . GLN A 1 4 ? -4.336 0.489  4.147   1.00 0.00 ? 4   GLN A CG   8  
ATOM   987  C  CD   . GLN A 1 4 ? -4.446 1.720  5.048   1.00 0.00 ? 4   GLN A CD   8  
ATOM   988  O  OE1  . GLN A 1 4 ? -3.583 1.969  5.866   1.00 0.00 ? 4   GLN A OE1  8  
ATOM   989  N  NE2  . GLN A 1 4 ? -5.480 2.507  4.931   1.00 0.00 ? 4   GLN A NE2  8  
ATOM   990  H  HA   . GLN A 1 4 ? -3.818 -1.886 3.697   1.00 0.00 ? 4   GLN A HA   8  
ATOM   991  H  HB2  . GLN A 1 4 ? -2.560 -0.135 5.191   1.00 0.00 ? 4   GLN A HB2  8  
ATOM   992  H  HB3  . GLN A 1 4 ? -2.263 0.585  3.606   1.00 0.00 ? 4   GLN A HB3  8  
ATOM   993  H  HG2  . GLN A 1 4 ? -4.586 0.755  3.130   1.00 0.00 ? 4   GLN A HG2  8  
ATOM   994  H  HG3  . GLN A 1 4 ? -5.011 -0.278 4.495   1.00 0.00 ? 4   GLN A HG3  8  
ATOM   995  H  HE21 . GLN A 1 4 ? -6.177 2.306  4.272   1.00 0.00 ? 4   GLN A HE21 8  
ATOM   996  H  HE22 . GLN A 1 4 ? -5.562 3.298  5.503   1.00 0.00 ? 4   GLN A HE22 8  
ATOM   997  N  N    . ASN A 1 5 ? -1.905 -2.178 1.664   1.00 0.00 ? 5   ASN A N    8  
ATOM   998  C  CA   . ASN A 1 5 ? -1.464 -2.285 0.242   1.00 0.00 ? 5   ASN A CA   8  
ATOM   999  C  C    . ASN A 1 5 ? -1.797 -1.019 -0.557  1.00 0.00 ? 5   ASN A C    8  
ATOM   1000 O  O    . ASN A 1 5 ? -2.625 -1.032 -1.444  1.00 0.00 ? 5   ASN A O    8  
ATOM   1001 C  CB   . ASN A 1 5 ? -2.240 -3.483 -0.264  1.00 0.00 ? 5   ASN A CB   8  
ATOM   1002 C  CG   . ASN A 1 5 ? -2.152 -3.644 -1.646  1.00 0.00 ? 5   ASN A CG   8  
ATOM   1003 O  OD1  . ASN A 1 5 ? -1.537 -2.921 -2.404  1.00 0.00 ? 5   ASN A OD1  8  
ATOM   1004 N  ND2  . ASN A 1 5 ? -2.797 -4.637 -1.983  1.00 0.00 ? 5   ASN A ND2  8  
ATOM   1005 H  H    . ASN A 1 5 ? -1.661 -2.848 2.303   1.00 0.00 ? 5   ASN A H    8  
ATOM   1006 H  HA   . ASN A 1 5 ? -0.407 -2.491 0.192   1.00 0.00 ? 5   ASN A HA   8  
ATOM   1007 H  HB2  . ASN A 1 5 ? -1.860 -4.410 0.109   1.00 0.00 ? 5   ASN A HB2  8  
ATOM   1008 H  HB3  . ASN A 1 5 ? -3.293 -3.406 -0.065  1.00 0.00 ? 5   ASN A HB3  8  
ATOM   1009 H  HD21 . ASN A 1 5 ? -3.275 -5.179 -1.318  1.00 0.00 ? 5   ASN A HD21 8  
ATOM   1010 H  HD22 . ASN A 1 5 ? -2.821 -4.845 -2.787  1.00 0.00 ? 5   ASN A HD22 8  
ATOM   1011 N  N    . CYS A 1 6 ? -1.154 0.076  -0.236  1.00 0.00 ? 6   CYS A N    8  
ATOM   1012 C  CA   . CYS A 1 6 ? -1.427 1.351  -0.963  1.00 0.00 ? 6   CYS A CA   8  
ATOM   1013 C  C    . CYS A 1 6 ? -0.606 1.413  -2.256  1.00 0.00 ? 6   CYS A C    8  
ATOM   1014 O  O    . CYS A 1 6 ? 0.602  1.530  -2.221  1.00 0.00 ? 6   CYS A O    8  
ATOM   1015 C  CB   . CYS A 1 6 ? -1.000 2.461  0.004   1.00 0.00 ? 6   CYS A CB   8  
ATOM   1016 S  SG   . CYS A 1 6 ? 0.740  2.241  0.466   1.00 0.00 ? 6   CYS A SG   8  
ATOM   1017 H  H    . CYS A 1 6 ? -0.495 0.059  0.487   1.00 0.00 ? 6   CYS A H    8  
ATOM   1018 H  HA   . CYS A 1 6 ? -2.480 1.440  -1.179  1.00 0.00 ? 6   CYS A HA   8  
ATOM   1019 H  HB2  . CYS A 1 6 ? -1.124 3.421  -0.474  1.00 0.00 ? 6   CYS A HB2  8  
ATOM   1020 H  HB3  . CYS A 1 6 ? -1.614 2.420  0.891   1.00 0.00 ? 6   CYS A HB3  8  
ATOM   1021 N  N    . PRO A 1 7 ? -1.300 1.327  -3.361  1.00 0.00 ? 7   PRO A N    8  
ATOM   1022 C  CA   . PRO A 1 7 ? -0.638 1.367  -4.686  1.00 0.00 ? 7   PRO A CA   8  
ATOM   1023 C  C    . PRO A 1 7 ? -0.260 2.790  -5.063  1.00 0.00 ? 7   PRO A C    8  
ATOM   1024 O  O    . PRO A 1 7 ? -0.359 3.691  -4.262  1.00 0.00 ? 7   PRO A O    8  
ATOM   1025 C  CB   . PRO A 1 7 ? -1.691 0.827  -5.629  1.00 0.00 ? 7   PRO A CB   8  
ATOM   1026 C  CG   . PRO A 1 7 ? -3.003 1.113  -4.967  1.00 0.00 ? 7   PRO A CG   8  
ATOM   1027 C  CD   . PRO A 1 7 ? -2.755 1.183  -3.480  1.00 0.00 ? 7   PRO A CD   8  
ATOM   1028 H  HA   . PRO A 1 7 ? 0.222  0.745  -4.715  1.00 0.00 ? 7   PRO A HA   8  
ATOM   1029 H  HB2  . PRO A 1 7 ? -1.613 1.329  -6.571  1.00 0.00 ? 7   PRO A HB2  8  
ATOM   1030 H  HB3  . PRO A 1 7 ? -1.566 -0.237 -5.758  1.00 0.00 ? 7   PRO A HB3  8  
ATOM   1031 H  HG2  . PRO A 1 7 ? -3.394 2.056  -5.322  1.00 0.00 ? 7   PRO A HG2  8  
ATOM   1032 H  HG3  . PRO A 1 7 ? -3.704 0.320  -5.180  1.00 0.00 ? 7   PRO A HG3  8  
ATOM   1033 H  HD2  . PRO A 1 7 ? -3.259 2.041  -3.054  1.00 0.00 ? 7   PRO A HD2  8  
ATOM   1034 H  HD3  . PRO A 1 7 ? -3.080 0.275  -3.000  1.00 0.00 ? 7   PRO A HD3  8  
ATOM   1035 N  N    . LEU A 1 8 ? 0.199  2.975  -6.274  1.00 0.00 ? 8   LEU A N    8  
ATOM   1036 C  CA   . LEU A 1 8 ? 0.624  4.310  -6.752  1.00 0.00 ? 8   LEU A CA   8  
ATOM   1037 C  C    . LEU A 1 8 ? -0.377 5.399  -6.361  1.00 0.00 ? 8   LEU A C    8  
ATOM   1038 O  O    . LEU A 1 8 ? -1.137 5.877  -7.179  1.00 0.00 ? 8   LEU A O    8  
ATOM   1039 C  CB   . LEU A 1 8 ? 0.698  4.174  -8.270  1.00 0.00 ? 8   LEU A CB   8  
ATOM   1040 C  CG   . LEU A 1 8 ? 1.007  5.536  -8.892  1.00 0.00 ? 8   LEU A CG   8  
ATOM   1041 C  CD1  . LEU A 1 8 ? 2.134  5.384  -9.916  1.00 0.00 ? 8   LEU A CD1  8  
ATOM   1042 C  CD2  . LEU A 1 8 ? -0.247 6.073  -9.587  1.00 0.00 ? 8   LEU A CD2  8  
ATOM   1043 H  H    . LEU A 1 8 ? 0.291  2.219  -6.869  1.00 0.00 ? 8   LEU A H    8  
ATOM   1044 H  HA   . LEU A 1 8 ? 1.593  4.526  -6.367  1.00 0.00 ? 8   LEU A HA   8  
ATOM   1045 H  HB2  . LEU A 1 8 ? 1.477  3.475  -8.525  1.00 0.00 ? 8   LEU A HB2  8  
ATOM   1046 H  HB3  . LEU A 1 8 ? -0.247 3.813  -8.647  1.00 0.00 ? 8   LEU A HB3  8  
ATOM   1047 H  HG   . LEU A 1 8 ? 1.314  6.223  -8.119  1.00 0.00 ? 8   LEU A HG   8  
ATOM   1048 H  HD11 . LEU A 1 8 ? 1.720  5.424  -10.913 1.00 0.00 ? 8   LEU A HD11 8  
ATOM   1049 H  HD12 . LEU A 1 8 ? 2.628  4.434  -9.768  1.00 0.00 ? 8   LEU A HD12 8  
ATOM   1050 H  HD13 . LEU A 1 8 ? 2.846  6.184  -9.790  1.00 0.00 ? 8   LEU A HD13 8  
ATOM   1051 H  HD21 . LEU A 1 8 ? -1.050 5.358  -9.483  1.00 0.00 ? 8   LEU A HD21 8  
ATOM   1052 H  HD22 . LEU A 1 8 ? -0.038 6.229  -10.636 1.00 0.00 ? 8   LEU A HD22 8  
ATOM   1053 H  HD23 . LEU A 1 8 ? -0.536 7.010  -9.135  1.00 0.00 ? 8   LEU A HD23 8  
ATOM   1054 N  N    . GLY A 1 9 ? -0.363 5.793  -5.121  1.00 0.00 ? 9   GLY A N    8  
ATOM   1055 C  CA   . GLY A 1 9 ? -1.282 6.851  -4.636  1.00 0.00 ? 9   GLY A CA   8  
ATOM   1056 C  C    . GLY A 1 9 ? -2.630 6.763  -5.356  1.00 0.00 ? 9   GLY A C    8  
ATOM   1057 O  O    . GLY A 1 9 ? -3.487 5.983  -4.987  1.00 0.00 ? 9   GLY A O    8  
ATOM   1058 H  H    . GLY A 1 9 ? 0.268  5.389  -4.501  1.00 0.00 ? 9   GLY A H    8  
ATOM   1059 H  HA2  . GLY A 1 9 ? -0.833 7.802  -4.826  1.00 0.00 ? 9   GLY A HA2  8  
ATOM   1060 H  HA3  . GLY A 1 9 ? -1.434 6.730  -3.572  1.00 0.00 ? 9   GLY A HA3  8  
HETATM 1061 CU CU   . CU  B 2 . ? 0.069  -1.691 4.218   1.00 0.00 ? 101 CU  A CU   8  
HETATM 1062 N  N    . NH2 C 3 . ? -2.858 7.538  -6.381  1.00 0.00 ? 102 NH2 A N    8  
HETATM 1063 H  HN1  . NH2 C 3 . ? -2.171 8.169  -6.680  1.00 0.00 ? 102 NH2 A HN1  8  
HETATM 1064 H  HN2  . NH2 C 3 . ? -3.716 7.490  -6.851  1.00 0.00 ? 102 NH2 A HN2  8  
ATOM   1065 N  N    . CYS A 1 1 ? -0.045 -0.111 3.121   1.00 0.00 ? 1   CYS A N    9  
ATOM   1066 C  CA   . CYS A 1 1 ? 1.354  0.104  2.651   1.00 0.00 ? 1   CYS A CA   9  
ATOM   1067 C  C    . CYS A 1 1 ? 2.192  -1.069 3.200   1.00 0.00 ? 1   CYS A C    9  
ATOM   1068 O  O    . CYS A 1 1 ? 3.011  -1.640 2.506   1.00 0.00 ? 1   CYS A O    9  
ATOM   1069 C  CB   . CYS A 1 1 ? 1.795  1.440  3.247   1.00 0.00 ? 1   CYS A CB   9  
ATOM   1070 S  SG   . CYS A 1 1 ? 1.342  2.773  2.108   1.00 0.00 ? 1   CYS A SG   9  
ATOM   1071 H  H1   . CYS A 1 1 ? -0.364 0.708  3.678   1.00 0.00 ? 1   CYS A H1   9  
ATOM   1072 H  H2   . CYS A 1 1 ? -0.669 -0.259 2.314   1.00 0.00 ? 1   CYS A H2   9  
ATOM   1073 H  HA   . CYS A 1 1 ? 1.394  0.134  1.572   1.00 0.00 ? 1   CYS A HA   9  
ATOM   1074 H  HB2  . CYS A 1 1 ? 1.301  1.592  4.197   1.00 0.00 ? 1   CYS A HB2  9  
ATOM   1075 H  HB3  . CYS A 1 1 ? 2.864  1.437  3.393   1.00 0.00 ? 1   CYS A HB3  9  
ATOM   1076 N  N    . TYR A 1 2 ? 1.957  -1.490 4.426   1.00 0.00 ? 2   TYR A N    9  
ATOM   1077 C  CA   . TYR A 1 2 ? 2.656  -2.650 5.021   1.00 0.00 ? 2   TYR A CA   9  
ATOM   1078 C  C    . TYR A 1 2 ? 1.535  -3.686 5.288   1.00 0.00 ? 2   TYR A C    9  
ATOM   1079 O  O    . TYR A 1 2 ? 1.774  -4.867 5.430   1.00 0.00 ? 2   TYR A O    9  
ATOM   1080 C  CB   . TYR A 1 2 ? 3.351  -2.241 6.328   1.00 0.00 ? 2   TYR A CB   9  
ATOM   1081 C  CG   . TYR A 1 2 ? 2.339  -2.137 7.446   1.00 0.00 ? 2   TYR A CG   9  
ATOM   1082 C  CD1  . TYR A 1 2 ? 2.381  -3.043 8.512   1.00 0.00 ? 2   TYR A CD1  9  
ATOM   1083 C  CD2  . TYR A 1 2 ? 1.361  -1.134 7.418   1.00 0.00 ? 2   TYR A CD2  9  
ATOM   1084 C  CE1  . TYR A 1 2 ? 1.446  -2.948 9.550   1.00 0.00 ? 2   TYR A CE1  9  
ATOM   1085 C  CE2  . TYR A 1 2 ? 0.427  -1.039 8.456   1.00 0.00 ? 2   TYR A CE2  9  
ATOM   1086 C  CZ   . TYR A 1 2 ? 0.470  -1.946 9.522   1.00 0.00 ? 2   TYR A CZ   9  
ATOM   1087 O  OH   . TYR A 1 2 ? -0.452 -1.853 10.544  1.00 0.00 ? 2   TYR A OH   9  
ATOM   1088 H  HA   . TYR A 1 2 ? 3.374  -3.053 4.317   1.00 0.00 ? 2   TYR A HA   9  
ATOM   1089 H  HB2  . TYR A 1 2 ? 4.093  -2.982 6.584   1.00 0.00 ? 2   TYR A HB2  9  
ATOM   1090 H  HB3  . TYR A 1 2 ? 3.832  -1.283 6.191   1.00 0.00 ? 2   TYR A HB3  9  
ATOM   1091 H  HD1  . TYR A 1 2 ? 3.134  -3.817 8.534   1.00 0.00 ? 2   TYR A HD1  9  
ATOM   1092 H  HD2  . TYR A 1 2 ? 1.329  -0.434 6.597   1.00 0.00 ? 2   TYR A HD2  9  
ATOM   1093 H  HE1  . TYR A 1 2 ? 1.479  -3.648 10.372  1.00 0.00 ? 2   TYR A HE1  9  
ATOM   1094 H  HE2  . TYR A 1 2 ? -0.327 -0.266 8.434   1.00 0.00 ? 2   TYR A HE2  9  
ATOM   1095 H  HH   . TYR A 1 2 ? -0.956 -2.670 10.565  1.00 0.00 ? 2   TYR A HH   9  
ATOM   1096 N  N    . ILE A 1 3 ? 0.287  -3.241 5.316   1.00 0.00 ? 3   ILE A N    9  
ATOM   1097 C  CA   . ILE A 1 3 ? -0.897 -4.092 5.515   1.00 0.00 ? 3   ILE A CA   9  
ATOM   1098 C  C    . ILE A 1 3 ? -2.014 -3.430 4.682   1.00 0.00 ? 3   ILE A C    9  
ATOM   1099 O  O    . ILE A 1 3 ? -3.052 -4.013 4.441   1.00 0.00 ? 3   ILE A O    9  
ATOM   1100 C  CB   . ILE A 1 3 ? -1.273 -4.128 7.001   1.00 0.00 ? 3   ILE A CB   9  
ATOM   1101 C  CG1  . ILE A 1 3 ? -2.223 -5.317 7.263   1.00 0.00 ? 3   ILE A CG1  9  
ATOM   1102 C  CG2  . ILE A 1 3 ? -1.932 -2.803 7.405   1.00 0.00 ? 3   ILE A CG2  9  
ATOM   1103 C  CD1  . ILE A 1 3 ? -3.691 -4.870 7.231   1.00 0.00 ? 3   ILE A CD1  9  
ATOM   1104 H  HA   . ILE A 1 3 ? -0.701 -5.091 5.149   1.00 0.00 ? 3   ILE A HA   9  
ATOM   1105 H  HB   . ILE A 1 3 ? -0.373 -4.262 7.585   1.00 0.00 ? 3   ILE A HB   9  
ATOM   1106 H  HG12 . ILE A 1 3 ? -2.066 -6.068 6.504   1.00 0.00 ? 3   ILE A HG12 9  
ATOM   1107 H  HG13 . ILE A 1 3 ? -2.002 -5.741 8.231   1.00 0.00 ? 3   ILE A HG13 9  
ATOM   1108 H  HG21 . ILE A 1 3 ? -2.877 -2.700 6.892   1.00 0.00 ? 3   ILE A HG21 9  
ATOM   1109 H  HG22 . ILE A 1 3 ? -1.285 -1.982 7.136   1.00 0.00 ? 3   ILE A HG22 9  
ATOM   1110 H  HG23 . ILE A 1 3 ? -2.098 -2.794 8.472   1.00 0.00 ? 3   ILE A HG23 9  
ATOM   1111 H  HD11 . ILE A 1 3 ? -4.325 -5.697 7.512   1.00 0.00 ? 3   ILE A HD11 9  
ATOM   1112 H  HD12 . ILE A 1 3 ? -3.949 -4.543 6.237   1.00 0.00 ? 3   ILE A HD12 9  
ATOM   1113 H  HD13 . ILE A 1 3 ? -3.834 -4.056 7.927   1.00 0.00 ? 3   ILE A HD13 9  
ATOM   1114 N  N    . GLN A 1 4 ? -1.815 -2.205 4.207   1.00 0.00 ? 4   GLN A N    9  
ATOM   1115 C  CA   . GLN A 1 4 ? -2.852 -1.514 3.379   1.00 0.00 ? 4   GLN A CA   9  
ATOM   1116 C  C    . GLN A 1 4 ? -2.440 -1.501 1.938   1.00 0.00 ? 4   GLN A C    9  
ATOM   1117 O  O    . GLN A 1 4 ? -2.773 -0.631 1.159   1.00 0.00 ? 4   GLN A O    9  
ATOM   1118 C  CB   . GLN A 1 4 ? -2.971 -0.119 3.838   1.00 0.00 ? 4   GLN A CB   9  
ATOM   1119 C  CG   . GLN A 1 4 ? -4.056 -0.053 4.894   1.00 0.00 ? 4   GLN A CG   9  
ATOM   1120 C  CD   . GLN A 1 4 ? -4.369 1.405  5.229   1.00 0.00 ? 4   GLN A CD   9  
ATOM   1121 O  OE1  . GLN A 1 4 ? -4.204 2.280  4.400   1.00 0.00 ? 4   GLN A OE1  9  
ATOM   1122 N  NE2  . GLN A 1 4 ? -4.815 1.710  6.417   1.00 0.00 ? 4   GLN A NE2  9  
ATOM   1123 H  HA   . GLN A 1 4 ? -3.779 -2.023 3.473   1.00 0.00 ? 4   GLN A HA   9  
ATOM   1124 H  HB2  . GLN A 1 4 ? -2.020 0.173  4.249   1.00 0.00 ? 4   GLN A HB2  9  
ATOM   1125 H  HB3  . GLN A 1 4 ? -3.224 0.491  2.995   1.00 0.00 ? 4   GLN A HB3  9  
ATOM   1126 H  HG2  . GLN A 1 4 ? -4.940 -0.545 4.515   1.00 0.00 ? 4   GLN A HG2  9  
ATOM   1127 H  HG3  . GLN A 1 4 ? -3.711 -0.564 5.780   1.00 0.00 ? 4   GLN A HG3  9  
ATOM   1128 H  HE21 . GLN A 1 4 ? -4.946 1.006  7.085   1.00 0.00 ? 4   GLN A HE21 9  
ATOM   1129 H  HE22 . GLN A 1 4 ? -5.019 2.642  6.640   1.00 0.00 ? 4   GLN A HE22 9  
ATOM   1130 N  N    . ASN A 1 5 ? -1.722 -2.484 1.643   1.00 0.00 ? 5   ASN A N    9  
ATOM   1131 C  CA   . ASN A 1 5 ? -1.163 -2.730 0.285   1.00 0.00 ? 5   ASN A CA   9  
ATOM   1132 C  C    . ASN A 1 5 ? -1.336 -1.518 -0.635  1.00 0.00 ? 5   ASN A C    9  
ATOM   1133 O  O    . ASN A 1 5 ? -2.020 -1.574 -1.637  1.00 0.00 ? 5   ASN A O    9  
ATOM   1134 C  CB   . ASN A 1 5 ? -1.963 -3.920 -0.198  1.00 0.00 ? 5   ASN A CB   9  
ATOM   1135 C  CG   . ASN A 1 5 ? -1.781 -4.187 -1.553  1.00 0.00 ? 5   ASN A CG   9  
ATOM   1136 O  OD1  . ASN A 1 5 ? -1.046 -3.575 -2.304  1.00 0.00 ? 5   ASN A OD1  9  
ATOM   1137 N  ND2  . ASN A 1 5 ? -2.480 -5.146 -1.877  1.00 0.00 ? 5   ASN A ND2  9  
ATOM   1138 H  H    . ASN A 1 5 ? -1.555 -3.094 2.356   1.00 0.00 ? 5   ASN A H    9  
ATOM   1139 H  HA   . ASN A 1 5 ? -0.121 -2.999 0.355   1.00 0.00 ? 5   ASN A HA   9  
ATOM   1140 H  HB2  . ASN A 1 5 ? -1.668 -4.833 0.269   1.00 0.00 ? 5   ASN A HB2  9  
ATOM   1141 H  HB3  . ASN A 1 5 ? -3.022 -3.772 -0.089  1.00 0.00 ? 5   ASN A HB3  9  
ATOM   1142 H  HD21 . ASN A 1 5 ? -3.052 -5.600 -1.221  1.00 0.00 ? 5   ASN A HD21 9  
ATOM   1143 H  HD22 . ASN A 1 5 ? -2.455 -5.413 -2.665  1.00 0.00 ? 5   ASN A HD22 9  
ATOM   1144 N  N    . CYS A 1 6 ? -0.716 -0.419 -0.293  1.00 0.00 ? 6   CYS A N    9  
ATOM   1145 C  CA   . CYS A 1 6 ? -0.836 0.806  -1.135  1.00 0.00 ? 6   CYS A CA   9  
ATOM   1146 C  C    . CYS A 1 6 ? -0.421 0.496  -2.575  1.00 0.00 ? 6   CYS A C    9  
ATOM   1147 O  O    . CYS A 1 6 ? 0.746  0.304  -2.855  1.00 0.00 ? 6   CYS A O    9  
ATOM   1148 C  CB   . CYS A 1 6 ? 0.125  1.816  -0.502  1.00 0.00 ? 6   CYS A CB   9  
ATOM   1149 S  SG   . CYS A 1 6 ? -0.351 2.112  1.220   1.00 0.00 ? 6   CYS A SG   9  
ATOM   1150 H  H    . CYS A 1 6 ? -0.171 -0.401 0.521   1.00 0.00 ? 6   CYS A H    9  
ATOM   1151 H  HA   . CYS A 1 6 ? -1.845 1.187  -1.106  1.00 0.00 ? 6   CYS A HA   9  
ATOM   1152 H  HB2  . CYS A 1 6 ? 1.131  1.425  -0.536  1.00 0.00 ? 6   CYS A HB2  9  
ATOM   1153 H  HB3  . CYS A 1 6 ? 0.082  2.746  -1.052  1.00 0.00 ? 6   CYS A HB3  9  
ATOM   1154 N  N    . PRO A 1 7 ? -1.396 0.454  -3.444  1.00 0.00 ? 7   PRO A N    9  
ATOM   1155 C  CA   . PRO A 1 7 ? -1.132 0.160  -4.870  1.00 0.00 ? 7   PRO A CA   9  
ATOM   1156 C  C    . PRO A 1 7 ? -0.571 1.395  -5.581  1.00 0.00 ? 7   PRO A C    9  
ATOM   1157 O  O    . PRO A 1 7 ? -0.543 2.472  -5.020  1.00 0.00 ? 7   PRO A O    9  
ATOM   1158 C  CB   . PRO A 1 7 ? -2.494 -0.196 -5.420  1.00 0.00 ? 7   PRO A CB   9  
ATOM   1159 C  CG   . PRO A 1 7 ? -3.476 0.500  -4.531  1.00 0.00 ? 7   PRO A CG   9  
ATOM   1160 C  CD   . PRO A 1 7 ? -2.823 0.673  -3.181  1.00 0.00 ? 7   PRO A CD   9  
ATOM   1161 H  HA   . PRO A 1 7 ? -0.473 -0.673 -4.983  1.00 0.00 ? 7   PRO A HA   9  
ATOM   1162 H  HB2  . PRO A 1 7 ? -2.570 0.153  -6.431  1.00 0.00 ? 7   PRO A HB2  9  
ATOM   1163 H  HB3  . PRO A 1 7 ? -2.649 -1.263 -5.377  1.00 0.00 ? 7   PRO A HB3  9  
ATOM   1164 H  HG2  . PRO A 1 7 ? -3.725 1.467  -4.949  1.00 0.00 ? 7   PRO A HG2  9  
ATOM   1165 H  HG3  . PRO A 1 7 ? -4.367 -0.098 -4.430  1.00 0.00 ? 7   PRO A HG3  9  
ATOM   1166 H  HD2  . PRO A 1 7 ? -2.994 1.672  -2.805  1.00 0.00 ? 7   PRO A HD2  9  
ATOM   1167 H  HD3  . PRO A 1 7 ? -3.192 -0.064 -2.485  1.00 0.00 ? 7   PRO A HD3  9  
ATOM   1168 N  N    . LEU A 1 8 ? -0.145 1.224  -6.812  1.00 0.00 ? 8   LEU A N    9  
ATOM   1169 C  CA   . LEU A 1 8 ? 0.420  2.343  -7.633  1.00 0.00 ? 8   LEU A CA   9  
ATOM   1170 C  C    . LEU A 1 8 ? 0.646  3.617  -6.812  1.00 0.00 ? 8   LEU A C    9  
ATOM   1171 O  O    . LEU A 1 8 ? 0.084  4.657  -7.091  1.00 0.00 ? 8   LEU A O    9  
ATOM   1172 C  CB   . LEU A 1 8 ? -0.623 2.569  -8.719  1.00 0.00 ? 8   LEU A CB   9  
ATOM   1173 C  CG   . LEU A 1 8 ? -1.825 3.321  -8.146  1.00 0.00 ? 8   LEU A CG   9  
ATOM   1174 C  CD1  . LEU A 1 8 ? -1.981 4.661  -8.866  1.00 0.00 ? 8   LEU A CD1  9  
ATOM   1175 C  CD2  . LEU A 1 8 ? -3.092 2.485  -8.346  1.00 0.00 ? 8   LEU A CD2  9  
ATOM   1176 H  H    . LEU A 1 8 ? -0.207 0.335  -7.215  1.00 0.00 ? 8   LEU A H    9  
ATOM   1177 H  HA   . LEU A 1 8 ? 1.347  2.034  -8.088  1.00 0.00 ? 8   LEU A HA   9  
ATOM   1178 H  HB2  . LEU A 1 8 ? -0.186 3.137  -9.521  1.00 0.00 ? 8   LEU A HB2  9  
ATOM   1179 H  HB3  . LEU A 1 8 ? -0.947 1.614  -9.095  1.00 0.00 ? 8   LEU A HB3  9  
ATOM   1180 H  HG   . LEU A 1 8 ? -1.672 3.495  -7.090  1.00 0.00 ? 8   LEU A HG   9  
ATOM   1181 H  HD11 . LEU A 1 8 ? -1.041 4.937  -9.321  1.00 0.00 ? 8   LEU A HD11 9  
ATOM   1182 H  HD12 . LEU A 1 8 ? -2.273 5.420  -8.155  1.00 0.00 ? 8   LEU A HD12 9  
ATOM   1183 H  HD13 . LEU A 1 8 ? -2.740 4.575  -9.629  1.00 0.00 ? 8   LEU A HD13 9  
ATOM   1184 H  HD21 . LEU A 1 8 ? -2.838 1.562  -8.849  1.00 0.00 ? 8   LEU A HD21 9  
ATOM   1185 H  HD22 . LEU A 1 8 ? -3.798 3.040  -8.948  1.00 0.00 ? 8   LEU A HD22 9  
ATOM   1186 H  HD23 . LEU A 1 8 ? -3.532 2.262  -7.386  1.00 0.00 ? 8   LEU A HD23 9  
ATOM   1187 N  N    . GLY A 1 9 ? 1.483  3.530  -5.816  1.00 0.00 ? 9   GLY A N    9  
ATOM   1188 C  CA   . GLY A 1 9 ? 1.787  4.705  -4.960  1.00 0.00 ? 9   GLY A CA   9  
ATOM   1189 C  C    . GLY A 1 9 ? 0.552  5.592  -4.803  1.00 0.00 ? 9   GLY A C    9  
ATOM   1190 O  O    . GLY A 1 9 ? 0.511  6.702  -5.296  1.00 0.00 ? 9   GLY A O    9  
ATOM   1191 H  H    . GLY A 1 9 ? 1.928  2.687  -5.637  1.00 0.00 ? 9   GLY A H    9  
ATOM   1192 H  HA2  . GLY A 1 9 ? 2.578  5.264  -5.419  1.00 0.00 ? 9   GLY A HA2  9  
ATOM   1193 H  HA3  . GLY A 1 9 ? 2.110  4.363  -3.986  1.00 0.00 ? 9   GLY A HA3  9  
HETATM 1194 CU CU   . CU  B 2 . ? 0.069  -1.686 4.224   1.00 0.00 ? 101 CU  A CU   9  
HETATM 1195 N  N    . NH2 C 3 . ? -0.471 5.146  -4.126  1.00 0.00 ? 102 NH2 A N    9  
HETATM 1196 H  HN1  . NH2 C 3 . ? -0.442 4.251  -3.727  1.00 0.00 ? 102 NH2 A HN1  9  
HETATM 1197 H  HN2  . NH2 C 3 . ? -1.268 5.706  -4.016  1.00 0.00 ? 102 NH2 A HN2  9  
ATOM   1198 N  N    . CYS A 1 1 ? -0.044 -0.109 3.126   1.00 0.00 ? 1   CYS A N    10 
ATOM   1199 C  CA   . CYS A 1 1 ? 1.351  0.096  2.644   1.00 0.00 ? 1   CYS A CA   10 
ATOM   1200 C  C    . CYS A 1 1 ? 2.190  -1.073 3.201   1.00 0.00 ? 1   CYS A C    10 
ATOM   1201 O  O    . CYS A 1 1 ? 3.007  -1.648 2.510   1.00 0.00 ? 1   CYS A O    10 
ATOM   1202 C  CB   . CYS A 1 1 ? 1.802  1.440  3.219   1.00 0.00 ? 1   CYS A CB   10 
ATOM   1203 S  SG   . CYS A 1 1 ? 0.913  2.781  2.384   1.00 0.00 ? 1   CYS A SG   10 
ATOM   1204 H  H1   . CYS A 1 1 ? -0.357 0.710  3.687   1.00 0.00 ? 1   CYS A H1   10 
ATOM   1205 H  H2   . CYS A 1 1 ? -0.675 -0.253 2.324   1.00 0.00 ? 1   CYS A H2   10 
ATOM   1206 H  HA   . CYS A 1 1 ? 1.384  0.107  1.567   1.00 0.00 ? 1   CYS A HA   10 
ATOM   1207 H  HB2  . CYS A 1 1 ? 1.587  1.469  4.277   1.00 0.00 ? 1   CYS A HB2  10 
ATOM   1208 H  HB3  . CYS A 1 1 ? 2.864  1.560  3.063   1.00 0.00 ? 1   CYS A HB3  10 
ATOM   1209 N  N    . TYR A 1 2 ? 1.958  -1.487 4.430   1.00 0.00 ? 2   TYR A N    10 
ATOM   1210 C  CA   . TYR A 1 2 ? 2.657  -2.645 5.027   1.00 0.00 ? 2   TYR A CA   10 
ATOM   1211 C  C    . TYR A 1 2 ? 1.536  -3.686 5.281   1.00 0.00 ? 2   TYR A C    10 
ATOM   1212 O  O    . TYR A 1 2 ? 1.778  -4.870 5.412   1.00 0.00 ? 2   TYR A O    10 
ATOM   1213 C  CB   . TYR A 1 2 ? 3.362  -2.222 6.335   1.00 0.00 ? 2   TYR A CB   10 
ATOM   1214 C  CG   . TYR A 1 2 ? 2.543  -2.609 7.550   1.00 0.00 ? 2   TYR A CG   10 
ATOM   1215 C  CD1  . TYR A 1 2 ? 2.623  -3.910 8.060   1.00 0.00 ? 2   TYR A CD1  10 
ATOM   1216 C  CD2  . TYR A 1 2 ? 1.712  -1.665 8.165   1.00 0.00 ? 2   TYR A CD2  10 
ATOM   1217 C  CE1  . TYR A 1 2 ? 1.872  -4.269 9.184   1.00 0.00 ? 2   TYR A CE1  10 
ATOM   1218 C  CE2  . TYR A 1 2 ? 0.959  -2.025 9.290   1.00 0.00 ? 2   TYR A CE2  10 
ATOM   1219 C  CZ   . TYR A 1 2 ? 1.039  -3.327 9.799   1.00 0.00 ? 2   TYR A CZ   10 
ATOM   1220 O  OH   . TYR A 1 2 ? 0.297  -3.681 10.909  1.00 0.00 ? 2   TYR A OH   10 
ATOM   1221 H  HA   . TYR A 1 2 ? 3.374  -3.044 4.323   1.00 0.00 ? 2   TYR A HA   10 
ATOM   1222 H  HB2  . TYR A 1 2 ? 4.325  -2.706 6.390   1.00 0.00 ? 2   TYR A HB2  10 
ATOM   1223 H  HB3  . TYR A 1 2 ? 3.504  -1.152 6.329   1.00 0.00 ? 2   TYR A HB3  10 
ATOM   1224 H  HD1  . TYR A 1 2 ? 3.265  -4.638 7.585   1.00 0.00 ? 2   TYR A HD1  10 
ATOM   1225 H  HD2  . TYR A 1 2 ? 1.650  -0.662 7.772   1.00 0.00 ? 2   TYR A HD2  10 
ATOM   1226 H  HE1  . TYR A 1 2 ? 1.933  -5.272 9.578   1.00 0.00 ? 2   TYR A HE1  10 
ATOM   1227 H  HE2  . TYR A 1 2 ? 0.317  -1.297 9.765   1.00 0.00 ? 2   TYR A HE2  10 
ATOM   1228 H  HH   . TYR A 1 2 ? -0.248 -2.931 11.153  1.00 0.00 ? 2   TYR A HH   10 
ATOM   1229 N  N    . ILE A 1 3 ? 0.287  -3.243 5.311   1.00 0.00 ? 3   ILE A N    10 
ATOM   1230 C  CA   . ILE A 1 3 ? -0.898 -4.101 5.499   1.00 0.00 ? 3   ILE A CA   10 
ATOM   1231 C  C    . ILE A 1 3 ? -2.037 -3.404 4.724   1.00 0.00 ? 3   ILE A C    10 
ATOM   1232 O  O    . ILE A 1 3 ? -3.117 -3.937 4.573   1.00 0.00 ? 3   ILE A O    10 
ATOM   1233 C  CB   . ILE A 1 3 ? -1.244 -4.195 6.988   1.00 0.00 ? 3   ILE A CB   10 
ATOM   1234 C  CG1  . ILE A 1 3 ? -2.492 -5.076 7.173   1.00 0.00 ? 3   ILE A CG1  10 
ATOM   1235 C  CG2  . ILE A 1 3 ? -1.494 -2.791 7.550   1.00 0.00 ? 3   ILE A CG2  10 
ATOM   1236 C  CD1  . ILE A 1 3 ? -3.770 -4.240 7.025   1.00 0.00 ? 3   ILE A CD1  10 
ATOM   1237 H  HA   . ILE A 1 3 ? -0.715 -5.084 5.088   1.00 0.00 ? 3   ILE A HA   10 
ATOM   1238 H  HB   . ILE A 1 3 ? -0.412 -4.642 7.515   1.00 0.00 ? 3   ILE A HB   10 
ATOM   1239 H  HG12 . ILE A 1 3 ? -2.490 -5.857 6.427   1.00 0.00 ? 3   ILE A HG12 10 
ATOM   1240 H  HG13 . ILE A 1 3 ? -2.470 -5.521 8.156   1.00 0.00 ? 3   ILE A HG13 10 
ATOM   1241 H  HG21 . ILE A 1 3 ? -2.285 -2.315 6.990   1.00 0.00 ? 3   ILE A HG21 10 
ATOM   1242 H  HG22 . ILE A 1 3 ? -0.591 -2.205 7.467   1.00 0.00 ? 3   ILE A HG22 10 
ATOM   1243 H  HG23 . ILE A 1 3 ? -1.781 -2.865 8.588   1.00 0.00 ? 3   ILE A HG23 10 
ATOM   1244 H  HD11 . ILE A 1 3 ? -3.538 -3.309 6.532   1.00 0.00 ? 3   ILE A HD11 10 
ATOM   1245 H  HD12 . ILE A 1 3 ? -4.183 -4.037 8.002   1.00 0.00 ? 3   ILE A HD12 10 
ATOM   1246 H  HD13 . ILE A 1 3 ? -4.493 -4.788 6.437   1.00 0.00 ? 3   ILE A HD13 10 
ATOM   1247 N  N    . GLN A 1 4 ? -1.813 -2.201 4.210   1.00 0.00 ? 4   GLN A N    10 
ATOM   1248 C  CA   . GLN A 1 4 ? -2.869 -1.465 3.443   1.00 0.00 ? 4   GLN A CA   10 
ATOM   1249 C  C    . GLN A 1 4 ? -2.513 -1.388 1.990   1.00 0.00 ? 4   GLN A C    10 
ATOM   1250 O  O    . GLN A 1 4 ? -2.897 -0.495 1.261   1.00 0.00 ? 4   GLN A O    10 
ATOM   1251 C  CB   . GLN A 1 4 ? -2.957 -0.087 3.966   1.00 0.00 ? 4   GLN A CB   10 
ATOM   1252 C  CG   . GLN A 1 4 ? -4.393 0.402  3.839   1.00 0.00 ? 4   GLN A CG   10 
ATOM   1253 C  CD   . GLN A 1 4 ? -4.616 1.605  4.757   1.00 0.00 ? 4   GLN A CD   10 
ATOM   1254 O  OE1  . GLN A 1 4 ? -3.725 2.408  4.953   1.00 0.00 ? 4   GLN A OE1  10 
ATOM   1255 N  NE2  . GLN A 1 4 ? -5.775 1.766  5.331   1.00 0.00 ? 4   GLN A NE2  10 
ATOM   1256 H  HA   . GLN A 1 4 ? -3.793 -1.970 3.548   1.00 0.00 ? 4   GLN A HA   10 
ATOM   1257 H  HB2  . GLN A 1 4 ? -2.644 -0.101 4.992   1.00 0.00 ? 4   GLN A HB2  10 
ATOM   1258 H  HB3  . GLN A 1 4 ? -2.301 0.528  3.378   1.00 0.00 ? 4   GLN A HB3  10 
ATOM   1259 H  HG2  . GLN A 1 4 ? -4.579 0.685  2.814   1.00 0.00 ? 4   GLN A HG2  10 
ATOM   1260 H  HG3  . GLN A 1 4 ? -5.063 -0.396 4.120   1.00 0.00 ? 4   GLN A HG3  10 
ATOM   1261 H  HE21 . GLN A 1 4 ? -6.494 1.118  5.173   1.00 0.00 ? 4   GLN A HE21 10 
ATOM   1262 H  HE22 . GLN A 1 4 ? -5.929 2.533  5.921   1.00 0.00 ? 4   GLN A HE22 10 
ATOM   1263 N  N    . ASN A 1 5 ? -1.789 -2.342 1.625   1.00 0.00 ? 5   ASN A N    10 
ATOM   1264 C  CA   . ASN A 1 5 ? -1.285 -2.517 0.235   1.00 0.00 ? 5   ASN A CA   10 
ATOM   1265 C  C    . ASN A 1 5 ? -1.511 -1.264 -0.619  1.00 0.00 ? 5   ASN A C    10 
ATOM   1266 O  O    . ASN A 1 5 ? -2.263 -1.274 -1.573  1.00 0.00 ? 5   ASN A O    10 
ATOM   1267 C  CB   . ASN A 1 5 ? -2.096 -3.691 -0.266  1.00 0.00 ? 5   ASN A CB   10 
ATOM   1268 C  CG   . ASN A 1 5 ? -1.988 -3.884 -1.643  1.00 0.00 ? 5   ASN A CG   10 
ATOM   1269 O  OD1  . ASN A 1 5 ? -1.304 -3.223 -2.400  1.00 0.00 ? 5   ASN A OD1  10 
ATOM   1270 N  ND2  . ASN A 1 5 ? -2.692 -4.834 -1.978  1.00 0.00 ? 5   ASN A ND2  10 
ATOM   1271 H  H    . ASN A 1 5 ? -1.580 -2.978 2.302   1.00 0.00 ? 5   ASN A H    10 
ATOM   1272 H  HA   . ASN A 1 5 ? -0.239 -2.777 0.247   1.00 0.00 ? 5   ASN A HA   10 
ATOM   1273 H  HB2  . ASN A 1 5 ? -1.763 -4.624 0.133   1.00 0.00 ? 5   ASN A HB2  10 
ATOM   1274 H  HB3  . ASN A 1 5 ? -3.148 -3.567 -0.090  1.00 0.00 ? 5   ASN A HB3  10 
ATOM   1275 H  HD21 . ASN A 1 5 ? -3.222 -5.329 -1.314  1.00 0.00 ? 5   ASN A HD21 10 
ATOM   1276 H  HD22 . ASN A 1 5 ? -2.708 -5.061 -2.778  1.00 0.00 ? 5   ASN A HD22 10 
ATOM   1277 N  N    . CYS A 1 6 ? -0.862 -0.184 -0.273  1.00 0.00 ? 6   CYS A N    10 
ATOM   1278 C  CA   . CYS A 1 6 ? -1.032 1.074  -1.054  1.00 0.00 ? 6   CYS A CA   10 
ATOM   1279 C  C    . CYS A 1 6 ? 0.004  1.135  -2.178  1.00 0.00 ? 6   CYS A C    10 
ATOM   1280 O  O    . CYS A 1 6 ? 1.140  0.745  -1.998  1.00 0.00 ? 6   CYS A O    10 
ATOM   1281 C  CB   . CYS A 1 6 ? -0.809 2.204  -0.044  1.00 0.00 ? 6   CYS A CB   10 
ATOM   1282 S  SG   . CYS A 1 6 ? 0.941  2.270  0.426   1.00 0.00 ? 6   CYS A SG   10 
ATOM   1283 H  H    . CYS A 1 6 ? -0.263 -0.201 0.502   1.00 0.00 ? 6   CYS A H    10 
ATOM   1284 H  HA   . CYS A 1 6 ? -2.030 1.134  -1.458  1.00 0.00 ? 6   CYS A HA   10 
ATOM   1285 H  HB2  . CYS A 1 6 ? -1.095 3.145  -0.490  1.00 0.00 ? 6   CYS A HB2  10 
ATOM   1286 H  HB3  . CYS A 1 6 ? -1.410 2.025  0.835   1.00 0.00 ? 6   CYS A HB3  10 
ATOM   1287 N  N    . PRO A 1 7 ? -0.431 1.619  -3.308  1.00 0.00 ? 7   PRO A N    10 
ATOM   1288 C  CA   . PRO A 1 7 ? 0.459  1.731  -4.486  1.00 0.00 ? 7   PRO A CA   10 
ATOM   1289 C  C    . PRO A 1 7 ? 1.451  2.875  -4.308  1.00 0.00 ? 7   PRO A C    10 
ATOM   1290 O  O    . PRO A 1 7 ? 1.531  3.461  -3.254  1.00 0.00 ? 7   PRO A O    10 
ATOM   1291 C  CB   . PRO A 1 7 ? -0.491 2.015  -5.629  1.00 0.00 ? 7   PRO A CB   10 
ATOM   1292 C  CG   . PRO A 1 7 ? -1.687 2.651  -4.995  1.00 0.00 ? 7   PRO A CG   10 
ATOM   1293 C  CD   . PRO A 1 7 ? -1.786 2.106  -3.593  1.00 0.00 ? 7   PRO A CD   10 
ATOM   1294 H  HA   . PRO A 1 7 ? 0.981  0.821  -4.674  1.00 0.00 ? 7   PRO A HA   10 
ATOM   1295 H  HB2  . PRO A 1 7 ? -0.021 2.678  -6.325  1.00 0.00 ? 7   PRO A HB2  10 
ATOM   1296 H  HB3  . PRO A 1 7 ? -0.776 1.096  -6.117  1.00 0.00 ? 7   PRO A HB3  10 
ATOM   1297 H  HG2  . PRO A 1 7 ? -1.560 3.725  -4.968  1.00 0.00 ? 7   PRO A HG2  10 
ATOM   1298 H  HG3  . PRO A 1 7 ? -2.578 2.397  -5.546  1.00 0.00 ? 7   PRO A HG3  10 
ATOM   1299 H  HD2  . PRO A 1 7 ? -2.065 2.890  -2.901  1.00 0.00 ? 7   PRO A HD2  10 
ATOM   1300 H  HD3  . PRO A 1 7 ? -2.490 1.291  -3.550  1.00 0.00 ? 7   PRO A HD3  10 
ATOM   1301 N  N    . LEU A 1 8 ? 2.206  3.163  -5.345  1.00 0.00 ? 8   LEU A N    10 
ATOM   1302 C  CA   . LEU A 1 8 ? 3.236  4.253  -5.307  1.00 0.00 ? 8   LEU A CA   10 
ATOM   1303 C  C    . LEU A 1 8 ? 2.969  5.259  -4.185  1.00 0.00 ? 8   LEU A C    10 
ATOM   1304 O  O    . LEU A 1 8 ? 2.426  6.323  -4.408  1.00 0.00 ? 8   LEU A O    10 
ATOM   1305 C  CB   . LEU A 1 8 ? 3.127  4.931  -6.672  1.00 0.00 ? 8   LEU A CB   10 
ATOM   1306 C  CG   . LEU A 1 8 ? 3.930  6.233  -6.668  1.00 0.00 ? 8   LEU A CG   10 
ATOM   1307 C  CD1  . LEU A 1 8 ? 5.062  6.139  -7.691  1.00 0.00 ? 8   LEU A CD1  10 
ATOM   1308 C  CD2  . LEU A 1 8 ? 3.011  7.400  -7.036  1.00 0.00 ? 8   LEU A CD2  10 
ATOM   1309 H  H    . LEU A 1 8 ? 2.101  2.643  -6.166  1.00 0.00 ? 8   LEU A H    10 
ATOM   1310 H  HA   . LEU A 1 8 ? 4.217  3.825  -5.198  1.00 0.00 ? 8   LEU A HA   10 
ATOM   1311 H  HB2  . LEU A 1 8 ? 3.517  4.269  -7.430  1.00 0.00 ? 8   LEU A HB2  10 
ATOM   1312 H  HB3  . LEU A 1 8 ? 2.090  5.148  -6.883  1.00 0.00 ? 8   LEU A HB3  10 
ATOM   1313 H  HG   . LEU A 1 8 ? 4.348  6.396  -5.685  1.00 0.00 ? 8   LEU A HG   10 
ATOM   1314 H  HD11 . LEU A 1 8 ? 5.890  6.755  -7.372  1.00 0.00 ? 8   LEU A HD11 10 
ATOM   1315 H  HD12 . LEU A 1 8 ? 4.708  6.480  -8.653  1.00 0.00 ? 8   LEU A HD12 10 
ATOM   1316 H  HD13 . LEU A 1 8 ? 5.390  5.112  -7.773  1.00 0.00 ? 8   LEU A HD13 10 
ATOM   1317 H  HD21 . LEU A 1 8 ? 2.941  7.478  -8.110  1.00 0.00 ? 8   LEU A HD21 10 
ATOM   1318 H  HD22 . LEU A 1 8 ? 3.414  8.316  -6.631  1.00 0.00 ? 8   LEU A HD22 10 
ATOM   1319 H  HD23 . LEU A 1 8 ? 2.026  7.226  -6.623  1.00 0.00 ? 8   LEU A HD23 10 
ATOM   1320 N  N    . GLY A 1 9 ? 3.341  4.913  -2.981  1.00 0.00 ? 9   GLY A N    10 
ATOM   1321 C  CA   . GLY A 1 9 ? 3.120  5.810  -1.819  1.00 0.00 ? 9   GLY A CA   10 
ATOM   1322 C  C    . GLY A 1 9 ? 3.282  7.275  -2.234  1.00 0.00 ? 9   GLY A C    10 
ATOM   1323 O  O    . GLY A 1 9 ? 2.550  8.135  -1.789  1.00 0.00 ? 9   GLY A O    10 
ATOM   1324 H  H    . GLY A 1 9 ? 3.751  4.044  -2.837  1.00 0.00 ? 9   GLY A H    10 
ATOM   1325 H  HA2  . GLY A 1 9 ? 3.839  5.578  -1.047  1.00 0.00 ? 9   GLY A HA2  10 
ATOM   1326 H  HA3  . GLY A 1 9 ? 2.131  5.642  -1.446  1.00 0.00 ? 9   GLY A HA3  10 
HETATM 1327 CU CU   . CU  B 2 . ? 0.069  -1.685 4.224   1.00 0.00 ? 101 CU  A CU   10 
HETATM 1328 N  N    . NH2 C 3 . ? 4.223  7.597  -3.078  1.00 0.00 ? 102 NH2 A N    10 
HETATM 1329 H  HN1  . NH2 C 3 . ? 4.816  6.906  -3.440  1.00 0.00 ? 102 NH2 A HN1  10 
HETATM 1330 H  HN2  . NH2 C 3 . ? 4.338  8.532  -3.351  1.00 0.00 ? 102 NH2 A HN2  10 
# 
loop_
_pdbx_poly_seq_scheme.asym_id 
_pdbx_poly_seq_scheme.entity_id 
_pdbx_poly_seq_scheme.seq_id 
_pdbx_poly_seq_scheme.mon_id 
_pdbx_poly_seq_scheme.ndb_seq_num 
_pdbx_poly_seq_scheme.pdb_seq_num 
_pdbx_poly_seq_scheme.auth_seq_num 
_pdbx_poly_seq_scheme.pdb_mon_id 
_pdbx_poly_seq_scheme.auth_mon_id 
_pdbx_poly_seq_scheme.pdb_strand_id 
_pdbx_poly_seq_scheme.pdb_ins_code 
_pdbx_poly_seq_scheme.hetero 
A 1 1 CYS 1 1 1 CYS UNK A . n 
A 1 2 TYR 2 2 2 TYR TYR A . n 
A 1 3 ILE 3 3 3 ILE ILE A . n 
A 1 4 GLN 4 4 4 GLN GLN A . n 
A 1 5 ASN 5 5 5 ASN ASN A . n 
A 1 6 CYS 6 6 6 CYS CYS A . n 
A 1 7 PRO 7 7 7 PRO PRO A . n 
A 1 8 LEU 8 8 8 LEU LEU A . n 
A 1 9 GLY 9 9 9 GLY GLY A . n 
# 
loop_
_pdbx_nonpoly_scheme.asym_id 
_pdbx_nonpoly_scheme.entity_id 
_pdbx_nonpoly_scheme.mon_id 
_pdbx_nonpoly_scheme.ndb_seq_num 
_pdbx_nonpoly_scheme.pdb_seq_num 
_pdbx_nonpoly_scheme.auth_seq_num 
_pdbx_nonpoly_scheme.pdb_mon_id 
_pdbx_nonpoly_scheme.auth_mon_id 
_pdbx_nonpoly_scheme.pdb_strand_id 
_pdbx_nonpoly_scheme.pdb_ins_code 
B 2 CU  1 101 1 CU  UNK A . 
C 3 NH2 1 102 9 NH2 GLY A . 
# 
_pdbx_struct_assembly.id                   1 
_pdbx_struct_assembly.details              author_and_software_defined_assembly 
_pdbx_struct_assembly.method_details       PISA 
_pdbx_struct_assembly.oligomeric_details   monomeric 
_pdbx_struct_assembly.oligomeric_count     1 
# 
_pdbx_struct_assembly_gen.assembly_id       1 
_pdbx_struct_assembly_gen.oper_expression   1 
_pdbx_struct_assembly_gen.asym_id_list      A,B,C 
# 
loop_
_pdbx_struct_assembly_prop.biol_id 
_pdbx_struct_assembly_prop.type 
_pdbx_struct_assembly_prop.value 
_pdbx_struct_assembly_prop.details 
1 'ABSA (A^2)' 0    ? 
1 MORE         0    ? 
1 'SSA (A^2)'  1280 ? 
# 
_pdbx_struct_oper_list.id                   1 
_pdbx_struct_oper_list.type                 'identity operation' 
_pdbx_struct_oper_list.name                 1_555 
_pdbx_struct_oper_list.symmetry_operation   ? 
_pdbx_struct_oper_list.matrix[1][1]         1.0000000000 
_pdbx_struct_oper_list.matrix[1][2]         0.0000000000 
_pdbx_struct_oper_list.matrix[1][3]         0.0000000000 
_pdbx_struct_oper_list.vector[1]            0.0000000000 
_pdbx_struct_oper_list.matrix[2][1]         0.0000000000 
_pdbx_struct_oper_list.matrix[2][2]         1.0000000000 
_pdbx_struct_oper_list.matrix[2][3]         0.0000000000 
_pdbx_struct_oper_list.vector[2]            0.0000000000 
_pdbx_struct_oper_list.matrix[3][1]         0.0000000000 
_pdbx_struct_oper_list.matrix[3][2]         0.0000000000 
_pdbx_struct_oper_list.matrix[3][3]         1.0000000000 
_pdbx_struct_oper_list.vector[3]            0.0000000000 
# 
loop_
_pdbx_struct_conn_angle.id 
_pdbx_struct_conn_angle.ptnr1_label_atom_id 
_pdbx_struct_conn_angle.ptnr1_label_alt_id 
_pdbx_struct_conn_angle.ptnr1_label_asym_id 
_pdbx_struct_conn_angle.ptnr1_label_comp_id 
_pdbx_struct_conn_angle.ptnr1_label_seq_id 
_pdbx_struct_conn_angle.ptnr1_auth_atom_id 
_pdbx_struct_conn_angle.ptnr1_auth_asym_id 
_pdbx_struct_conn_angle.ptnr1_auth_comp_id 
_pdbx_struct_conn_angle.ptnr1_auth_seq_id 
_pdbx_struct_conn_angle.ptnr1_PDB_ins_code 
_pdbx_struct_conn_angle.ptnr1_symmetry 
_pdbx_struct_conn_angle.ptnr2_label_atom_id 
_pdbx_struct_conn_angle.ptnr2_label_alt_id 
_pdbx_struct_conn_angle.ptnr2_label_asym_id 
_pdbx_struct_conn_angle.ptnr2_label_comp_id 
_pdbx_struct_conn_angle.ptnr2_label_seq_id 
_pdbx_struct_conn_angle.ptnr2_auth_atom_id 
_pdbx_struct_conn_angle.ptnr2_auth_asym_id 
_pdbx_struct_conn_angle.ptnr2_auth_comp_id 
_pdbx_struct_conn_angle.ptnr2_auth_seq_id 
_pdbx_struct_conn_angle.ptnr2_PDB_ins_code 
_pdbx_struct_conn_angle.ptnr2_symmetry 
_pdbx_struct_conn_angle.ptnr3_label_atom_id 
_pdbx_struct_conn_angle.ptnr3_label_alt_id 
_pdbx_struct_conn_angle.ptnr3_label_asym_id 
_pdbx_struct_conn_angle.ptnr3_label_comp_id 
_pdbx_struct_conn_angle.ptnr3_label_seq_id 
_pdbx_struct_conn_angle.ptnr3_auth_atom_id 
_pdbx_struct_conn_angle.ptnr3_auth_asym_id 
_pdbx_struct_conn_angle.ptnr3_auth_comp_id 
_pdbx_struct_conn_angle.ptnr3_auth_seq_id 
_pdbx_struct_conn_angle.ptnr3_PDB_ins_code 
_pdbx_struct_conn_angle.ptnr3_symmetry 
_pdbx_struct_conn_angle.value 
_pdbx_struct_conn_angle.value_esd 
1 N ? A CYS 1 ? A CYS 1 ? 1_555 CU ? B CU . ? A CU 101 ? 1_555 N ? A TYR 2 ? A TYR 2 ? 1_555 92.2  ? 
2 N ? A CYS 1 ? A CYS 1 ? 1_555 CU ? B CU . ? A CU 101 ? 1_555 N ? A ILE 3 ? A ILE 3 ? 1_555 176.8 ? 
3 N ? A TYR 2 ? A TYR 2 ? 1_555 CU ? B CU . ? A CU 101 ? 1_555 N ? A ILE 3 ? A ILE 3 ? 1_555 84.7  ? 
4 N ? A CYS 1 ? A CYS 1 ? 1_555 CU ? B CU . ? A CU 101 ? 1_555 N ? A GLN 4 ? A GLN 4 ? 1_555 99.1  ? 
5 N ? A TYR 2 ? A TYR 2 ? 1_555 CU ? B CU . ? A CU 101 ? 1_555 N ? A GLN 4 ? A GLN 4 ? 1_555 168.7 ? 
6 N ? A ILE 3 ? A ILE 3 ? 1_555 CU ? B CU . ? A CU 101 ? 1_555 N ? A GLN 4 ? A GLN 4 ? 1_555 84.0  ? 
# 
_pdbx_audit_revision_history.ordinal             1 
_pdbx_audit_revision_history.data_content_type   'Structure model' 
_pdbx_audit_revision_history.major_revision      1 
_pdbx_audit_revision_history.minor_revision      0 
_pdbx_audit_revision_history.revision_date       2021-10-13 
# 
_pdbx_audit_revision_details.ordinal             1 
_pdbx_audit_revision_details.revision_ordinal    1 
_pdbx_audit_revision_details.data_content_type   'Structure model' 
_pdbx_audit_revision_details.provider            repository 
_pdbx_audit_revision_details.type                'Initial release' 
_pdbx_audit_revision_details.description         ? 
_pdbx_audit_revision_details.details             ? 
# 
_software.citation_id            ? 
_software.classification         'model building' 
_software.compiler_name          ? 
_software.compiler_version       ? 
_software.contact_author         ? 
_software.contact_author_email   ? 
_software.date                   ? 
_software.description            ? 
_software.dependencies           ? 
_software.hardware               ? 
_software.language               ? 
_software.location               https://www.rbvi.ucsf.edu/chimerax/ 
_software.mods                   ? 
_software.name                   'UCSF ChimeraX' 
_software.os                     Windows 
_software.os_version             ? 
_software.type                   package 
_software.version                1.1/v9 
_software.pdbx_ordinal           1 
# 
loop_
_pdbx_nmr_exptl_sample.solution_id 
_pdbx_nmr_exptl_sample.component 
_pdbx_nmr_exptl_sample.concentration 
_pdbx_nmr_exptl_sample.concentration_range 
_pdbx_nmr_exptl_sample.concentration_units 
_pdbx_nmr_exptl_sample.isotopic_labeling 
1 oxytocin                  3.3  ? mM      'natural abundance' 
1 'ammonium acetate buffer' 5    ? mM      'natural abundance' 
1 D2O                       10   ? '% v/v' '[U-100% 2H]'       
1 H2O                       90   ? '% v/v' 'natural abundance' 
1 CuCl2                     0.33 ? mM      'natural abundance' 
# 
loop_
_pdbx_validate_close_contact.id 
_pdbx_validate_close_contact.PDB_model_num 
_pdbx_validate_close_contact.auth_atom_id_1 
_pdbx_validate_close_contact.auth_asym_id_1 
_pdbx_validate_close_contact.auth_comp_id_1 
_pdbx_validate_close_contact.auth_seq_id_1 
_pdbx_validate_close_contact.PDB_ins_code_1 
_pdbx_validate_close_contact.label_alt_id_1 
_pdbx_validate_close_contact.auth_atom_id_2 
_pdbx_validate_close_contact.auth_asym_id_2 
_pdbx_validate_close_contact.auth_comp_id_2 
_pdbx_validate_close_contact.auth_seq_id_2 
_pdbx_validate_close_contact.PDB_ins_code_2 
_pdbx_validate_close_contact.label_alt_id_2 
_pdbx_validate_close_contact.dist 
1  1  O A GLY 9 ? ? N A NH2 102 ? ? 2.18 
2  2  O A GLY 9 ? ? N A NH2 102 ? ? 2.18 
3  3  O A GLY 9 ? ? N A NH2 102 ? ? 2.18 
4  4  O A GLY 9 ? ? N A NH2 102 ? ? 2.18 
5  5  O A GLY 9 ? ? N A NH2 102 ? ? 2.18 
6  6  O A GLY 9 ? ? N A NH2 102 ? ? 2.18 
7  7  O A GLY 9 ? ? N A NH2 102 ? ? 2.18 
8  8  O A GLY 9 ? ? N A NH2 102 ? ? 2.18 
9  9  O A GLY 9 ? ? N A NH2 102 ? ? 2.18 
10 10 O A GLY 9 ? ? N A NH2 102 ? ? 2.18 
# 
loop_
_pdbx_validate_torsion.id 
_pdbx_validate_torsion.PDB_model_num 
_pdbx_validate_torsion.auth_comp_id 
_pdbx_validate_torsion.auth_asym_id 
_pdbx_validate_torsion.auth_seq_id 
_pdbx_validate_torsion.PDB_ins_code 
_pdbx_validate_torsion.label_alt_id 
_pdbx_validate_torsion.phi 
_pdbx_validate_torsion.psi 
1  1  ILE A 3 ? ? -151.23 -4.03   
2  1  ASN A 5 ? ? 12.30   69.67   
3  1  LEU A 8 ? ? 27.18   58.82   
4  2  ILE A 3 ? ? -153.69 0.74    
5  2  ASN A 5 ? ? 13.81   74.85   
6  2  LEU A 8 ? ? -19.89  79.74   
7  3  ILE A 3 ? ? -148.02 -10.73  
8  3  ASN A 5 ? ? 12.34   64.56   
9  3  LEU A 8 ? ? -19.85  79.27   
10 4  ILE A 3 ? ? -150.52 -7.54   
11 4  ASN A 5 ? ? 11.18   67.58   
12 4  LEU A 8 ? ? -19.02  80.37   
13 5  ILE A 3 ? ? -152.01 -1.47   
14 5  ASN A 5 ? ? 11.07   64.57   
15 5  LEU A 8 ? ? -58.60  68.37   
16 6  ILE A 3 ? ? -151.88 -0.10   
17 6  ASN A 5 ? ? 12.90   102.50  
18 6  CYS A 6 ? ? -106.07 78.38   
19 6  LEU A 8 ? ? -21.39  79.98   
20 7  ILE A 3 ? ? -149.52 -4.65   
21 7  ASN A 5 ? ? 8.47    64.61   
22 7  PRO A 7 ? ? -76.80  -166.91 
23 7  LEU A 8 ? ? -11.45  79.84   
24 8  ILE A 3 ? ? -155.29 3.19    
25 8  ASN A 5 ? ? 8.65    67.29   
26 8  LEU A 8 ? ? -44.62  76.04   
27 9  ILE A 3 ? ? -146.88 -12.27  
28 9  ASN A 5 ? ? 11.00   63.45   
29 9  CYS A 6 ? ? -55.38  107.96  
30 9  LEU A 8 ? ? 9.12    61.23   
31 10 ILE A 3 ? ? -149.37 -7.10   
32 10 ASN A 5 ? ? 11.65   65.19   
33 10 LEU A 8 ? ? -20.19  79.97   
# 
_pdbx_audit_support.funding_organization   'European Union (EU)' 
_pdbx_audit_support.country                Israel 
_pdbx_audit_support.grant_number           664786 
_pdbx_audit_support.ordinal                1 
# 
loop_
_pdbx_entity_nonpoly.entity_id 
_pdbx_entity_nonpoly.name 
_pdbx_entity_nonpoly.comp_id 
2 'COPPER (II) ION' CU  
3 'AMINO GROUP'     NH2 
# 
_pdbx_struct_assembly_auth_evidence.id                     1 
_pdbx_struct_assembly_auth_evidence.assembly_id            1 
_pdbx_struct_assembly_auth_evidence.experimental_support   'NMR relaxation study' 
_pdbx_struct_assembly_auth_evidence.details                
'Amide proton signal was lost and paramagnetic relaxation enhancement was noted for the bound residues.' 
# 
